data_9CIF
#
_entry.id   9CIF
#
_entity_poly.entity_id   1
_entity_poly.type   'polypeptide(L)'
_entity_poly.pdbx_seq_one_letter_code
;GSHMASMSDEQAEARAFLSEEMIAEFKAAFDMFDADGGGEISAKAFGTVARMNNVPVDPRVQEYVKRLTDQDGSGTISFE
EFLVLMVKSMKQDA
;
_entity_poly.pdbx_strand_id   A
#
# COMPACT_ATOMS: atom_id res chain seq x y z
N ALA A 5 -1.21 11.60 -8.05
CA ALA A 5 -2.70 11.56 -7.99
C ALA A 5 -3.20 10.17 -8.34
N SER A 6 -3.84 9.52 -7.38
CA SER A 6 -4.35 8.18 -7.57
C SER A 6 -5.85 8.20 -7.88
N MET A 7 -6.47 7.03 -7.85
CA MET A 7 -7.90 6.90 -8.13
C MET A 7 -8.64 6.43 -6.88
N SER A 8 -9.40 7.34 -6.26
CA SER A 8 -10.09 7.05 -5.02
C SER A 8 -11.23 6.03 -5.17
N ASP A 9 -11.56 5.65 -6.40
CA ASP A 9 -12.58 4.61 -6.62
C ASP A 9 -12.07 3.28 -6.10
N GLU A 10 -10.76 3.14 -6.12
CA GLU A 10 -10.09 1.97 -5.58
C GLU A 10 -10.20 1.98 -4.05
N GLN A 11 -10.18 3.17 -3.47
CA GLN A 11 -10.29 3.33 -2.03
C GLN A 11 -11.62 2.79 -1.51
N ALA A 12 -12.66 2.90 -2.34
CA ALA A 12 -14.00 2.44 -1.96
C ALA A 12 -14.00 0.98 -1.56
N GLU A 13 -13.42 0.13 -2.40
CA GLU A 13 -13.38 -1.30 -2.12
C GLU A 13 -12.48 -1.58 -0.93
N ALA A 14 -11.41 -0.81 -0.79
CA ALA A 14 -10.48 -0.98 0.30
C ALA A 14 -11.15 -0.75 1.65
N ARG A 15 -12.00 0.27 1.72
CA ARG A 15 -12.70 0.60 2.95
C ARG A 15 -13.86 -0.38 3.19
N ALA A 16 -14.26 -1.07 2.15
CA ALA A 16 -15.32 -2.05 2.25
C ALA A 16 -14.77 -3.36 2.81
N PHE A 17 -13.57 -3.70 2.40
CA PHE A 17 -12.90 -4.90 2.86
C PHE A 17 -12.25 -4.68 4.21
N LEU A 18 -11.47 -3.63 4.30
CA LEU A 18 -10.76 -3.33 5.53
C LEU A 18 -11.65 -2.58 6.49
N SER A 19 -11.68 -3.04 7.72
CA SER A 19 -12.44 -2.37 8.76
C SER A 19 -11.70 -1.10 9.13
N GLU A 20 -12.38 -0.15 9.76
CA GLU A 20 -11.74 1.08 10.19
C GLU A 20 -10.59 0.77 11.11
N GLU A 21 -10.75 -0.28 11.90
CA GLU A 21 -9.71 -0.73 12.81
C GLU A 21 -8.47 -1.17 12.03
N MET A 22 -8.69 -1.77 10.86
CA MET A 22 -7.58 -2.23 10.02
C MET A 22 -6.97 -1.05 9.30
N ILE A 23 -7.82 -0.18 8.77
CA ILE A 23 -7.38 1.02 8.09
C ILE A 23 -6.51 1.87 9.04
N ALA A 24 -6.93 1.96 10.29
CA ALA A 24 -6.20 2.70 11.31
C ALA A 24 -4.79 2.14 11.50
N GLU A 25 -4.68 0.83 11.56
CA GLU A 25 -3.39 0.18 11.75
C GLU A 25 -2.48 0.42 10.56
N PHE A 26 -3.04 0.31 9.36
CA PHE A 26 -2.28 0.54 8.14
C PHE A 26 -1.88 2.00 8.03
N LYS A 27 -2.75 2.89 8.49
CA LYS A 27 -2.47 4.32 8.49
C LYS A 27 -1.26 4.63 9.36
N ALA A 28 -1.23 4.04 10.54
CA ALA A 28 -0.12 4.22 11.46
C ALA A 28 1.16 3.67 10.87
N ALA A 29 1.06 2.47 10.30
CA ALA A 29 2.21 1.82 9.68
C ALA A 29 2.73 2.64 8.51
N PHE A 30 1.81 3.17 7.70
CA PHE A 30 2.15 4.02 6.58
C PHE A 30 2.86 5.29 7.07
N ASP A 31 2.29 5.91 8.10
CA ASP A 31 2.82 7.15 8.67
C ASP A 31 4.25 6.96 9.16
N MET A 32 4.57 5.76 9.64
CA MET A 32 5.90 5.44 10.11
C MET A 32 6.94 5.64 9.02
N PHE A 33 6.55 5.39 7.79
CA PHE A 33 7.46 5.55 6.66
C PHE A 33 7.32 6.94 6.05
N ASP A 34 6.15 7.55 6.22
CA ASP A 34 5.95 8.90 5.72
C ASP A 34 6.30 9.93 6.80
N ALA A 35 7.58 10.08 7.02
CA ALA A 35 8.07 11.05 7.99
C ALA A 35 8.09 12.43 7.37
N ASP A 36 7.97 12.46 6.05
CA ASP A 36 7.97 13.70 5.29
C ASP A 36 6.63 14.42 5.46
N GLY A 37 5.58 13.64 5.71
CA GLY A 37 4.27 14.22 5.89
C GLY A 37 3.63 14.56 4.57
N GLY A 38 3.90 13.74 3.56
CA GLY A 38 3.35 13.98 2.25
C GLY A 38 2.24 13.04 1.91
N GLY A 39 2.06 12.00 2.74
CA GLY A 39 1.02 11.03 2.50
C GLY A 39 1.40 10.07 1.41
N GLU A 40 2.71 9.99 1.14
CA GLU A 40 3.24 9.12 0.10
C GLU A 40 4.55 8.50 0.56
N ILE A 41 4.66 7.19 0.41
CA ILE A 41 5.88 6.48 0.79
C ILE A 41 6.51 5.84 -0.43
N SER A 42 7.71 5.34 -0.25
CA SER A 42 8.42 4.66 -1.33
C SER A 42 7.64 3.42 -1.76
N ALA A 43 7.69 3.10 -3.05
CA ALA A 43 6.98 1.95 -3.57
C ALA A 43 7.45 0.66 -2.91
N LYS A 44 8.77 0.49 -2.83
CA LYS A 44 9.35 -0.71 -2.23
C LYS A 44 9.07 -0.81 -0.73
N ALA A 45 8.72 0.31 -0.12
CA ALA A 45 8.42 0.34 1.30
C ALA A 45 7.17 -0.48 1.59
N PHE A 46 6.31 -0.62 0.58
CA PHE A 46 5.08 -1.39 0.69
C PHE A 46 5.37 -2.81 1.15
N GLY A 47 6.39 -3.42 0.55
CA GLY A 47 6.77 -4.75 0.91
C GLY A 47 7.21 -4.85 2.35
N THR A 48 8.04 -3.90 2.76
CA THR A 48 8.55 -3.87 4.12
C THR A 48 7.42 -3.68 5.15
N VAL A 49 6.48 -2.78 4.86
CA VAL A 49 5.35 -2.54 5.75
C VAL A 49 4.48 -3.77 5.85
N ALA A 50 4.19 -4.38 4.71
CA ALA A 50 3.38 -5.59 4.67
C ALA A 50 4.03 -6.70 5.48
N ARG A 51 5.33 -6.87 5.31
CA ARG A 51 6.08 -7.91 6.01
C ARG A 51 5.97 -7.77 7.53
N MET A 52 6.19 -6.55 8.04
CA MET A 52 6.14 -6.33 9.49
C MET A 52 4.71 -6.42 10.01
N ASN A 53 3.75 -6.29 9.11
CA ASN A 53 2.34 -6.40 9.49
C ASN A 53 1.83 -7.81 9.24
N ASN A 54 2.76 -8.72 8.91
CA ASN A 54 2.44 -10.13 8.68
C ASN A 54 1.54 -10.32 7.47
N VAL A 55 1.58 -9.36 6.56
CA VAL A 55 0.79 -9.41 5.35
C VAL A 55 1.63 -9.98 4.22
N PRO A 56 1.21 -11.12 3.65
CA PRO A 56 1.92 -11.75 2.54
C PRO A 56 1.98 -10.86 1.32
N VAL A 57 3.20 -10.52 0.90
CA VAL A 57 3.39 -9.70 -0.28
C VAL A 57 3.20 -10.53 -1.53
N ASP A 58 2.16 -10.25 -2.27
CA ASP A 58 1.87 -10.96 -3.50
C ASP A 58 2.92 -10.66 -4.55
N PRO A 59 3.43 -11.71 -5.23
CA PRO A 59 4.46 -11.57 -6.26
C PRO A 59 4.00 -10.69 -7.44
N ARG A 60 2.73 -10.79 -7.78
CA ARG A 60 2.17 -10.02 -8.88
C ARG A 60 2.11 -8.55 -8.53
N VAL A 61 1.59 -8.26 -7.34
CA VAL A 61 1.53 -6.89 -6.86
C VAL A 61 2.94 -6.32 -6.73
N GLN A 62 3.86 -7.13 -6.20
CA GLN A 62 5.26 -6.71 -6.05
C GLN A 62 5.87 -6.37 -7.41
N GLU A 63 5.48 -7.14 -8.43
CA GLU A 63 5.91 -6.87 -9.80
C GLU A 63 5.46 -5.48 -10.21
N TYR A 64 4.18 -5.22 -10.00
CA TYR A 64 3.57 -3.92 -10.29
C TYR A 64 4.22 -2.82 -9.42
N VAL A 65 4.46 -3.14 -8.16
CA VAL A 65 5.07 -2.19 -7.22
C VAL A 65 6.46 -1.76 -7.68
N LYS A 66 7.30 -2.72 -8.06
CA LYS A 66 8.63 -2.38 -8.51
C LYS A 66 8.57 -1.61 -9.82
N ARG A 67 7.53 -1.86 -10.61
CA ARG A 67 7.37 -1.18 -11.88
C ARG A 67 7.06 0.30 -11.67
N LEU A 68 6.43 0.62 -10.55
CA LEU A 68 6.08 2.01 -10.23
C LEU A 68 7.33 2.87 -10.20
N THR A 69 8.33 2.42 -9.46
CA THR A 69 9.57 3.15 -9.34
C THR A 69 10.46 2.91 -10.58
N ASP A 70 10.16 1.85 -11.31
CA ASP A 70 10.92 1.50 -12.50
C ASP A 70 10.56 2.42 -13.68
N GLN A 71 9.28 2.69 -13.84
CA GLN A 71 8.80 3.53 -14.95
C GLN A 71 8.86 5.01 -14.61
N ASP A 72 8.61 5.35 -13.35
CA ASP A 72 8.57 6.75 -12.93
C ASP A 72 9.94 7.25 -12.47
N GLY A 73 10.82 6.31 -12.15
CA GLY A 73 12.13 6.66 -11.65
C GLY A 73 12.17 6.64 -10.13
N SER A 74 11.25 7.36 -9.54
CA SER A 74 11.09 7.38 -8.11
C SER A 74 9.64 7.09 -7.76
N GLY A 75 9.35 5.81 -7.54
CA GLY A 75 7.99 5.39 -7.27
C GLY A 75 7.53 5.71 -5.87
N THR A 76 6.40 6.37 -5.77
CA THR A 76 5.82 6.72 -4.49
C THR A 76 4.33 6.45 -4.51
N ILE A 77 3.83 5.84 -3.45
CA ILE A 77 2.42 5.52 -3.33
C ILE A 77 1.78 6.29 -2.21
N SER A 78 0.60 6.80 -2.47
CA SER A 78 -0.14 7.55 -1.49
C SER A 78 -0.81 6.58 -0.52
N PHE A 79 -1.26 7.09 0.63
CA PHE A 79 -1.94 6.28 1.64
C PHE A 79 -3.15 5.56 1.04
N GLU A 80 -3.85 6.23 0.16
CA GLU A 80 -5.00 5.65 -0.50
C GLU A 80 -4.59 4.39 -1.26
N GLU A 81 -3.55 4.53 -2.08
CA GLU A 81 -3.03 3.41 -2.86
C GLU A 81 -2.55 2.31 -1.93
N PHE A 82 -1.84 2.70 -0.87
CA PHE A 82 -1.32 1.75 0.10
C PHE A 82 -2.41 0.83 0.62
N LEU A 83 -3.53 1.41 1.03
CA LEU A 83 -4.65 0.63 1.54
C LEU A 83 -5.14 -0.36 0.49
N VAL A 84 -5.33 0.12 -0.73
CA VAL A 84 -5.81 -0.72 -1.81
C VAL A 84 -4.80 -1.83 -2.14
N LEU A 85 -3.52 -1.49 -2.07
CA LEU A 85 -2.46 -2.47 -2.34
C LEU A 85 -2.49 -3.59 -1.32
N MET A 86 -2.70 -3.24 -0.05
CA MET A 86 -2.81 -4.25 1.02
C MET A 86 -3.98 -5.17 0.71
N VAL A 87 -5.04 -4.59 0.18
CA VAL A 87 -6.23 -5.31 -0.22
C VAL A 87 -5.91 -6.28 -1.35
N LYS A 88 -5.29 -5.76 -2.41
CA LYS A 88 -4.93 -6.58 -3.56
C LYS A 88 -4.04 -7.75 -3.16
N SER A 89 -3.08 -7.48 -2.28
CA SER A 89 -2.14 -8.49 -1.84
C SER A 89 -2.85 -9.58 -1.01
N MET A 90 -3.68 -9.15 -0.06
CA MET A 90 -4.38 -10.11 0.81
C MET A 90 -5.47 -10.85 0.06
N LYS A 91 -6.05 -10.21 -0.94
CA LYS A 91 -7.09 -10.83 -1.75
C LYS A 91 -6.50 -11.90 -2.65
N GLN A 92 -5.35 -11.59 -3.24
CA GLN A 92 -4.69 -12.52 -4.13
C GLN A 92 -4.07 -13.67 -3.35
N ASP A 93 -3.55 -13.38 -2.17
CA ASP A 93 -2.99 -14.42 -1.32
C ASP A 93 -4.07 -15.42 -0.94
N ALA A 94 -3.94 -16.62 -1.46
CA ALA A 94 -4.90 -17.67 -1.17
C ALA A 94 -4.77 -18.14 0.26
N ALA A 5 -4.38 7.77 -5.19
CA ALA A 5 -4.19 9.18 -4.79
C ALA A 5 -5.38 10.03 -5.21
N SER A 6 -5.80 9.85 -6.45
CA SER A 6 -6.94 10.57 -6.98
C SER A 6 -7.93 9.57 -7.60
N MET A 7 -8.00 8.40 -7.01
CA MET A 7 -8.86 7.35 -7.50
C MET A 7 -9.51 6.61 -6.33
N SER A 8 -10.52 7.23 -5.76
CA SER A 8 -11.20 6.68 -4.61
C SER A 8 -12.12 5.52 -5.00
N ASP A 9 -12.22 5.27 -6.30
CA ASP A 9 -13.04 4.16 -6.81
C ASP A 9 -12.58 2.85 -6.18
N GLU A 10 -11.27 2.61 -6.24
CA GLU A 10 -10.71 1.43 -5.64
C GLU A 10 -10.62 1.55 -4.12
N GLN A 11 -10.43 2.79 -3.62
CA GLN A 11 -10.42 3.03 -2.18
C GLN A 11 -11.76 2.62 -1.57
N ALA A 12 -12.84 2.84 -2.29
CA ALA A 12 -14.16 2.44 -1.84
C ALA A 12 -14.20 0.93 -1.62
N GLU A 13 -13.58 0.19 -2.55
CA GLU A 13 -13.48 -1.26 -2.43
C GLU A 13 -12.63 -1.62 -1.22
N ALA A 14 -11.51 -0.94 -1.10
CA ALA A 14 -10.55 -1.16 -0.03
C ALA A 14 -11.20 -0.94 1.32
N ARG A 15 -11.92 0.16 1.46
CA ARG A 15 -12.56 0.51 2.72
C ARG A 15 -13.76 -0.39 3.01
N ALA A 16 -14.27 -1.06 2.00
CA ALA A 16 -15.37 -1.99 2.18
C ALA A 16 -14.83 -3.35 2.61
N PHE A 17 -13.65 -3.68 2.11
CA PHE A 17 -12.97 -4.92 2.43
C PHE A 17 -12.28 -4.81 3.79
N LEU A 18 -11.51 -3.74 3.97
CA LEU A 18 -10.83 -3.51 5.22
C LEU A 18 -11.74 -2.79 6.18
N SER A 19 -11.78 -3.24 7.41
CA SER A 19 -12.57 -2.58 8.41
C SER A 19 -11.84 -1.30 8.80
N GLU A 20 -12.58 -0.29 9.24
CA GLU A 20 -11.95 0.98 9.60
C GLU A 20 -10.93 0.80 10.72
N GLU A 21 -11.16 -0.19 11.57
CA GLU A 21 -10.20 -0.52 12.63
C GLU A 21 -8.89 -0.99 12.02
N MET A 22 -8.99 -1.74 10.92
CA MET A 22 -7.81 -2.24 10.22
C MET A 22 -7.14 -1.10 9.50
N ILE A 23 -7.94 -0.30 8.82
CA ILE A 23 -7.46 0.87 8.08
C ILE A 23 -6.65 1.80 8.99
N ALA A 24 -7.11 1.98 10.22
CA ALA A 24 -6.42 2.83 11.18
C ALA A 24 -5.00 2.33 11.44
N GLU A 25 -4.84 1.01 11.52
CA GLU A 25 -3.54 0.39 11.75
C GLU A 25 -2.65 0.60 10.53
N PHE A 26 -3.23 0.44 9.34
CA PHE A 26 -2.50 0.65 8.10
C PHE A 26 -2.06 2.11 7.98
N LYS A 27 -2.90 3.01 8.47
CA LYS A 27 -2.57 4.43 8.47
C LYS A 27 -1.34 4.67 9.33
N ALA A 28 -1.32 4.03 10.50
CA ALA A 28 -0.20 4.15 11.41
C ALA A 28 1.07 3.59 10.78
N ALA A 29 0.92 2.49 10.04
CA ALA A 29 2.03 1.86 9.35
C ALA A 29 2.59 2.79 8.27
N PHE A 30 1.69 3.48 7.58
CA PHE A 30 2.07 4.46 6.57
C PHE A 30 2.91 5.57 7.21
N ASP A 31 2.46 6.04 8.37
CA ASP A 31 3.15 7.12 9.11
C ASP A 31 4.57 6.72 9.48
N MET A 32 4.80 5.43 9.69
CA MET A 32 6.11 4.93 10.06
C MET A 32 7.15 5.23 8.99
N PHE A 33 6.73 5.23 7.74
CA PHE A 33 7.65 5.52 6.65
C PHE A 33 7.51 6.96 6.19
N ASP A 34 6.30 7.48 6.20
CA ASP A 34 6.07 8.88 5.85
C ASP A 34 6.09 9.72 7.11
N ALA A 35 7.25 9.80 7.74
CA ALA A 35 7.41 10.57 8.96
C ALA A 35 7.48 12.04 8.64
N ASP A 36 7.74 12.34 7.38
CA ASP A 36 7.83 13.72 6.93
C ASP A 36 6.44 14.30 6.69
N GLY A 37 5.50 13.45 6.36
CA GLY A 37 4.14 13.89 6.13
C GLY A 37 3.94 14.38 4.71
N GLY A 38 4.57 13.68 3.77
CA GLY A 38 4.47 14.05 2.37
C GLY A 38 3.30 13.38 1.70
N GLY A 39 2.78 12.34 2.33
CA GLY A 39 1.63 11.64 1.81
C GLY A 39 2.03 10.62 0.77
N GLU A 40 3.32 10.36 0.69
CA GLU A 40 3.86 9.43 -0.28
C GLU A 40 5.03 8.66 0.30
N ILE A 41 5.01 7.35 0.13
CA ILE A 41 6.11 6.51 0.57
C ILE A 41 6.74 5.85 -0.63
N SER A 42 7.95 5.37 -0.45
CA SER A 42 8.67 4.71 -1.53
C SER A 42 7.99 3.39 -1.89
N ALA A 43 7.96 3.08 -3.18
CA ALA A 43 7.36 1.85 -3.66
C ALA A 43 8.01 0.64 -3.01
N LYS A 44 9.34 0.60 -3.04
CA LYS A 44 10.10 -0.51 -2.46
C LYS A 44 9.82 -0.64 -0.96
N ALA A 45 9.43 0.46 -0.34
CA ALA A 45 9.15 0.46 1.09
C ALA A 45 7.86 -0.31 1.38
N PHE A 46 6.97 -0.39 0.38
CA PHE A 46 5.71 -1.10 0.54
C PHE A 46 5.95 -2.55 0.94
N GLY A 47 6.92 -3.18 0.27
CA GLY A 47 7.26 -4.55 0.59
C GLY A 47 7.71 -4.68 2.02
N THR A 48 8.51 -3.73 2.47
CA THR A 48 9.01 -3.71 3.83
C THR A 48 7.85 -3.54 4.82
N VAL A 49 6.93 -2.62 4.50
CA VAL A 49 5.77 -2.36 5.34
C VAL A 49 4.92 -3.62 5.48
N ALA A 50 4.67 -4.28 4.36
CA ALA A 50 3.89 -5.51 4.36
C ALA A 50 4.54 -6.57 5.24
N ARG A 51 5.82 -6.78 5.05
CA ARG A 51 6.57 -7.79 5.80
C ARG A 51 6.56 -7.51 7.30
N MET A 52 6.82 -6.26 7.69
CA MET A 52 6.87 -5.89 9.11
C MET A 52 5.48 -5.99 9.76
N ASN A 53 4.44 -6.02 8.94
CA ASN A 53 3.06 -6.13 9.44
C ASN A 53 2.55 -7.55 9.28
N ASN A 54 3.43 -8.45 8.82
CA ASN A 54 3.09 -9.87 8.59
C ASN A 54 2.04 -10.01 7.49
N VAL A 55 1.96 -9.00 6.64
CA VAL A 55 1.02 -9.01 5.53
C VAL A 55 1.62 -9.74 4.34
N PRO A 56 0.99 -10.81 3.87
CA PRO A 56 1.46 -11.55 2.71
C PRO A 56 1.24 -10.76 1.43
N VAL A 57 2.28 -10.08 1.00
CA VAL A 57 2.21 -9.27 -0.21
C VAL A 57 2.15 -10.17 -1.45
N ASP A 58 1.19 -9.89 -2.31
CA ASP A 58 0.99 -10.66 -3.53
C ASP A 58 2.17 -10.51 -4.49
N PRO A 59 2.61 -11.63 -5.12
CA PRO A 59 3.78 -11.63 -6.02
C PRO A 59 3.57 -10.78 -7.27
N ARG A 60 2.33 -10.70 -7.74
CA ARG A 60 2.02 -9.91 -8.92
C ARG A 60 2.06 -8.44 -8.59
N VAL A 61 1.42 -8.08 -7.48
CA VAL A 61 1.42 -6.70 -7.01
C VAL A 61 2.83 -6.26 -6.66
N GLN A 62 3.61 -7.18 -6.09
CA GLN A 62 5.00 -6.90 -5.75
C GLN A 62 5.80 -6.55 -6.99
N GLU A 63 5.55 -7.28 -8.08
CA GLU A 63 6.23 -6.98 -9.32
C GLU A 63 5.79 -5.62 -9.82
N TYR A 64 4.51 -5.34 -9.66
CA TYR A 64 3.97 -4.04 -10.00
C TYR A 64 4.67 -2.95 -9.17
N VAL A 65 4.98 -3.28 -7.92
CA VAL A 65 5.69 -2.38 -7.03
C VAL A 65 7.09 -2.07 -7.56
N LYS A 66 7.83 -3.10 -7.98
CA LYS A 66 9.17 -2.90 -8.52
C LYS A 66 9.11 -2.17 -9.86
N ARG A 67 8.01 -2.37 -10.59
CA ARG A 67 7.82 -1.72 -11.88
C ARG A 67 7.76 -0.21 -11.71
N LEU A 68 7.02 0.23 -10.70
CA LEU A 68 6.76 1.65 -10.47
C LEU A 68 8.03 2.46 -10.34
N THR A 69 8.87 2.08 -9.41
CA THR A 69 10.09 2.84 -9.15
C THR A 69 11.06 2.76 -10.33
N ASP A 70 10.96 1.70 -11.12
CA ASP A 70 11.85 1.52 -12.27
C ASP A 70 11.37 2.27 -13.50
N GLN A 71 10.07 2.22 -13.76
CA GLN A 71 9.51 2.86 -14.94
C GLN A 71 9.31 4.37 -14.71
N ASP A 72 8.99 4.73 -13.49
CA ASP A 72 8.78 6.14 -13.14
C ASP A 72 10.10 6.80 -12.78
N GLY A 73 10.91 6.08 -12.03
CA GLY A 73 12.16 6.63 -11.59
C GLY A 73 12.18 6.77 -10.09
N SER A 74 11.07 7.26 -9.56
CA SER A 74 10.93 7.44 -8.15
C SER A 74 10.06 6.33 -7.59
N GLY A 75 8.82 6.26 -8.07
CA GLY A 75 7.89 5.26 -7.62
C GLY A 75 7.42 5.54 -6.21
N THR A 76 6.47 6.44 -6.07
CA THR A 76 5.95 6.78 -4.76
C THR A 76 4.45 6.56 -4.73
N ILE A 77 3.98 5.96 -3.67
CA ILE A 77 2.55 5.68 -3.51
C ILE A 77 1.95 6.49 -2.40
N SER A 78 0.75 6.98 -2.63
CA SER A 78 0.03 7.75 -1.65
C SER A 78 -0.74 6.82 -0.69
N PHE A 79 -1.34 7.39 0.36
CA PHE A 79 -2.07 6.61 1.35
C PHE A 79 -3.24 5.85 0.72
N GLU A 80 -3.92 6.49 -0.23
CA GLU A 80 -5.04 5.86 -0.92
C GLU A 80 -4.57 4.60 -1.64
N GLU A 81 -3.40 4.69 -2.26
CA GLU A 81 -2.82 3.57 -2.97
C GLU A 81 -2.36 2.50 -2.00
N PHE A 82 -1.75 2.94 -0.90
CA PHE A 82 -1.25 2.03 0.13
C PHE A 82 -2.32 1.05 0.59
N LEU A 83 -3.50 1.59 0.91
CA LEU A 83 -4.61 0.75 1.33
C LEU A 83 -5.03 -0.19 0.21
N VAL A 84 -5.29 0.38 -0.96
CA VAL A 84 -5.70 -0.38 -2.13
C VAL A 84 -4.72 -1.54 -2.46
N LEU A 85 -3.42 -1.27 -2.37
CA LEU A 85 -2.41 -2.29 -2.66
C LEU A 85 -2.43 -3.41 -1.63
N MET A 86 -2.58 -3.04 -0.35
CA MET A 86 -2.65 -4.04 0.72
C MET A 86 -3.85 -4.95 0.53
N VAL A 87 -4.93 -4.38 0.02
CA VAL A 87 -6.15 -5.11 -0.25
C VAL A 87 -5.91 -6.20 -1.30
N LYS A 88 -5.30 -5.81 -2.42
CA LYS A 88 -5.03 -6.74 -3.51
C LYS A 88 -4.15 -7.90 -3.04
N SER A 89 -3.23 -7.61 -2.12
CA SER A 89 -2.33 -8.62 -1.61
C SER A 89 -3.08 -9.74 -0.88
N MET A 90 -3.97 -9.35 0.03
CA MET A 90 -4.74 -10.32 0.80
C MET A 90 -5.87 -10.90 -0.03
N LYS A 91 -6.32 -10.12 -1.00
CA LYS A 91 -7.40 -10.55 -1.88
C LYS A 91 -7.02 -11.79 -2.65
N GLN A 92 -5.81 -11.79 -3.18
CA GLN A 92 -5.34 -12.91 -3.96
C GLN A 92 -4.77 -13.99 -3.06
N ASP A 93 -3.89 -13.59 -2.15
CA ASP A 93 -3.25 -14.57 -1.31
C ASP A 93 -4.10 -14.87 -0.09
N ALA A 94 -4.63 -16.06 -0.08
CA ALA A 94 -5.46 -16.50 1.03
C ALA A 94 -4.96 -17.83 1.57
N ALA A 5 -17.21 12.60 -0.63
CA ALA A 5 -15.89 12.00 -0.32
C ALA A 5 -15.07 11.79 -1.58
N SER A 6 -13.78 12.05 -1.50
CA SER A 6 -12.89 11.88 -2.63
C SER A 6 -12.17 10.55 -2.54
N MET A 7 -12.68 9.56 -3.25
CA MET A 7 -12.08 8.23 -3.24
C MET A 7 -12.03 7.64 -4.63
N SER A 8 -10.92 7.01 -4.95
CA SER A 8 -10.74 6.34 -6.23
C SER A 8 -11.65 5.12 -6.33
N ASP A 9 -11.86 4.64 -7.55
CA ASP A 9 -12.66 3.44 -7.79
C ASP A 9 -12.01 2.27 -7.08
N GLU A 10 -10.68 2.26 -7.11
CA GLU A 10 -9.91 1.23 -6.44
C GLU A 10 -10.00 1.40 -4.93
N GLN A 11 -9.96 2.66 -4.47
CA GLN A 11 -10.10 2.95 -3.05
C GLN A 11 -11.45 2.50 -2.53
N ALA A 12 -12.47 2.63 -3.37
CA ALA A 12 -13.82 2.19 -3.00
C ALA A 12 -13.81 0.71 -2.63
N GLU A 13 -13.20 -0.10 -3.48
CA GLU A 13 -13.07 -1.52 -3.23
C GLU A 13 -12.27 -1.78 -1.96
N ALA A 14 -11.18 -1.03 -1.81
CA ALA A 14 -10.32 -1.16 -0.65
C ALA A 14 -11.04 -0.76 0.63
N ARG A 15 -11.79 0.32 0.57
CA ARG A 15 -12.52 0.84 1.71
C ARG A 15 -13.61 -0.13 2.16
N ALA A 16 -14.15 -0.89 1.23
CA ALA A 16 -15.18 -1.86 1.55
C ALA A 16 -14.58 -3.11 2.16
N PHE A 17 -13.43 -3.51 1.63
CA PHE A 17 -12.73 -4.69 2.09
C PHE A 17 -12.07 -4.45 3.45
N LEU A 18 -11.34 -3.34 3.56
CA LEU A 18 -10.66 -3.00 4.79
C LEU A 18 -11.60 -2.30 5.73
N SER A 19 -11.63 -2.74 6.96
CA SER A 19 -12.43 -2.10 7.96
C SER A 19 -11.68 -0.88 8.48
N GLU A 20 -12.40 0.10 9.00
CA GLU A 20 -11.80 1.34 9.46
C GLU A 20 -10.70 1.11 10.49
N GLU A 21 -10.88 0.12 11.36
CA GLU A 21 -9.85 -0.22 12.34
C GLU A 21 -8.55 -0.65 11.63
N MET A 22 -8.71 -1.47 10.60
CA MET A 22 -7.57 -1.95 9.81
C MET A 22 -6.92 -0.79 9.09
N ILE A 23 -7.76 0.06 8.51
CA ILE A 23 -7.30 1.24 7.80
C ILE A 23 -6.48 2.15 8.71
N ALA A 24 -6.89 2.25 9.97
CA ALA A 24 -6.16 3.04 10.95
C ALA A 24 -4.76 2.47 11.17
N GLU A 25 -4.69 1.14 11.32
CA GLU A 25 -3.43 0.44 11.50
C GLU A 25 -2.51 0.67 10.28
N PHE A 26 -3.11 0.66 9.10
CA PHE A 26 -2.37 0.89 7.87
C PHE A 26 -1.93 2.34 7.77
N LYS A 27 -2.78 3.25 8.22
CA LYS A 27 -2.46 4.66 8.23
C LYS A 27 -1.24 4.92 9.10
N ALA A 28 -1.27 4.38 10.31
CA ALA A 28 -0.16 4.52 11.25
C ALA A 28 1.12 3.97 10.64
N ALA A 29 1.01 2.82 9.97
CA ALA A 29 2.15 2.20 9.31
C ALA A 29 2.71 3.11 8.21
N PHE A 30 1.80 3.70 7.43
CA PHE A 30 2.18 4.63 6.38
C PHE A 30 2.98 5.81 6.97
N ASP A 31 2.49 6.35 8.08
CA ASP A 31 3.14 7.48 8.76
C ASP A 31 4.55 7.13 9.21
N MET A 32 4.76 5.88 9.61
CA MET A 32 6.06 5.42 10.07
C MET A 32 7.10 5.51 8.95
N PHE A 33 6.68 5.20 7.73
CA PHE A 33 7.58 5.22 6.60
C PHE A 33 7.63 6.59 5.94
N ASP A 34 6.66 7.43 6.26
CA ASP A 34 6.64 8.80 5.76
C ASP A 34 7.15 9.74 6.83
N ALA A 35 8.40 9.58 7.20
CA ALA A 35 9.02 10.44 8.18
C ALA A 35 9.49 11.73 7.55
N ASP A 36 9.69 11.67 6.23
CA ASP A 36 10.14 12.83 5.47
C ASP A 36 9.03 13.83 5.30
N GLY A 37 7.80 13.38 5.48
CA GLY A 37 6.66 14.25 5.35
C GLY A 37 6.40 14.63 3.92
N GLY A 38 6.19 13.63 3.08
CA GLY A 38 5.92 13.88 1.69
C GLY A 38 4.53 13.47 1.30
N GLY A 39 3.91 12.64 2.13
CA GLY A 39 2.57 12.18 1.84
C GLY A 39 2.58 10.93 1.01
N GLU A 40 3.77 10.48 0.66
CA GLU A 40 3.96 9.28 -0.13
C GLU A 40 5.12 8.48 0.42
N ILE A 41 5.09 7.18 0.24
CA ILE A 41 6.19 6.35 0.67
C ILE A 41 6.83 5.68 -0.53
N SER A 42 8.04 5.21 -0.36
CA SER A 42 8.76 4.54 -1.42
C SER A 42 8.15 3.17 -1.71
N ALA A 43 7.91 2.89 -2.99
CA ALA A 43 7.31 1.64 -3.42
C ALA A 43 8.08 0.42 -2.93
N LYS A 44 9.40 0.48 -2.99
CA LYS A 44 10.24 -0.65 -2.55
C LYS A 44 10.13 -0.89 -1.05
N ALA A 45 9.61 0.08 -0.32
CA ALA A 45 9.47 -0.05 1.12
C ALA A 45 8.14 -0.71 1.46
N PHE A 46 7.26 -0.83 0.47
CA PHE A 46 5.93 -1.42 0.65
C PHE A 46 6.02 -2.83 1.19
N GLY A 47 6.97 -3.61 0.65
CA GLY A 47 7.14 -4.98 1.10
C GLY A 47 7.42 -5.06 2.58
N THR A 48 8.22 -4.12 3.07
CA THR A 48 8.56 -4.07 4.47
C THR A 48 7.34 -3.70 5.31
N VAL A 49 6.58 -2.71 4.83
CA VAL A 49 5.39 -2.28 5.55
C VAL A 49 4.38 -3.41 5.61
N ALA A 50 4.28 -4.17 4.53
CA ALA A 50 3.38 -5.29 4.48
C ALA A 50 3.78 -6.36 5.49
N ARG A 51 5.05 -6.73 5.47
CA ARG A 51 5.56 -7.78 6.36
C ARG A 51 5.39 -7.42 7.84
N MET A 52 5.64 -6.15 8.18
CA MET A 52 5.48 -5.72 9.58
C MET A 52 4.01 -5.73 9.99
N ASN A 53 3.13 -5.55 9.00
CA ASN A 53 1.69 -5.55 9.26
C ASN A 53 1.11 -6.94 9.14
N ASN A 54 1.99 -7.93 8.98
CA ASN A 54 1.60 -9.35 8.85
C ASN A 54 0.82 -9.58 7.55
N VAL A 55 1.06 -8.73 6.57
CA VAL A 55 0.43 -8.82 5.29
C VAL A 55 1.32 -9.59 4.31
N PRO A 56 0.86 -10.76 3.85
CA PRO A 56 1.61 -11.57 2.89
C PRO A 56 1.78 -10.87 1.55
N VAL A 57 3.02 -10.69 1.13
CA VAL A 57 3.31 -10.04 -0.14
C VAL A 57 3.27 -11.06 -1.27
N ASP A 58 2.30 -10.94 -2.14
CA ASP A 58 2.17 -11.86 -3.27
C ASP A 58 3.23 -11.53 -4.32
N PRO A 59 3.85 -12.57 -4.93
CA PRO A 59 4.90 -12.39 -5.93
C PRO A 59 4.44 -11.57 -7.14
N ARG A 60 3.15 -11.66 -7.47
CA ARG A 60 2.62 -10.92 -8.59
C ARG A 60 2.56 -9.44 -8.28
N VAL A 61 2.11 -9.11 -7.08
CA VAL A 61 2.04 -7.72 -6.67
C VAL A 61 3.43 -7.15 -6.48
N GLN A 62 4.34 -7.96 -5.95
CA GLN A 62 5.74 -7.54 -5.77
C GLN A 62 6.40 -7.29 -7.13
N GLU A 63 6.06 -8.13 -8.11
CA GLU A 63 6.55 -7.97 -9.47
C GLU A 63 6.03 -6.66 -10.04
N TYR A 64 4.83 -6.31 -9.63
CA TYR A 64 4.19 -5.07 -10.02
C TYR A 64 4.80 -3.87 -9.27
N VAL A 65 5.19 -4.09 -8.01
CA VAL A 65 5.80 -3.05 -7.18
C VAL A 65 7.13 -2.57 -7.77
N LYS A 66 7.96 -3.52 -8.23
CA LYS A 66 9.25 -3.17 -8.82
C LYS A 66 9.06 -2.30 -10.06
N ARG A 67 7.96 -2.53 -10.77
CA ARG A 67 7.65 -1.77 -11.97
C ARG A 67 7.33 -0.33 -11.63
N LEU A 68 6.65 -0.13 -10.50
CA LEU A 68 6.25 1.20 -10.05
C LEU A 68 7.46 2.10 -9.88
N THR A 69 8.45 1.62 -9.14
CA THR A 69 9.64 2.40 -8.87
C THR A 69 10.54 2.48 -10.11
N ASP A 70 10.50 1.44 -10.93
CA ASP A 70 11.34 1.39 -12.13
C ASP A 70 10.87 2.40 -13.17
N GLN A 71 9.57 2.39 -13.46
CA GLN A 71 9.01 3.26 -14.49
C GLN A 71 9.03 4.72 -14.05
N ASP A 72 8.91 4.95 -12.75
CA ASP A 72 8.90 6.30 -12.21
C ASP A 72 10.31 6.84 -12.03
N GLY A 73 11.09 6.14 -11.24
CA GLY A 73 12.43 6.58 -10.92
C GLY A 73 12.72 6.34 -9.47
N SER A 74 11.78 6.72 -8.63
CA SER A 74 11.87 6.50 -7.21
C SER A 74 10.73 5.61 -6.74
N GLY A 75 9.55 5.81 -7.33
CA GLY A 75 8.41 5.00 -7.01
C GLY A 75 7.76 5.43 -5.72
N THR A 76 6.73 6.24 -5.82
CA THR A 76 6.04 6.73 -4.65
C THR A 76 4.58 6.35 -4.68
N ILE A 77 4.05 6.00 -3.52
CA ILE A 77 2.64 5.66 -3.39
C ILE A 77 2.03 6.44 -2.24
N SER A 78 0.90 7.08 -2.51
CA SER A 78 0.19 7.83 -1.52
C SER A 78 -0.68 6.90 -0.68
N PHE A 79 -1.42 7.45 0.28
CA PHE A 79 -2.24 6.65 1.19
C PHE A 79 -3.30 5.83 0.44
N GLU A 80 -3.97 6.46 -0.52
CA GLU A 80 -4.98 5.78 -1.31
C GLU A 80 -4.38 4.58 -2.04
N GLU A 81 -3.19 4.79 -2.59
CA GLU A 81 -2.48 3.74 -3.29
C GLU A 81 -2.01 2.66 -2.31
N PHE A 82 -1.53 3.12 -1.17
CA PHE A 82 -1.06 2.22 -0.11
C PHE A 82 -2.14 1.22 0.31
N LEU A 83 -3.35 1.73 0.52
CA LEU A 83 -4.46 0.89 0.94
C LEU A 83 -4.83 -0.14 -0.12
N VAL A 84 -5.03 0.30 -1.36
CA VAL A 84 -5.43 -0.58 -2.42
C VAL A 84 -4.39 -1.67 -2.67
N LEU A 85 -3.11 -1.34 -2.49
CA LEU A 85 -2.04 -2.31 -2.68
C LEU A 85 -2.09 -3.39 -1.60
N MET A 86 -2.32 -2.96 -0.36
CA MET A 86 -2.43 -3.90 0.76
C MET A 86 -3.59 -4.86 0.54
N VAL A 87 -4.67 -4.32 0.01
CA VAL A 87 -5.85 -5.13 -0.32
C VAL A 87 -5.51 -6.16 -1.37
N LYS A 88 -4.93 -5.69 -2.47
CA LYS A 88 -4.57 -6.57 -3.58
C LYS A 88 -3.58 -7.64 -3.16
N SER A 89 -2.63 -7.28 -2.30
CA SER A 89 -1.63 -8.22 -1.85
C SER A 89 -2.26 -9.44 -1.17
N MET A 90 -3.25 -9.19 -0.30
CA MET A 90 -3.93 -10.28 0.39
C MET A 90 -4.96 -10.93 -0.50
N LYS A 91 -5.61 -10.11 -1.33
CA LYS A 91 -6.65 -10.58 -2.23
C LYS A 91 -6.08 -11.57 -3.24
N GLN A 92 -4.92 -11.22 -3.77
CA GLN A 92 -4.25 -12.02 -4.75
C GLN A 92 -3.58 -13.25 -4.11
N ASP A 93 -3.01 -13.06 -2.93
CA ASP A 93 -2.33 -14.15 -2.22
C ASP A 93 -3.27 -15.34 -2.02
N ALA A 94 -2.95 -16.45 -2.65
CA ALA A 94 -3.76 -17.65 -2.53
C ALA A 94 -3.04 -18.70 -1.69
N ALA A 5 -3.81 13.01 -9.33
CA ALA A 5 -5.20 12.51 -9.19
C ALA A 5 -5.22 11.19 -8.42
N SER A 6 -6.38 10.85 -7.89
CA SER A 6 -6.54 9.63 -7.14
C SER A 6 -7.57 8.72 -7.79
N MET A 7 -7.86 7.61 -7.15
CA MET A 7 -8.84 6.66 -7.62
C MET A 7 -9.55 6.03 -6.43
N SER A 8 -10.51 6.74 -5.89
CA SER A 8 -11.22 6.31 -4.70
C SER A 8 -12.17 5.15 -4.99
N ASP A 9 -12.28 4.77 -6.26
CA ASP A 9 -13.08 3.60 -6.61
C ASP A 9 -12.40 2.37 -6.04
N GLU A 10 -11.08 2.41 -6.00
CA GLU A 10 -10.28 1.37 -5.41
C GLU A 10 -10.36 1.46 -3.89
N GLN A 11 -10.30 2.68 -3.38
CA GLN A 11 -10.39 2.93 -1.94
C GLN A 11 -11.74 2.44 -1.41
N ALA A 12 -12.79 2.57 -2.21
CA ALA A 12 -14.11 2.12 -1.84
C ALA A 12 -14.11 0.63 -1.53
N GLU A 13 -13.52 -0.15 -2.43
CA GLU A 13 -13.43 -1.59 -2.24
C GLU A 13 -12.49 -1.91 -1.09
N ALA A 14 -11.45 -1.09 -0.95
CA ALA A 14 -10.50 -1.26 0.13
C ALA A 14 -11.17 -1.10 1.48
N ARG A 15 -12.00 -0.08 1.61
CA ARG A 15 -12.73 0.18 2.86
C ARG A 15 -13.85 -0.83 3.07
N ALA A 16 -14.23 -1.50 1.98
CA ALA A 16 -15.27 -2.51 2.03
C ALA A 16 -14.67 -3.84 2.48
N PHE A 17 -13.36 -3.88 2.57
CA PHE A 17 -12.64 -5.07 2.99
C PHE A 17 -11.92 -4.83 4.30
N LEU A 18 -11.18 -3.74 4.37
CA LEU A 18 -10.49 -3.38 5.57
C LEU A 18 -11.40 -2.55 6.44
N SER A 19 -11.47 -2.89 7.69
CA SER A 19 -12.28 -2.15 8.62
C SER A 19 -11.55 -0.90 9.06
N GLU A 20 -12.27 0.05 9.60
CA GLU A 20 -11.68 1.32 10.04
C GLU A 20 -10.53 1.07 11.01
N GLU A 21 -10.70 0.06 11.86
CA GLU A 21 -9.69 -0.34 12.81
C GLU A 21 -8.41 -0.73 12.10
N MET A 22 -8.56 -1.47 11.00
CA MET A 22 -7.43 -1.94 10.22
C MET A 22 -6.79 -0.77 9.51
N ILE A 23 -7.64 0.08 8.94
CA ILE A 23 -7.20 1.27 8.23
C ILE A 23 -6.32 2.15 9.13
N ALA A 24 -6.71 2.29 10.39
CA ALA A 24 -5.95 3.09 11.34
C ALA A 24 -4.57 2.48 11.59
N GLU A 25 -4.53 1.17 11.76
CA GLU A 25 -3.26 0.45 11.99
C GLU A 25 -2.36 0.56 10.77
N PHE A 26 -2.95 0.50 9.59
CA PHE A 26 -2.21 0.64 8.35
C PHE A 26 -1.76 2.09 8.16
N LYS A 27 -2.57 3.02 8.64
CA LYS A 27 -2.25 4.44 8.58
C LYS A 27 -1.00 4.72 9.41
N ALA A 28 -0.99 4.21 10.64
CA ALA A 28 0.15 4.37 11.53
C ALA A 28 1.42 3.78 10.92
N ALA A 29 1.25 2.70 10.16
CA ALA A 29 2.36 2.05 9.47
C ALA A 29 2.85 2.94 8.33
N PHE A 30 1.91 3.57 7.65
CA PHE A 30 2.21 4.49 6.56
C PHE A 30 3.03 5.67 7.08
N ASP A 31 2.61 6.20 8.24
CA ASP A 31 3.28 7.36 8.86
C ASP A 31 4.71 7.05 9.25
N MET A 32 5.02 5.78 9.40
CA MET A 32 6.38 5.36 9.76
C MET A 32 7.36 5.70 8.64
N PHE A 33 6.84 5.78 7.42
CA PHE A 33 7.65 6.10 6.27
C PHE A 33 7.32 7.49 5.74
N ASP A 34 6.25 8.07 6.26
CA ASP A 34 5.86 9.43 5.91
C ASP A 34 5.99 10.33 7.13
N ALA A 35 7.22 10.74 7.39
CA ALA A 35 7.52 11.55 8.57
C ALA A 35 7.25 13.02 8.32
N ASP A 36 7.41 13.46 7.07
CA ASP A 36 7.20 14.86 6.72
C ASP A 36 5.72 15.18 6.57
N GLY A 37 4.88 14.16 6.65
CA GLY A 37 3.46 14.35 6.56
C GLY A 37 3.04 14.84 5.19
N GLY A 38 3.54 14.20 4.17
CA GLY A 38 3.21 14.60 2.83
C GLY A 38 2.14 13.72 2.24
N GLY A 39 2.19 12.45 2.61
CA GLY A 39 1.24 11.50 2.10
C GLY A 39 1.83 10.68 0.99
N GLU A 40 3.14 10.53 1.02
CA GLU A 40 3.87 9.78 0.01
C GLU A 40 4.92 8.89 0.64
N ILE A 41 4.97 7.64 0.21
CA ILE A 41 5.98 6.71 0.68
C ILE A 41 6.61 5.99 -0.49
N SER A 42 7.76 5.39 -0.26
CA SER A 42 8.48 4.66 -1.29
C SER A 42 7.74 3.37 -1.63
N ALA A 43 7.62 3.06 -2.91
CA ALA A 43 6.93 1.87 -3.37
C ALA A 43 7.64 0.61 -2.89
N LYS A 44 8.96 0.63 -2.95
CA LYS A 44 9.77 -0.51 -2.50
C LYS A 44 9.61 -0.76 -1.01
N ALA A 45 9.27 0.30 -0.28
CA ALA A 45 9.11 0.20 1.18
C ALA A 45 7.85 -0.57 1.54
N PHE A 46 6.91 -0.66 0.58
CA PHE A 46 5.65 -1.37 0.80
C PHE A 46 5.91 -2.82 1.17
N GLY A 47 6.92 -3.42 0.57
CA GLY A 47 7.26 -4.80 0.86
C GLY A 47 7.61 -5.00 2.31
N THR A 48 8.47 -4.13 2.83
CA THR A 48 8.89 -4.20 4.22
C THR A 48 7.70 -4.02 5.16
N VAL A 49 6.85 -3.04 4.85
CA VAL A 49 5.68 -2.76 5.67
C VAL A 49 4.74 -3.96 5.72
N ALA A 50 4.47 -4.53 4.56
CA ALA A 50 3.59 -5.69 4.46
C ALA A 50 4.17 -6.87 5.23
N ARG A 51 5.45 -7.15 5.02
CA ARG A 51 6.12 -8.26 5.68
C ARG A 51 6.05 -8.14 7.20
N MET A 52 6.38 -6.96 7.73
CA MET A 52 6.41 -6.76 9.18
C MET A 52 5.01 -6.79 9.79
N ASN A 53 3.99 -6.56 8.96
CA ASN A 53 2.62 -6.58 9.43
C ASN A 53 1.98 -7.93 9.18
N ASN A 54 2.82 -8.91 8.81
CA ASN A 54 2.37 -10.29 8.55
C ASN A 54 1.37 -10.33 7.40
N VAL A 55 1.56 -9.45 6.44
CA VAL A 55 0.69 -9.38 5.28
C VAL A 55 1.33 -10.13 4.11
N PRO A 56 0.67 -11.20 3.63
CA PRO A 56 1.14 -11.97 2.49
C PRO A 56 1.25 -11.09 1.25
N VAL A 57 2.46 -10.91 0.77
CA VAL A 57 2.71 -10.04 -0.37
C VAL A 57 2.52 -10.79 -1.68
N ASP A 58 1.60 -10.30 -2.50
CA ASP A 58 1.32 -10.89 -3.79
C ASP A 58 2.40 -10.54 -4.83
N PRO A 59 2.87 -11.55 -5.59
CA PRO A 59 3.91 -11.36 -6.61
C PRO A 59 3.49 -10.40 -7.72
N ARG A 60 2.19 -10.37 -8.04
CA ARG A 60 1.70 -9.49 -9.10
C ARG A 60 1.68 -8.05 -8.64
N VAL A 61 1.29 -7.83 -7.39
CA VAL A 61 1.32 -6.49 -6.83
C VAL A 61 2.75 -6.00 -6.79
N GLN A 62 3.67 -6.86 -6.33
CA GLN A 62 5.10 -6.51 -6.30
C GLN A 62 5.61 -6.24 -7.69
N GLU A 63 5.12 -7.02 -8.65
CA GLU A 63 5.46 -6.85 -10.05
C GLU A 63 5.11 -5.43 -10.49
N TYR A 64 3.90 -5.04 -10.19
CA TYR A 64 3.41 -3.71 -10.51
C TYR A 64 4.15 -2.64 -9.68
N VAL A 65 4.42 -2.95 -8.43
CA VAL A 65 5.14 -2.04 -7.53
C VAL A 65 6.55 -1.74 -8.03
N LYS A 66 7.30 -2.79 -8.41
CA LYS A 66 8.64 -2.61 -8.91
C LYS A 66 8.63 -1.83 -10.22
N ARG A 67 7.65 -2.11 -11.08
CA ARG A 67 7.55 -1.43 -12.37
C ARG A 67 7.50 0.07 -12.17
N LEU A 68 6.78 0.51 -11.14
CA LEU A 68 6.65 1.93 -10.82
C LEU A 68 8.03 2.54 -10.57
N THR A 69 8.82 1.90 -9.73
CA THR A 69 10.12 2.43 -9.36
C THR A 69 11.15 2.18 -10.47
N ASP A 70 10.86 1.23 -11.37
CA ASP A 70 11.76 0.95 -12.47
C ASP A 70 11.63 2.00 -13.57
N GLN A 71 10.40 2.46 -13.81
CA GLN A 71 10.15 3.45 -14.85
C GLN A 71 10.30 4.88 -14.33
N ASP A 72 9.83 5.13 -13.11
CA ASP A 72 9.88 6.47 -12.52
C ASP A 72 11.12 6.68 -11.67
N GLY A 73 11.98 5.67 -11.62
CA GLY A 73 13.19 5.77 -10.84
C GLY A 73 12.92 5.56 -9.36
N SER A 74 12.08 6.39 -8.80
CA SER A 74 11.69 6.26 -7.42
C SER A 74 10.18 6.12 -7.35
N GLY A 75 9.72 4.90 -7.10
CA GLY A 75 8.31 4.64 -7.00
C GLY A 75 7.72 5.25 -5.75
N THR A 76 6.63 5.96 -5.91
CA THR A 76 5.99 6.60 -4.79
C THR A 76 4.49 6.33 -4.77
N ILE A 77 3.98 5.98 -3.61
CA ILE A 77 2.55 5.72 -3.44
C ILE A 77 1.99 6.55 -2.29
N SER A 78 0.69 6.79 -2.33
CA SER A 78 0.04 7.56 -1.30
C SER A 78 -0.74 6.65 -0.35
N PHE A 79 -1.48 7.25 0.58
CA PHE A 79 -2.25 6.51 1.57
C PHE A 79 -3.33 5.66 0.90
N GLU A 80 -4.04 6.25 -0.05
CA GLU A 80 -5.07 5.55 -0.79
C GLU A 80 -4.49 4.31 -1.44
N GLU A 81 -3.35 4.50 -2.10
CA GLU A 81 -2.64 3.41 -2.77
C GLU A 81 -2.25 2.33 -1.79
N PHE A 82 -1.62 2.75 -0.69
CA PHE A 82 -1.15 1.83 0.34
C PHE A 82 -2.25 0.88 0.81
N LEU A 83 -3.42 1.44 1.12
CA LEU A 83 -4.55 0.63 1.57
C LEU A 83 -4.98 -0.35 0.48
N VAL A 84 -5.22 0.19 -0.71
CA VAL A 84 -5.68 -0.61 -1.85
C VAL A 84 -4.74 -1.78 -2.14
N LEU A 85 -3.44 -1.52 -2.10
CA LEU A 85 -2.44 -2.55 -2.37
C LEU A 85 -2.49 -3.65 -1.32
N MET A 86 -2.61 -3.28 -0.05
CA MET A 86 -2.72 -4.24 1.03
C MET A 86 -3.94 -5.13 0.83
N VAL A 87 -5.01 -4.52 0.35
CA VAL A 87 -6.25 -5.21 0.09
C VAL A 87 -6.08 -6.26 -1.01
N LYS A 88 -5.56 -5.83 -2.15
CA LYS A 88 -5.36 -6.72 -3.28
C LYS A 88 -4.37 -7.83 -2.96
N SER A 89 -3.35 -7.49 -2.18
CA SER A 89 -2.32 -8.45 -1.82
C SER A 89 -2.92 -9.65 -1.06
N MET A 90 -3.73 -9.35 -0.04
CA MET A 90 -4.33 -10.43 0.76
C MET A 90 -5.49 -11.08 0.01
N LYS A 91 -6.23 -10.29 -0.74
CA LYS A 91 -7.38 -10.78 -1.48
C LYS A 91 -6.94 -11.77 -2.57
N GLN A 92 -5.85 -11.46 -3.24
CA GLN A 92 -5.33 -12.31 -4.30
C GLN A 92 -4.61 -13.53 -3.71
N ASP A 93 -3.81 -13.32 -2.68
CA ASP A 93 -3.07 -14.42 -2.05
C ASP A 93 -4.01 -15.45 -1.47
N ALA A 94 -4.01 -16.63 -2.06
CA ALA A 94 -4.83 -17.72 -1.60
C ALA A 94 -4.19 -18.39 -0.40
N ALA A 5 -0.65 8.22 -10.48
CA ALA A 5 -1.34 7.64 -9.30
C ALA A 5 -2.73 7.16 -9.67
N SER A 6 -3.34 6.36 -8.81
CA SER A 6 -4.67 5.86 -9.04
C SER A 6 -5.71 6.91 -8.64
N MET A 7 -6.98 6.60 -8.84
CA MET A 7 -8.07 7.51 -8.52
C MET A 7 -8.73 7.11 -7.21
N SER A 8 -9.38 8.06 -6.55
CA SER A 8 -10.03 7.82 -5.26
C SER A 8 -11.17 6.80 -5.35
N ASP A 9 -11.52 6.38 -6.55
CA ASP A 9 -12.55 5.35 -6.74
C ASP A 9 -12.08 4.05 -6.10
N GLU A 10 -10.77 3.87 -6.09
CA GLU A 10 -10.17 2.68 -5.51
C GLU A 10 -10.21 2.76 -3.99
N GLN A 11 -10.20 3.99 -3.46
CA GLN A 11 -10.26 4.20 -2.03
C GLN A 11 -11.54 3.62 -1.45
N ALA A 12 -12.63 3.73 -2.23
CA ALA A 12 -13.93 3.21 -1.83
C ALA A 12 -13.86 1.71 -1.63
N GLU A 13 -13.25 1.02 -2.59
CA GLU A 13 -13.07 -0.41 -2.53
C GLU A 13 -12.24 -0.80 -1.32
N ALA A 14 -11.16 -0.07 -1.11
CA ALA A 14 -10.26 -0.32 0.01
C ALA A 14 -10.99 -0.21 1.33
N ARG A 15 -11.73 0.87 1.51
CA ARG A 15 -12.46 1.11 2.74
C ARG A 15 -13.65 0.14 2.90
N ALA A 16 -14.08 -0.44 1.79
CA ALA A 16 -15.19 -1.39 1.83
C ALA A 16 -14.71 -2.75 2.31
N PHE A 17 -13.53 -3.13 1.88
CA PHE A 17 -12.93 -4.40 2.27
C PHE A 17 -12.28 -4.29 3.63
N LEU A 18 -11.48 -3.26 3.82
CA LEU A 18 -10.79 -3.07 5.07
C LEU A 18 -11.72 -2.55 6.13
N SER A 19 -11.69 -3.18 7.27
CA SER A 19 -12.50 -2.77 8.38
C SER A 19 -11.81 -1.63 9.12
N GLU A 20 -12.54 -0.98 10.02
CA GLU A 20 -12.03 0.15 10.79
C GLU A 20 -10.67 -0.17 11.42
N GLU A 21 -10.58 -1.34 12.05
CA GLU A 21 -9.36 -1.77 12.70
C GLU A 21 -8.24 -1.97 11.69
N MET A 22 -8.58 -2.57 10.55
CA MET A 22 -7.59 -2.84 9.51
C MET A 22 -7.04 -1.54 8.94
N ILE A 23 -7.94 -0.60 8.68
CA ILE A 23 -7.57 0.71 8.18
C ILE A 23 -6.64 1.40 9.17
N ALA A 24 -6.99 1.33 10.45
CA ALA A 24 -6.20 1.94 11.51
C ALA A 24 -4.78 1.38 11.55
N GLU A 25 -4.66 0.04 11.55
CA GLU A 25 -3.36 -0.61 11.58
C GLU A 25 -2.50 -0.21 10.39
N PHE A 26 -3.09 -0.17 9.21
CA PHE A 26 -2.37 0.21 8.01
C PHE A 26 -2.02 1.68 8.02
N LYS A 27 -2.89 2.49 8.61
CA LYS A 27 -2.66 3.92 8.75
C LYS A 27 -1.45 4.18 9.62
N ALA A 28 -1.42 3.54 10.79
CA ALA A 28 -0.32 3.68 11.72
C ALA A 28 0.99 3.20 11.11
N ALA A 29 0.89 2.15 10.30
CA ALA A 29 2.05 1.58 9.62
C ALA A 29 2.60 2.57 8.61
N PHE A 30 1.71 3.21 7.87
CA PHE A 30 2.09 4.20 6.88
C PHE A 30 2.82 5.38 7.56
N ASP A 31 2.27 5.82 8.69
CA ASP A 31 2.85 6.94 9.45
C ASP A 31 4.28 6.66 9.89
N MET A 32 4.63 5.39 10.03
CA MET A 32 5.98 5.00 10.45
C MET A 32 7.01 5.43 9.40
N PHE A 33 6.66 5.30 8.15
CA PHE A 33 7.57 5.66 7.07
C PHE A 33 7.38 7.10 6.66
N ASP A 34 6.14 7.55 6.67
CA ASP A 34 5.83 8.93 6.33
C ASP A 34 5.82 9.78 7.60
N ALA A 35 6.99 10.19 8.03
CA ALA A 35 7.14 10.94 9.27
C ALA A 35 6.88 12.43 9.08
N ASP A 36 7.05 12.92 7.86
CA ASP A 36 6.90 14.34 7.58
C ASP A 36 5.43 14.73 7.39
N GLY A 37 4.58 13.73 7.24
CA GLY A 37 3.17 14.01 7.07
C GLY A 37 2.84 14.37 5.64
N GLY A 38 3.64 13.86 4.72
CA GLY A 38 3.43 14.14 3.32
C GLY A 38 2.28 13.36 2.76
N GLY A 39 2.30 12.07 3.01
CA GLY A 39 1.23 11.21 2.53
C GLY A 39 1.66 10.33 1.39
N GLU A 40 2.97 10.15 1.22
CA GLU A 40 3.51 9.32 0.15
C GLU A 40 4.82 8.67 0.56
N ILE A 41 4.90 7.36 0.34
CA ILE A 41 6.11 6.63 0.63
C ILE A 41 6.63 5.98 -0.64
N SER A 42 7.87 5.55 -0.62
CA SER A 42 8.47 4.89 -1.75
C SER A 42 7.76 3.56 -2.02
N ALA A 43 7.54 3.25 -3.29
CA ALA A 43 6.86 2.03 -3.69
C ALA A 43 7.58 0.80 -3.13
N LYS A 44 8.90 0.84 -3.12
CA LYS A 44 9.71 -0.27 -2.64
C LYS A 44 9.55 -0.48 -1.13
N ALA A 45 9.13 0.57 -0.44
CA ALA A 45 8.97 0.51 1.01
C ALA A 45 7.76 -0.34 1.40
N PHE A 46 6.81 -0.47 0.47
CA PHE A 46 5.58 -1.25 0.71
C PHE A 46 5.90 -2.67 1.13
N GLY A 47 6.92 -3.25 0.50
CA GLY A 47 7.30 -4.61 0.82
C GLY A 47 7.73 -4.76 2.27
N THR A 48 8.56 -3.85 2.72
CA THR A 48 9.05 -3.89 4.08
C THR A 48 7.93 -3.63 5.08
N VAL A 49 7.05 -2.67 4.78
CA VAL A 49 5.92 -2.34 5.66
C VAL A 49 5.03 -3.56 5.86
N ALA A 50 4.63 -4.17 4.76
CA ALA A 50 3.76 -5.33 4.81
C ALA A 50 4.42 -6.48 5.56
N ARG A 51 5.69 -6.74 5.27
CA ARG A 51 6.42 -7.83 5.90
C ARG A 51 6.58 -7.63 7.40
N MET A 52 6.89 -6.41 7.82
CA MET A 52 7.07 -6.12 9.25
C MET A 52 5.75 -6.21 10.00
N ASN A 53 4.66 -6.05 9.27
CA ASN A 53 3.33 -6.14 9.86
C ASN A 53 2.75 -7.53 9.66
N ASN A 54 3.59 -8.43 9.13
CA ASN A 54 3.22 -9.84 8.88
C ASN A 54 2.03 -9.95 7.93
N VAL A 55 1.92 -8.99 7.03
CA VAL A 55 0.86 -8.98 6.04
C VAL A 55 1.31 -9.75 4.80
N PRO A 56 0.50 -10.70 4.32
CA PRO A 56 0.82 -11.50 3.13
C PRO A 56 1.13 -10.64 1.90
N VAL A 57 2.38 -10.61 1.49
CA VAL A 57 2.78 -9.86 0.32
C VAL A 57 2.67 -10.72 -0.91
N ASP A 58 1.81 -10.32 -1.81
CA ASP A 58 1.62 -11.06 -3.05
C ASP A 58 2.70 -10.72 -4.08
N PRO A 59 3.30 -11.74 -4.71
CA PRO A 59 4.36 -11.56 -5.71
C PRO A 59 3.87 -10.80 -6.95
N ARG A 60 2.60 -10.93 -7.27
CA ARG A 60 2.03 -10.25 -8.42
C ARG A 60 1.91 -8.76 -8.14
N VAL A 61 1.44 -8.44 -6.94
CA VAL A 61 1.33 -7.05 -6.52
C VAL A 61 2.72 -6.42 -6.48
N GLN A 62 3.70 -7.12 -5.87
CA GLN A 62 5.08 -6.63 -5.83
C GLN A 62 5.61 -6.34 -7.23
N GLU A 63 5.34 -7.26 -8.15
CA GLU A 63 5.73 -7.11 -9.54
C GLU A 63 5.19 -5.80 -10.10
N TYR A 64 3.93 -5.53 -9.83
CA TYR A 64 3.27 -4.33 -10.28
C TYR A 64 3.77 -3.08 -9.54
N VAL A 65 3.98 -3.21 -8.23
CA VAL A 65 4.47 -2.10 -7.40
C VAL A 65 5.80 -1.58 -7.90
N LYS A 66 6.73 -2.49 -8.16
CA LYS A 66 8.06 -2.10 -8.60
C LYS A 66 8.01 -1.44 -9.98
N ARG A 67 7.04 -1.84 -10.80
CA ARG A 67 6.90 -1.28 -12.14
C ARG A 67 6.72 0.22 -12.09
N LEU A 68 6.08 0.71 -11.03
CA LEU A 68 5.84 2.14 -10.86
C LEU A 68 7.17 2.90 -10.83
N THR A 69 8.09 2.43 -10.00
CA THR A 69 9.37 3.09 -9.85
C THR A 69 10.31 2.74 -11.01
N ASP A 70 9.99 1.70 -11.76
CA ASP A 70 10.81 1.31 -12.90
C ASP A 70 10.47 2.13 -14.13
N GLN A 71 9.19 2.30 -14.38
CA GLN A 71 8.73 3.02 -15.55
C GLN A 71 9.01 4.53 -15.46
N ASP A 72 8.75 5.11 -14.28
CA ASP A 72 8.91 6.56 -14.10
C ASP A 72 10.24 6.90 -13.47
N GLY A 73 11.02 5.89 -13.13
CA GLY A 73 12.28 6.15 -12.44
C GLY A 73 12.05 6.30 -10.96
N SER A 74 11.05 7.11 -10.62
CA SER A 74 10.65 7.32 -9.26
C SER A 74 9.21 6.86 -9.09
N GLY A 75 8.95 6.11 -8.03
CA GLY A 75 7.61 5.61 -7.79
C GLY A 75 7.21 5.75 -6.34
N THR A 76 6.26 6.61 -6.07
CA THR A 76 5.77 6.83 -4.73
C THR A 76 4.31 6.45 -4.63
N ILE A 77 3.91 6.00 -3.47
CA ILE A 77 2.53 5.60 -3.25
C ILE A 77 1.95 6.34 -2.07
N SER A 78 0.79 6.94 -2.29
CA SER A 78 0.11 7.66 -1.23
C SER A 78 -0.62 6.67 -0.32
N PHE A 79 -1.20 7.18 0.75
CA PHE A 79 -1.95 6.35 1.69
C PHE A 79 -3.13 5.68 0.99
N GLU A 80 -3.70 6.38 0.03
CA GLU A 80 -4.79 5.86 -0.77
C GLU A 80 -4.33 4.58 -1.48
N GLU A 81 -3.20 4.69 -2.17
CA GLU A 81 -2.60 3.58 -2.87
C GLU A 81 -2.22 2.46 -1.90
N PHE A 82 -1.62 2.85 -0.78
CA PHE A 82 -1.19 1.91 0.26
C PHE A 82 -2.34 0.99 0.69
N LEU A 83 -3.50 1.57 0.97
CA LEU A 83 -4.65 0.79 1.38
C LEU A 83 -5.07 -0.18 0.28
N VAL A 84 -5.22 0.33 -0.94
CA VAL A 84 -5.62 -0.49 -2.07
C VAL A 84 -4.62 -1.64 -2.31
N LEU A 85 -3.34 -1.35 -2.13
CA LEU A 85 -2.30 -2.37 -2.29
C LEU A 85 -2.49 -3.49 -1.27
N MET A 86 -2.76 -3.10 -0.02
CA MET A 86 -3.00 -4.08 1.05
C MET A 86 -4.24 -4.90 0.74
N VAL A 87 -5.23 -4.25 0.14
CA VAL A 87 -6.47 -4.90 -0.26
C VAL A 87 -6.18 -6.05 -1.22
N LYS A 88 -5.46 -5.73 -2.29
CA LYS A 88 -5.13 -6.71 -3.30
C LYS A 88 -4.18 -7.78 -2.76
N SER A 89 -3.26 -7.39 -1.89
CA SER A 89 -2.29 -8.34 -1.33
C SER A 89 -2.98 -9.43 -0.50
N MET A 90 -3.87 -9.03 0.41
CA MET A 90 -4.55 -10.00 1.27
C MET A 90 -5.61 -10.79 0.51
N LYS A 91 -6.15 -10.18 -0.53
CA LYS A 91 -7.22 -10.79 -1.30
C LYS A 91 -6.67 -11.74 -2.38
N GLN A 92 -5.54 -11.37 -2.97
CA GLN A 92 -4.94 -12.19 -4.02
C GLN A 92 -4.11 -13.34 -3.43
N ASP A 93 -3.26 -13.03 -2.47
CA ASP A 93 -2.41 -14.04 -1.85
C ASP A 93 -3.25 -14.95 -0.96
N ALA A 94 -3.39 -16.20 -1.35
CA ALA A 94 -4.17 -17.15 -0.58
C ALA A 94 -3.46 -18.50 -0.53
N ALA A 5 -13.81 7.34 -9.67
CA ALA A 5 -13.28 8.49 -10.43
C ALA A 5 -11.79 8.68 -10.17
N SER A 6 -11.02 8.75 -11.26
CA SER A 6 -9.57 8.97 -11.20
C SER A 6 -8.82 7.78 -10.59
N MET A 7 -8.94 7.61 -9.27
CA MET A 7 -8.26 6.53 -8.56
C MET A 7 -8.82 6.37 -7.15
N SER A 8 -9.42 7.44 -6.64
CA SER A 8 -10.00 7.46 -5.30
C SER A 8 -11.14 6.45 -5.17
N ASP A 9 -11.68 6.02 -6.31
CA ASP A 9 -12.77 5.04 -6.33
C ASP A 9 -12.32 3.73 -5.71
N GLU A 10 -11.04 3.40 -5.90
CA GLU A 10 -10.50 2.18 -5.35
C GLU A 10 -10.38 2.28 -3.83
N GLN A 11 -10.25 3.50 -3.32
CA GLN A 11 -10.19 3.72 -1.89
C GLN A 11 -11.54 3.39 -1.26
N ALA A 12 -12.60 3.66 -2.00
CA ALA A 12 -13.94 3.34 -1.53
C ALA A 12 -14.08 1.83 -1.37
N GLU A 13 -13.44 1.10 -2.29
CA GLU A 13 -13.43 -0.35 -2.23
C GLU A 13 -12.61 -0.82 -1.03
N ALA A 14 -11.42 -0.27 -0.91
CA ALA A 14 -10.51 -0.60 0.18
C ALA A 14 -11.11 -0.25 1.54
N ARG A 15 -11.86 0.85 1.57
CA ARG A 15 -12.51 1.31 2.80
C ARG A 15 -13.61 0.36 3.23
N ALA A 16 -14.07 -0.46 2.29
CA ALA A 16 -15.09 -1.45 2.58
C ALA A 16 -14.46 -2.75 3.03
N PHE A 17 -13.35 -3.09 2.40
CA PHE A 17 -12.62 -4.31 2.72
C PHE A 17 -11.95 -4.17 4.09
N LEU A 18 -11.33 -3.03 4.31
CA LEU A 18 -10.63 -2.76 5.55
C LEU A 18 -11.50 -1.95 6.50
N SER A 19 -11.57 -2.38 7.74
CA SER A 19 -12.33 -1.67 8.74
C SER A 19 -11.50 -0.50 9.25
N GLU A 20 -12.13 0.47 9.90
CA GLU A 20 -11.42 1.66 10.38
C GLU A 20 -10.27 1.29 11.31
N GLU A 21 -10.47 0.29 12.16
CA GLU A 21 -9.40 -0.16 13.06
C GLU A 21 -8.21 -0.65 12.26
N MET A 22 -8.49 -1.37 11.17
CA MET A 22 -7.45 -1.89 10.29
C MET A 22 -6.73 -0.74 9.63
N ILE A 23 -7.51 0.17 9.08
CA ILE A 23 -6.98 1.36 8.41
C ILE A 23 -6.07 2.15 9.33
N ALA A 24 -6.44 2.26 10.59
CA ALA A 24 -5.64 2.95 11.58
C ALA A 24 -4.26 2.30 11.72
N GLU A 25 -4.26 0.97 11.76
CA GLU A 25 -3.02 0.22 11.89
C GLU A 25 -2.16 0.37 10.63
N PHE A 26 -2.82 0.33 9.48
CA PHE A 26 -2.12 0.51 8.22
C PHE A 26 -1.57 1.93 8.12
N LYS A 27 -2.31 2.89 8.66
CA LYS A 27 -1.87 4.28 8.69
C LYS A 27 -0.64 4.40 9.56
N ALA A 28 -0.67 3.75 10.72
CA ALA A 28 0.46 3.76 11.64
C ALA A 28 1.70 3.14 11.00
N ALA A 29 1.49 2.10 10.22
CA ALA A 29 2.58 1.43 9.52
C ALA A 29 3.13 2.33 8.42
N PHE A 30 2.22 2.89 7.63
CA PHE A 30 2.57 3.82 6.55
C PHE A 30 3.29 5.04 7.13
N ASP A 31 2.79 5.51 8.26
CA ASP A 31 3.31 6.67 8.97
C ASP A 31 4.80 6.53 9.29
N MET A 32 5.22 5.30 9.56
CA MET A 32 6.61 5.02 9.89
C MET A 32 7.54 5.32 8.72
N PHE A 33 7.05 5.17 7.51
CA PHE A 33 7.87 5.39 6.32
C PHE A 33 7.63 6.76 5.71
N ASP A 34 6.64 7.46 6.20
CA ASP A 34 6.39 8.81 5.74
C ASP A 34 7.25 9.77 6.57
N ALA A 35 8.26 10.33 5.93
CA ALA A 35 9.21 11.19 6.62
C ALA A 35 8.58 12.49 7.10
N ASP A 36 7.64 13.03 6.35
CA ASP A 36 7.05 14.32 6.70
C ASP A 36 5.60 14.20 7.15
N GLY A 37 4.96 13.12 6.77
CA GLY A 37 3.58 12.94 7.11
C GLY A 37 2.70 13.56 6.06
N GLY A 38 3.01 13.26 4.80
CA GLY A 38 2.26 13.84 3.70
C GLY A 38 1.29 12.87 3.08
N GLY A 39 1.48 11.60 3.38
CA GLY A 39 0.62 10.59 2.84
C GLY A 39 1.22 9.96 1.62
N GLU A 40 2.55 9.95 1.56
CA GLU A 40 3.28 9.38 0.43
C GLU A 40 4.56 8.70 0.90
N ILE A 41 4.77 7.47 0.45
CA ILE A 41 5.99 6.75 0.77
C ILE A 41 6.55 6.13 -0.50
N SER A 42 7.76 5.62 -0.42
CA SER A 42 8.37 4.98 -1.56
C SER A 42 7.72 3.62 -1.79
N ALA A 43 7.65 3.23 -3.05
CA ALA A 43 7.06 1.97 -3.42
C ALA A 43 7.86 0.81 -2.82
N LYS A 44 9.18 0.97 -2.78
CA LYS A 44 10.08 -0.05 -2.24
C LYS A 44 9.72 -0.41 -0.80
N ALA A 45 9.19 0.57 -0.08
CA ALA A 45 8.85 0.39 1.32
C ALA A 45 7.61 -0.48 1.50
N PHE A 46 6.77 -0.56 0.47
CA PHE A 46 5.53 -1.33 0.55
C PHE A 46 5.80 -2.79 0.90
N GLY A 47 6.74 -3.40 0.19
CA GLY A 47 7.09 -4.79 0.47
C GLY A 47 7.60 -4.97 1.88
N THR A 48 8.40 -4.03 2.33
CA THR A 48 8.96 -4.06 3.66
C THR A 48 7.85 -3.97 4.71
N VAL A 49 6.93 -3.04 4.53
CA VAL A 49 5.82 -2.85 5.45
C VAL A 49 4.96 -4.10 5.50
N ALA A 50 4.67 -4.66 4.34
CA ALA A 50 3.86 -5.87 4.25
C ALA A 50 4.48 -7.02 5.01
N ARG A 51 5.77 -7.25 4.79
CA ARG A 51 6.48 -8.35 5.43
C ARG A 51 6.54 -8.17 6.95
N MET A 52 6.85 -6.96 7.41
CA MET A 52 6.98 -6.72 8.85
C MET A 52 5.62 -6.77 9.55
N ASN A 53 4.55 -6.63 8.77
CA ASN A 53 3.20 -6.69 9.34
C ASN A 53 2.58 -8.06 9.11
N ASN A 54 3.38 -8.97 8.58
CA ASN A 54 2.95 -10.35 8.29
C ASN A 54 1.79 -10.37 7.29
N VAL A 55 1.78 -9.40 6.41
CA VAL A 55 0.76 -9.31 5.38
C VAL A 55 1.23 -10.04 4.13
N PRO A 56 0.40 -10.95 3.60
CA PRO A 56 0.73 -11.70 2.40
C PRO A 56 0.77 -10.80 1.16
N VAL A 57 1.96 -10.41 0.76
CA VAL A 57 2.13 -9.58 -0.42
C VAL A 57 2.15 -10.43 -1.68
N ASP A 58 1.29 -10.08 -2.64
CA ASP A 58 1.19 -10.82 -3.88
C ASP A 58 2.45 -10.69 -4.72
N PRO A 59 2.98 -11.81 -5.22
CA PRO A 59 4.21 -11.82 -6.04
C PRO A 59 4.10 -10.92 -7.27
N ARG A 60 2.93 -10.88 -7.91
CA ARG A 60 2.73 -10.06 -9.09
C ARG A 60 2.73 -8.59 -8.71
N VAL A 61 1.95 -8.25 -7.69
CA VAL A 61 1.88 -6.87 -7.19
C VAL A 61 3.25 -6.43 -6.69
N GLN A 62 3.98 -7.35 -6.06
CA GLN A 62 5.32 -7.06 -5.55
C GLN A 62 6.24 -6.64 -6.70
N GLU A 63 6.18 -7.39 -7.80
CA GLU A 63 6.97 -7.08 -8.98
C GLU A 63 6.50 -5.76 -9.57
N TYR A 64 5.20 -5.57 -9.57
CA TYR A 64 4.57 -4.33 -10.02
C TYR A 64 5.03 -3.15 -9.16
N VAL A 65 5.17 -3.39 -7.86
CA VAL A 65 5.62 -2.37 -6.92
C VAL A 65 7.05 -1.92 -7.23
N LYS A 66 7.96 -2.87 -7.41
CA LYS A 66 9.34 -2.52 -7.71
C LYS A 66 9.44 -1.90 -9.10
N ARG A 67 8.54 -2.29 -9.98
CA ARG A 67 8.50 -1.74 -11.32
C ARG A 67 7.99 -0.30 -11.33
N LEU A 68 7.14 0.03 -10.36
CA LEU A 68 6.62 1.40 -10.24
C LEU A 68 7.76 2.39 -10.10
N THR A 69 8.62 2.14 -9.12
CA THR A 69 9.77 3.01 -8.89
C THR A 69 10.81 2.84 -9.98
N ASP A 70 10.84 1.66 -10.58
CA ASP A 70 11.80 1.33 -11.61
C ASP A 70 11.54 2.12 -12.90
N GLN A 71 10.27 2.34 -13.20
CA GLN A 71 9.89 3.10 -14.40
C GLN A 71 9.62 4.56 -14.09
N ASP A 72 9.74 4.93 -12.83
CA ASP A 72 9.48 6.31 -12.41
C ASP A 72 10.77 7.03 -12.04
N GLY A 73 11.61 6.36 -11.28
CA GLY A 73 12.82 6.99 -10.80
C GLY A 73 12.79 7.12 -9.30
N SER A 74 11.63 7.41 -8.77
CA SER A 74 11.45 7.52 -7.33
C SER A 74 10.43 6.49 -6.86
N GLY A 75 9.27 6.48 -7.50
CA GLY A 75 8.23 5.53 -7.15
C GLY A 75 7.61 5.81 -5.80
N THR A 76 6.58 6.60 -5.79
CA THR A 76 5.92 6.97 -4.57
C THR A 76 4.45 6.56 -4.61
N ILE A 77 3.98 6.02 -3.51
CA ILE A 77 2.59 5.64 -3.38
C ILE A 77 1.95 6.37 -2.25
N SER A 78 0.79 6.93 -2.51
CA SER A 78 0.05 7.65 -1.51
C SER A 78 -0.63 6.67 -0.55
N PHE A 79 -1.10 7.17 0.59
CA PHE A 79 -1.78 6.33 1.58
C PHE A 79 -2.99 5.66 0.97
N GLU A 80 -3.64 6.35 0.04
CA GLU A 80 -4.77 5.81 -0.68
C GLU A 80 -4.37 4.51 -1.39
N GLU A 81 -3.29 4.60 -2.15
CA GLU A 81 -2.76 3.44 -2.86
C GLU A 81 -2.32 2.35 -1.90
N PHE A 82 -1.66 2.75 -0.80
CA PHE A 82 -1.19 1.80 0.20
C PHE A 82 -2.30 0.87 0.66
N LEU A 83 -3.46 1.44 0.99
CA LEU A 83 -4.60 0.65 1.43
C LEU A 83 -5.09 -0.27 0.32
N VAL A 84 -5.23 0.28 -0.87
CA VAL A 84 -5.72 -0.47 -2.02
C VAL A 84 -4.77 -1.63 -2.38
N LEU A 85 -3.47 -1.35 -2.40
CA LEU A 85 -2.47 -2.35 -2.72
C LEU A 85 -2.51 -3.50 -1.71
N MET A 86 -2.69 -3.16 -0.44
CA MET A 86 -2.79 -4.18 0.62
C MET A 86 -4.00 -5.07 0.40
N VAL A 87 -5.12 -4.45 0.05
CA VAL A 87 -6.36 -5.17 -0.22
C VAL A 87 -6.16 -6.16 -1.37
N LYS A 88 -5.59 -5.70 -2.46
CA LYS A 88 -5.34 -6.55 -3.63
C LYS A 88 -4.40 -7.69 -3.30
N SER A 89 -3.34 -7.40 -2.56
CA SER A 89 -2.36 -8.40 -2.18
C SER A 89 -2.99 -9.49 -1.33
N MET A 90 -3.85 -9.09 -0.39
CA MET A 90 -4.52 -10.05 0.48
C MET A 90 -5.64 -10.76 -0.26
N LYS A 91 -6.26 -10.05 -1.20
CA LYS A 91 -7.34 -10.62 -2.02
C LYS A 91 -6.81 -11.77 -2.88
N GLN A 92 -5.58 -11.63 -3.34
CA GLN A 92 -4.97 -12.66 -4.15
C GLN A 92 -4.67 -13.90 -3.31
N ASP A 93 -4.19 -13.68 -2.10
CA ASP A 93 -3.87 -14.78 -1.20
C ASP A 93 -5.12 -15.59 -0.86
N ALA A 94 -5.14 -16.82 -1.34
CA ALA A 94 -6.27 -17.70 -1.13
C ALA A 94 -6.15 -18.46 0.19
N ALA A 5 -3.01 3.64 -8.13
CA ALA A 5 -4.42 4.12 -8.14
C ALA A 5 -4.48 5.64 -8.34
N SER A 6 -5.64 6.14 -8.72
CA SER A 6 -5.80 7.56 -8.96
C SER A 6 -7.20 8.05 -8.59
N MET A 7 -8.03 7.17 -8.06
CA MET A 7 -9.38 7.53 -7.72
C MET A 7 -9.79 6.99 -6.37
N SER A 8 -10.63 7.74 -5.69
CA SER A 8 -11.15 7.34 -4.40
C SER A 8 -12.16 6.21 -4.59
N ASP A 9 -12.64 6.06 -5.82
CA ASP A 9 -13.53 4.94 -6.18
C ASP A 9 -12.81 3.64 -5.96
N GLU A 10 -11.51 3.68 -6.19
CA GLU A 10 -10.68 2.51 -5.99
C GLU A 10 -10.52 2.25 -4.49
N GLN A 11 -10.45 3.32 -3.71
CA GLN A 11 -10.39 3.23 -2.27
C GLN A 11 -11.70 2.65 -1.73
N ALA A 12 -12.80 2.93 -2.42
CA ALA A 12 -14.12 2.42 -2.02
C ALA A 12 -14.13 0.90 -1.94
N GLU A 13 -13.36 0.25 -2.81
CA GLU A 13 -13.26 -1.20 -2.81
C GLU A 13 -12.49 -1.67 -1.59
N ALA A 14 -11.40 -0.97 -1.30
CA ALA A 14 -10.54 -1.29 -0.19
C ALA A 14 -11.21 -0.98 1.13
N ARG A 15 -11.82 0.18 1.19
CA ARG A 15 -12.50 0.69 2.37
C ARG A 15 -13.71 -0.19 2.74
N ALA A 16 -14.19 -0.97 1.78
CA ALA A 16 -15.30 -1.87 2.01
C ALA A 16 -14.81 -3.15 2.67
N PHE A 17 -13.60 -3.54 2.33
CA PHE A 17 -12.99 -4.75 2.86
C PHE A 17 -12.27 -4.45 4.19
N LEU A 18 -11.60 -3.32 4.25
CA LEU A 18 -10.90 -2.91 5.46
C LEU A 18 -11.79 -2.05 6.33
N SER A 19 -11.85 -2.36 7.60
CA SER A 19 -12.59 -1.56 8.55
C SER A 19 -11.68 -0.50 9.13
N GLU A 20 -12.24 0.44 9.89
CA GLU A 20 -11.46 1.53 10.46
C GLU A 20 -10.30 1.03 11.31
N GLU A 21 -10.55 -0.06 12.05
CA GLU A 21 -9.54 -0.67 12.88
C GLU A 21 -8.31 -1.04 12.06
N MET A 22 -8.57 -1.61 10.90
CA MET A 22 -7.51 -2.05 10.01
C MET A 22 -6.83 -0.85 9.39
N ILE A 23 -7.64 0.09 8.92
CA ILE A 23 -7.14 1.30 8.28
C ILE A 23 -6.21 2.07 9.22
N ALA A 24 -6.58 2.12 10.50
CA ALA A 24 -5.78 2.80 11.50
C ALA A 24 -4.40 2.16 11.63
N GLU A 25 -4.37 0.83 11.71
CA GLU A 25 -3.11 0.10 11.79
C GLU A 25 -2.27 0.31 10.54
N PHE A 26 -2.91 0.28 9.39
CA PHE A 26 -2.23 0.51 8.12
C PHE A 26 -1.72 1.94 8.04
N LYS A 27 -2.49 2.89 8.56
CA LYS A 27 -2.07 4.28 8.58
C LYS A 27 -0.85 4.43 9.47
N ALA A 28 -0.90 3.79 10.63
CA ALA A 28 0.22 3.80 11.56
C ALA A 28 1.47 3.29 10.90
N ALA A 29 1.35 2.16 10.19
CA ALA A 29 2.46 1.57 9.48
C ALA A 29 2.98 2.52 8.40
N PHE A 30 2.06 3.08 7.64
CA PHE A 30 2.39 4.05 6.60
C PHE A 30 3.10 5.27 7.22
N ASP A 31 2.56 5.72 8.35
CA ASP A 31 3.08 6.88 9.08
C ASP A 31 4.52 6.66 9.55
N MET A 32 4.87 5.40 9.81
CA MET A 32 6.22 5.03 10.23
C MET A 32 7.23 5.33 9.13
N PHE A 33 6.78 5.31 7.89
CA PHE A 33 7.65 5.60 6.76
C PHE A 33 7.45 7.02 6.26
N ASP A 34 6.23 7.51 6.33
CA ASP A 34 5.94 8.87 5.93
C ASP A 34 6.22 9.83 7.08
N ALA A 35 7.49 10.14 7.26
CA ALA A 35 7.91 11.05 8.32
C ALA A 35 7.61 12.49 7.93
N ASP A 36 7.49 12.72 6.63
CA ASP A 36 7.23 14.05 6.11
C ASP A 36 5.77 14.44 6.30
N GLY A 37 4.92 13.45 6.45
CA GLY A 37 3.51 13.71 6.63
C GLY A 37 2.87 14.17 5.35
N GLY A 38 3.36 13.64 4.24
CA GLY A 38 2.83 14.02 2.95
C GLY A 38 1.76 13.08 2.47
N GLY A 39 1.74 11.89 3.05
CA GLY A 39 0.75 10.92 2.66
C GLY A 39 1.22 10.10 1.48
N GLU A 40 2.53 10.13 1.24
CA GLU A 40 3.13 9.38 0.13
C GLU A 40 4.46 8.77 0.55
N ILE A 41 4.63 7.48 0.28
CA ILE A 41 5.86 6.78 0.60
C ILE A 41 6.42 6.09 -0.64
N SER A 42 7.63 5.59 -0.55
CA SER A 42 8.25 4.88 -1.65
C SER A 42 7.46 3.62 -1.99
N ALA A 43 7.43 3.30 -3.25
CA ALA A 43 6.73 2.12 -3.72
C ALA A 43 7.42 0.86 -3.24
N LYS A 44 8.75 0.92 -3.19
CA LYS A 44 9.53 -0.22 -2.73
C LYS A 44 9.43 -0.38 -1.22
N ALA A 45 9.05 0.69 -0.54
CA ALA A 45 8.89 0.66 0.90
C ALA A 45 7.68 -0.20 1.26
N PHE A 46 6.75 -0.32 0.31
CA PHE A 46 5.52 -1.10 0.51
C PHE A 46 5.83 -2.53 0.89
N GLY A 47 6.85 -3.11 0.26
CA GLY A 47 7.25 -4.46 0.56
C GLY A 47 7.69 -4.61 2.00
N THR A 48 8.46 -3.65 2.47
CA THR A 48 8.95 -3.67 3.83
C THR A 48 7.79 -3.44 4.82
N VAL A 49 6.94 -2.46 4.52
CA VAL A 49 5.79 -2.14 5.38
C VAL A 49 4.88 -3.35 5.54
N ALA A 50 4.66 -4.06 4.45
CA ALA A 50 3.81 -5.24 4.48
C ALA A 50 4.44 -6.33 5.32
N ARG A 51 5.69 -6.66 5.03
CA ARG A 51 6.39 -7.73 5.73
C ARG A 51 6.50 -7.46 7.23
N MET A 52 6.79 -6.22 7.61
CA MET A 52 6.92 -5.88 9.03
C MET A 52 5.60 -6.03 9.78
N ASN A 53 4.49 -5.91 9.04
CA ASN A 53 3.16 -6.01 9.65
C ASN A 53 2.55 -7.39 9.45
N ASN A 54 3.40 -8.35 9.02
CA ASN A 54 2.99 -9.75 8.82
C ASN A 54 2.02 -9.87 7.63
N VAL A 55 2.08 -8.91 6.73
CA VAL A 55 1.24 -8.91 5.55
C VAL A 55 1.99 -9.50 4.38
N PRO A 56 1.48 -10.60 3.79
CA PRO A 56 2.08 -11.23 2.62
C PRO A 56 1.86 -10.39 1.36
N VAL A 57 2.94 -10.08 0.67
CA VAL A 57 2.88 -9.29 -0.54
C VAL A 57 2.52 -10.17 -1.74
N ASP A 58 1.50 -9.77 -2.47
CA ASP A 58 1.08 -10.49 -3.66
C ASP A 58 2.11 -10.33 -4.78
N PRO A 59 2.46 -11.43 -5.47
CA PRO A 59 3.47 -11.42 -6.52
C PRO A 59 3.12 -10.49 -7.68
N ARG A 60 1.84 -10.46 -8.05
CA ARG A 60 1.39 -9.62 -9.15
C ARG A 60 1.42 -8.15 -8.76
N VAL A 61 1.04 -7.84 -7.53
CA VAL A 61 1.09 -6.47 -7.06
C VAL A 61 2.54 -6.00 -6.99
N GLN A 62 3.43 -6.87 -6.51
CA GLN A 62 4.86 -6.55 -6.43
C GLN A 62 5.43 -6.32 -7.85
N GLU A 63 5.01 -7.17 -8.78
CA GLU A 63 5.43 -7.04 -10.17
C GLU A 63 4.96 -5.70 -10.74
N TYR A 64 3.79 -5.27 -10.28
CA TYR A 64 3.22 -4.00 -10.66
C TYR A 64 3.96 -2.85 -9.94
N VAL A 65 4.30 -3.07 -8.67
CA VAL A 65 5.03 -2.09 -7.87
C VAL A 65 6.39 -1.78 -8.48
N LYS A 66 7.13 -2.82 -8.84
CA LYS A 66 8.45 -2.63 -9.44
C LYS A 66 8.35 -1.86 -10.75
N ARG A 67 7.23 -2.01 -11.45
CA ARG A 67 7.00 -1.30 -12.69
C ARG A 67 6.88 0.20 -12.44
N LEU A 68 6.30 0.54 -11.29
CA LEU A 68 6.14 1.94 -10.90
C LEU A 68 7.49 2.54 -10.56
N THR A 69 8.32 1.76 -9.90
CA THR A 69 9.64 2.20 -9.48
C THR A 69 10.57 2.34 -10.65
N ASP A 70 10.36 1.52 -11.66
CA ASP A 70 11.25 1.46 -12.79
C ASP A 70 11.28 2.78 -13.56
N GLN A 71 10.15 3.47 -13.58
CA GLN A 71 10.02 4.72 -14.31
C GLN A 71 10.28 5.93 -13.41
N ASP A 72 10.59 5.68 -12.15
CA ASP A 72 10.82 6.76 -11.19
C ASP A 72 12.21 6.69 -10.59
N GLY A 73 12.54 5.53 -10.04
CA GLY A 73 13.81 5.34 -9.37
C GLY A 73 13.58 4.73 -8.02
N SER A 74 12.62 5.29 -7.30
CA SER A 74 12.25 4.79 -5.99
C SER A 74 10.78 4.40 -6.01
N GLY A 75 9.97 5.21 -6.69
CA GLY A 75 8.55 4.95 -6.76
C GLY A 75 7.82 5.59 -5.59
N THR A 76 6.60 6.03 -5.81
CA THR A 76 5.84 6.67 -4.75
C THR A 76 4.36 6.31 -4.81
N ILE A 77 3.80 6.00 -3.66
CA ILE A 77 2.39 5.68 -3.53
C ILE A 77 1.76 6.49 -2.40
N SER A 78 0.55 6.92 -2.63
CA SER A 78 -0.17 7.70 -1.64
C SER A 78 -0.88 6.75 -0.66
N PHE A 79 -1.34 7.29 0.46
CA PHE A 79 -2.04 6.51 1.47
C PHE A 79 -3.30 5.87 0.89
N GLU A 80 -3.98 6.61 0.01
CA GLU A 80 -5.18 6.09 -0.65
C GLU A 80 -4.82 4.84 -1.45
N GLU A 81 -3.62 4.84 -2.04
CA GLU A 81 -3.14 3.71 -2.82
C GLU A 81 -2.68 2.58 -1.90
N PHE A 82 -1.99 2.97 -0.80
CA PHE A 82 -1.45 2.02 0.17
C PHE A 82 -2.51 1.02 0.65
N LEU A 83 -3.67 1.54 1.04
CA LEU A 83 -4.75 0.68 1.50
C LEU A 83 -5.21 -0.24 0.38
N VAL A 84 -5.47 0.35 -0.79
CA VAL A 84 -5.92 -0.39 -1.96
C VAL A 84 -4.96 -1.53 -2.31
N LEU A 85 -3.66 -1.23 -2.30
CA LEU A 85 -2.65 -2.23 -2.61
C LEU A 85 -2.65 -3.36 -1.58
N MET A 86 -2.74 -3.01 -0.31
CA MET A 86 -2.78 -4.00 0.77
C MET A 86 -3.95 -4.94 0.60
N VAL A 87 -5.09 -4.38 0.22
CA VAL A 87 -6.30 -5.16 0.02
C VAL A 87 -6.11 -6.19 -1.08
N LYS A 88 -5.68 -5.74 -2.25
CA LYS A 88 -5.47 -6.64 -3.38
C LYS A 88 -4.38 -7.66 -3.07
N SER A 89 -3.41 -7.26 -2.26
CA SER A 89 -2.32 -8.13 -1.87
C SER A 89 -2.82 -9.30 -1.01
N MET A 90 -3.60 -8.97 0.02
CA MET A 90 -4.14 -10.00 0.91
C MET A 90 -5.26 -10.77 0.24
N LYS A 91 -5.93 -10.11 -0.68
CA LYS A 91 -7.06 -10.70 -1.38
C LYS A 91 -6.62 -11.91 -2.20
N GLN A 92 -5.45 -11.83 -2.79
CA GLN A 92 -4.97 -12.91 -3.62
C GLN A 92 -4.12 -13.89 -2.83
N ASP A 93 -3.16 -13.37 -2.08
CA ASP A 93 -2.29 -14.24 -1.32
C ASP A 93 -3.03 -14.82 -0.13
N ALA A 94 -3.29 -16.09 -0.19
CA ALA A 94 -4.00 -16.79 0.89
C ALA A 94 -3.49 -18.20 1.06
N ALA A 5 -2.77 6.99 -7.79
CA ALA A 5 -3.17 8.07 -6.84
C ALA A 5 -4.13 9.05 -7.53
N SER A 6 -4.56 8.70 -8.72
CA SER A 6 -5.44 9.55 -9.50
C SER A 6 -6.85 9.58 -8.89
N MET A 7 -7.54 8.46 -8.96
CA MET A 7 -8.92 8.40 -8.46
C MET A 7 -9.05 7.44 -7.29
N SER A 8 -10.12 7.60 -6.54
CA SER A 8 -10.39 6.77 -5.38
C SER A 8 -11.19 5.54 -5.79
N ASP A 9 -11.19 5.24 -7.09
CA ASP A 9 -11.90 4.09 -7.64
C ASP A 9 -11.50 2.80 -6.94
N GLU A 10 -10.20 2.61 -6.77
CA GLU A 10 -9.69 1.42 -6.10
C GLU A 10 -9.93 1.51 -4.59
N GLN A 11 -9.84 2.72 -4.05
CA GLN A 11 -10.07 2.94 -2.62
C GLN A 11 -11.50 2.56 -2.23
N ALA A 12 -12.44 2.80 -3.13
CA ALA A 12 -13.84 2.44 -2.89
C ALA A 12 -13.96 0.94 -2.63
N GLU A 13 -13.19 0.15 -3.37
CA GLU A 13 -13.16 -1.29 -3.20
C GLU A 13 -12.42 -1.64 -1.91
N ALA A 14 -11.36 -0.92 -1.64
CA ALA A 14 -10.54 -1.17 -0.47
C ALA A 14 -11.32 -0.96 0.83
N ARG A 15 -12.01 0.16 0.92
CA ARG A 15 -12.80 0.49 2.11
C ARG A 15 -14.00 -0.44 2.28
N ALA A 16 -14.37 -1.11 1.21
CA ALA A 16 -15.48 -2.06 1.26
C ALA A 16 -15.00 -3.42 1.78
N PHE A 17 -13.69 -3.55 1.91
CA PHE A 17 -13.08 -4.77 2.41
C PHE A 17 -12.42 -4.52 3.76
N LEU A 18 -11.64 -3.45 3.84
CA LEU A 18 -10.94 -3.12 5.06
C LEU A 18 -11.87 -2.47 6.06
N SER A 19 -11.75 -2.88 7.30
CA SER A 19 -12.52 -2.28 8.36
C SER A 19 -11.79 -1.01 8.82
N GLU A 20 -12.54 -0.06 9.37
CA GLU A 20 -11.94 1.20 9.83
C GLU A 20 -10.80 0.95 10.81
N GLU A 21 -10.97 -0.08 11.62
CA GLU A 21 -9.96 -0.49 12.58
C GLU A 21 -8.65 -0.82 11.88
N MET A 22 -8.76 -1.55 10.77
CA MET A 22 -7.59 -1.95 9.99
C MET A 22 -6.98 -0.74 9.33
N ILE A 23 -7.83 0.08 8.73
CA ILE A 23 -7.41 1.30 8.07
C ILE A 23 -6.60 2.20 9.02
N ALA A 24 -7.03 2.24 10.28
CA ALA A 24 -6.34 3.01 11.29
C ALA A 24 -4.92 2.48 11.51
N GLU A 25 -4.80 1.16 11.68
CA GLU A 25 -3.51 0.53 11.87
C GLU A 25 -2.62 0.69 10.64
N PHE A 26 -3.23 0.59 9.47
CA PHE A 26 -2.49 0.76 8.23
C PHE A 26 -1.99 2.19 8.07
N LYS A 27 -2.77 3.15 8.59
CA LYS A 27 -2.36 4.54 8.58
C LYS A 27 -1.13 4.71 9.46
N ALA A 28 -1.14 4.00 10.58
CA ALA A 28 -0.01 4.03 11.49
C ALA A 28 1.21 3.42 10.82
N ALA A 29 1.01 2.29 10.15
CA ALA A 29 2.08 1.62 9.42
C ALA A 29 2.63 2.52 8.32
N PHE A 30 1.74 3.24 7.67
CA PHE A 30 2.11 4.19 6.63
C PHE A 30 2.94 5.33 7.24
N ASP A 31 2.51 5.79 8.42
CA ASP A 31 3.17 6.89 9.12
C ASP A 31 4.58 6.48 9.59
N MET A 32 4.82 5.17 9.71
CA MET A 32 6.13 4.66 10.11
C MET A 32 7.17 5.02 9.05
N PHE A 33 6.73 5.08 7.80
CA PHE A 33 7.60 5.45 6.70
C PHE A 33 7.34 6.88 6.26
N ASP A 34 6.16 7.38 6.59
CA ASP A 34 5.79 8.77 6.30
C ASP A 34 5.83 9.58 7.59
N ALA A 35 7.01 9.66 8.18
CA ALA A 35 7.19 10.39 9.42
C ALA A 35 7.36 11.87 9.16
N ASP A 36 7.81 12.21 7.96
CA ASP A 36 8.02 13.61 7.59
C ASP A 36 6.71 14.27 7.22
N GLY A 37 5.68 13.47 7.05
CA GLY A 37 4.37 14.00 6.70
C GLY A 37 4.30 14.47 5.28
N GLY A 38 4.62 13.59 4.35
CA GLY A 38 4.57 13.93 2.95
C GLY A 38 3.32 13.38 2.30
N GLY A 39 2.92 12.20 2.74
CA GLY A 39 1.74 11.57 2.20
C GLY A 39 2.08 10.60 1.10
N GLU A 40 3.37 10.39 0.90
CA GLU A 40 3.85 9.48 -0.11
C GLU A 40 5.02 8.67 0.40
N ILE A 41 4.97 7.39 0.20
CA ILE A 41 6.08 6.54 0.57
C ILE A 41 6.59 5.82 -0.66
N SER A 42 7.81 5.34 -0.59
CA SER A 42 8.40 4.63 -1.69
C SER A 42 7.63 3.34 -1.97
N ALA A 43 7.41 3.04 -3.23
CA ALA A 43 6.68 1.85 -3.64
C ALA A 43 7.35 0.59 -3.11
N LYS A 44 8.67 0.56 -3.16
CA LYS A 44 9.43 -0.59 -2.69
C LYS A 44 9.41 -0.70 -1.17
N ALA A 45 9.03 0.39 -0.51
CA ALA A 45 8.95 0.39 0.94
C ALA A 45 7.72 -0.39 1.40
N PHE A 46 6.74 -0.49 0.50
CA PHE A 46 5.51 -1.22 0.79
C PHE A 46 5.81 -2.67 1.17
N GLY A 47 6.74 -3.27 0.45
CA GLY A 47 7.13 -4.64 0.73
C GLY A 47 7.65 -4.79 2.14
N THR A 48 8.48 -3.84 2.55
CA THR A 48 9.05 -3.84 3.88
C THR A 48 7.96 -3.68 4.93
N VAL A 49 7.05 -2.72 4.68
CA VAL A 49 5.94 -2.46 5.59
C VAL A 49 5.07 -3.70 5.76
N ALA A 50 4.83 -4.38 4.66
CA ALA A 50 4.02 -5.57 4.67
C ALA A 50 4.69 -6.69 5.45
N ARG A 51 5.94 -6.98 5.13
CA ARG A 51 6.68 -8.07 5.77
C ARG A 51 6.82 -7.87 7.28
N MET A 52 7.09 -6.64 7.70
CA MET A 52 7.27 -6.34 9.13
C MET A 52 5.93 -6.40 9.88
N ASN A 53 4.84 -6.32 9.14
CA ASN A 53 3.49 -6.39 9.72
C ASN A 53 2.90 -7.76 9.48
N ASN A 54 3.73 -8.67 8.97
CA ASN A 54 3.35 -10.06 8.70
C ASN A 54 2.28 -10.15 7.62
N VAL A 55 2.21 -9.12 6.78
CA VAL A 55 1.27 -9.09 5.69
C VAL A 55 1.87 -9.77 4.46
N PRO A 56 1.20 -10.79 3.92
CA PRO A 56 1.68 -11.49 2.74
C PRO A 56 1.58 -10.63 1.47
N VAL A 57 2.72 -10.35 0.87
CA VAL A 57 2.77 -9.53 -0.35
C VAL A 57 2.30 -10.34 -1.55
N ASP A 58 1.42 -9.75 -2.34
CA ASP A 58 0.92 -10.38 -3.55
C ASP A 58 1.92 -10.21 -4.69
N PRO A 59 2.21 -11.29 -5.43
CA PRO A 59 3.17 -11.29 -6.54
C PRO A 59 2.81 -10.27 -7.63
N ARG A 60 1.52 -10.05 -7.84
CA ARG A 60 1.08 -9.11 -8.86
C ARG A 60 1.36 -7.68 -8.42
N VAL A 61 1.03 -7.38 -7.17
CA VAL A 61 1.30 -6.05 -6.62
C VAL A 61 2.80 -5.77 -6.60
N GLN A 62 3.60 -6.79 -6.30
CA GLN A 62 5.05 -6.63 -6.29
C GLN A 62 5.56 -6.33 -7.71
N GLU A 63 4.96 -7.00 -8.70
CA GLU A 63 5.28 -6.75 -10.10
C GLU A 63 4.86 -5.32 -10.46
N TYR A 64 3.72 -4.95 -9.95
CA TYR A 64 3.18 -3.61 -10.12
C TYR A 64 4.08 -2.57 -9.43
N VAL A 65 4.58 -2.92 -8.25
CA VAL A 65 5.49 -2.07 -7.48
C VAL A 65 6.82 -1.83 -8.23
N LYS A 66 7.41 -2.91 -8.75
CA LYS A 66 8.68 -2.78 -9.48
C LYS A 66 8.49 -1.92 -10.72
N ARG A 67 7.29 -1.93 -11.27
CA ARG A 67 6.97 -1.14 -12.43
C ARG A 67 6.81 0.34 -12.06
N LEU A 68 6.20 0.59 -10.90
CA LEU A 68 5.99 1.95 -10.43
C LEU A 68 7.32 2.68 -10.27
N THR A 69 8.24 2.09 -9.55
CA THR A 69 9.53 2.70 -9.29
C THR A 69 10.39 2.75 -10.57
N ASP A 70 10.01 1.95 -11.56
CA ASP A 70 10.76 1.86 -12.81
C ASP A 70 10.33 2.98 -13.78
N GLN A 71 9.03 3.09 -14.00
CA GLN A 71 8.49 4.07 -14.95
C GLN A 71 8.47 5.48 -14.37
N ASP A 72 8.26 5.58 -13.07
CA ASP A 72 8.22 6.88 -12.39
C ASP A 72 9.62 7.40 -12.15
N GLY A 73 10.50 6.53 -11.72
CA GLY A 73 11.85 6.92 -11.39
C GLY A 73 12.13 6.69 -9.93
N SER A 74 11.15 6.98 -9.11
CA SER A 74 11.26 6.76 -7.69
C SER A 74 10.16 5.81 -7.21
N GLY A 75 8.94 6.04 -7.70
CA GLY A 75 7.82 5.19 -7.33
C GLY A 75 7.28 5.56 -5.97
N THR A 76 6.26 6.38 -5.94
CA THR A 76 5.68 6.80 -4.69
C THR A 76 4.20 6.46 -4.62
N ILE A 77 3.79 5.93 -3.49
CA ILE A 77 2.39 5.59 -3.27
C ILE A 77 1.85 6.35 -2.08
N SER A 78 0.64 6.84 -2.22
CA SER A 78 0.02 7.58 -1.15
C SER A 78 -0.79 6.64 -0.24
N PHE A 79 -1.38 7.21 0.80
CA PHE A 79 -2.16 6.45 1.76
C PHE A 79 -3.31 5.69 1.09
N GLU A 80 -3.90 6.33 0.08
CA GLU A 80 -4.99 5.73 -0.68
C GLU A 80 -4.56 4.42 -1.31
N GLU A 81 -3.45 4.48 -2.01
CA GLU A 81 -2.92 3.32 -2.73
C GLU A 81 -2.41 2.28 -1.75
N PHE A 82 -1.76 2.73 -0.67
CA PHE A 82 -1.23 1.83 0.35
C PHE A 82 -2.33 0.88 0.86
N LEU A 83 -3.50 1.44 1.16
CA LEU A 83 -4.63 0.64 1.61
C LEU A 83 -5.03 -0.36 0.53
N VAL A 84 -5.24 0.15 -0.67
CA VAL A 84 -5.62 -0.67 -1.82
C VAL A 84 -4.66 -1.85 -2.03
N LEU A 85 -3.37 -1.59 -1.94
CA LEU A 85 -2.35 -2.61 -2.15
C LEU A 85 -2.43 -3.69 -1.08
N MET A 86 -2.68 -3.29 0.16
CA MET A 86 -2.83 -4.23 1.26
C MET A 86 -4.03 -5.15 1.02
N VAL A 87 -5.09 -4.57 0.47
CA VAL A 87 -6.30 -5.29 0.14
C VAL A 87 -6.00 -6.44 -0.82
N LYS A 88 -5.37 -6.11 -1.93
CA LYS A 88 -5.03 -7.08 -2.95
C LYS A 88 -4.10 -8.16 -2.42
N SER A 89 -3.16 -7.75 -1.57
CA SER A 89 -2.18 -8.67 -1.01
C SER A 89 -2.83 -9.69 -0.06
N MET A 90 -3.65 -9.21 0.87
CA MET A 90 -4.28 -10.11 1.86
C MET A 90 -5.34 -10.98 1.22
N LYS A 91 -5.97 -10.46 0.18
CA LYS A 91 -7.04 -11.17 -0.49
C LYS A 91 -6.49 -12.29 -1.36
N GLN A 92 -5.33 -12.06 -1.97
CA GLN A 92 -4.71 -13.04 -2.84
C GLN A 92 -4.18 -14.21 -2.03
N ASP A 93 -3.43 -13.90 -0.99
CA ASP A 93 -2.80 -14.93 -0.19
C ASP A 93 -3.82 -15.66 0.66
N ALA A 94 -3.90 -16.95 0.47
CA ALA A 94 -4.82 -17.79 1.21
C ALA A 94 -4.06 -18.86 1.99
N ALA A 5 -5.10 7.36 -5.80
CA ALA A 5 -4.21 8.53 -5.98
C ALA A 5 -4.88 9.61 -6.81
N SER A 6 -6.18 9.46 -7.03
CA SER A 6 -6.95 10.41 -7.83
C SER A 6 -8.44 10.06 -7.81
N MET A 7 -8.73 8.79 -7.91
CA MET A 7 -10.11 8.32 -7.89
C MET A 7 -10.31 7.40 -6.70
N SER A 8 -11.38 7.59 -5.98
CA SER A 8 -11.65 6.81 -4.79
C SER A 8 -12.51 5.57 -5.09
N ASP A 9 -12.55 5.15 -6.35
CA ASP A 9 -13.33 3.98 -6.76
C ASP A 9 -12.82 2.73 -6.06
N GLU A 10 -11.51 2.51 -6.13
CA GLU A 10 -10.91 1.36 -5.47
C GLU A 10 -10.93 1.53 -3.96
N GLN A 11 -10.77 2.78 -3.51
CA GLN A 11 -10.79 3.08 -2.08
C GLN A 11 -12.10 2.63 -1.45
N ALA A 12 -13.21 2.83 -2.16
CA ALA A 12 -14.51 2.43 -1.67
C ALA A 12 -14.56 0.94 -1.36
N GLU A 13 -14.04 0.14 -2.28
CA GLU A 13 -14.00 -1.30 -2.11
C GLU A 13 -13.06 -1.69 -0.98
N ALA A 14 -11.94 -0.98 -0.89
CA ALA A 14 -10.97 -1.22 0.14
C ALA A 14 -11.54 -0.94 1.52
N ARG A 15 -12.21 0.19 1.66
CA ARG A 15 -12.80 0.60 2.94
C ARG A 15 -13.98 -0.28 3.32
N ALA A 16 -14.56 -0.95 2.35
CA ALA A 16 -15.68 -1.86 2.59
C ALA A 16 -15.16 -3.20 3.12
N PHE A 17 -13.99 -3.60 2.63
CA PHE A 17 -13.38 -4.84 3.05
C PHE A 17 -12.56 -4.65 4.31
N LEU A 18 -11.79 -3.58 4.36
CA LEU A 18 -10.97 -3.30 5.53
C LEU A 18 -11.80 -2.69 6.63
N SER A 19 -11.65 -3.22 7.81
CA SER A 19 -12.34 -2.68 8.96
C SER A 19 -11.60 -1.46 9.46
N GLU A 20 -12.27 -0.63 10.26
CA GLU A 20 -11.66 0.58 10.80
C GLU A 20 -10.33 0.27 11.47
N GLU A 21 -10.28 -0.86 12.17
CA GLU A 21 -9.06 -1.29 12.84
C GLU A 21 -7.93 -1.49 11.83
N MET A 22 -8.24 -2.19 10.73
CA MET A 22 -7.24 -2.45 9.68
C MET A 22 -6.77 -1.15 9.07
N ILE A 23 -7.73 -0.28 8.78
CA ILE A 23 -7.45 1.02 8.19
C ILE A 23 -6.54 1.84 9.10
N ALA A 24 -6.81 1.81 10.40
CA ALA A 24 -6.01 2.53 11.38
C ALA A 24 -4.58 2.00 11.40
N GLU A 25 -4.44 0.68 11.48
CA GLU A 25 -3.14 0.02 11.49
C GLU A 25 -2.34 0.40 10.24
N PHE A 26 -3.00 0.32 9.08
CA PHE A 26 -2.35 0.64 7.82
C PHE A 26 -1.99 2.12 7.75
N LYS A 27 -2.85 2.97 8.31
CA LYS A 27 -2.61 4.41 8.34
C LYS A 27 -1.35 4.70 9.15
N ALA A 28 -1.29 4.14 10.35
CA ALA A 28 -0.16 4.35 11.23
C ALA A 28 1.12 3.81 10.59
N ALA A 29 1.02 2.64 9.98
CA ALA A 29 2.15 2.01 9.31
C ALA A 29 2.62 2.87 8.14
N PHE A 30 1.66 3.40 7.38
CA PHE A 30 1.94 4.26 6.25
C PHE A 30 2.70 5.51 6.72
N ASP A 31 2.24 6.09 7.84
CA ASP A 31 2.84 7.29 8.41
C ASP A 31 4.31 7.07 8.76
N MET A 32 4.65 5.84 9.15
CA MET A 32 6.01 5.50 9.54
C MET A 32 7.00 5.65 8.39
N PHE A 33 6.52 5.56 7.16
CA PHE A 33 7.40 5.63 6.00
C PHE A 33 7.33 6.98 5.29
N ASP A 34 6.41 7.83 5.71
CA ASP A 34 6.32 9.16 5.13
C ASP A 34 7.27 10.10 5.87
N ALA A 35 8.54 9.98 5.55
CA ALA A 35 9.59 10.76 6.19
C ALA A 35 9.69 12.15 5.58
N ASP A 36 9.16 12.30 4.38
CA ASP A 36 9.22 13.58 3.69
C ASP A 36 8.07 14.48 4.12
N GLY A 37 6.98 13.87 4.54
CA GLY A 37 5.82 14.63 4.93
C GLY A 37 5.00 15.03 3.75
N GLY A 38 4.88 14.13 2.79
CA GLY A 38 4.14 14.42 1.59
C GLY A 38 2.86 13.63 1.52
N GLY A 39 2.78 12.57 2.30
CA GLY A 39 1.60 11.74 2.31
C GLY A 39 1.73 10.59 1.34
N GLU A 40 2.95 10.37 0.87
CA GLU A 40 3.23 9.28 -0.05
C GLU A 40 4.49 8.58 0.38
N ILE A 41 4.50 7.27 0.25
CA ILE A 41 5.66 6.48 0.64
C ILE A 41 6.29 5.85 -0.58
N SER A 42 7.53 5.40 -0.43
CA SER A 42 8.24 4.75 -1.50
C SER A 42 7.54 3.44 -1.91
N ALA A 43 7.75 3.02 -3.14
CA ALA A 43 7.15 1.80 -3.64
C ALA A 43 7.57 0.60 -2.81
N LYS A 44 8.87 0.51 -2.54
CA LYS A 44 9.42 -0.59 -1.75
C LYS A 44 9.02 -0.50 -0.29
N ALA A 45 8.52 0.66 0.12
CA ALA A 45 8.07 0.84 1.48
C ALA A 45 6.85 -0.06 1.70
N PHE A 46 6.01 -0.18 0.67
CA PHE A 46 4.83 -1.05 0.72
C PHE A 46 5.24 -2.48 1.03
N GLY A 47 6.24 -2.96 0.30
CA GLY A 47 6.73 -4.30 0.52
C GLY A 47 7.22 -4.48 1.94
N THR A 48 7.92 -3.47 2.44
CA THR A 48 8.42 -3.50 3.80
C THR A 48 7.28 -3.52 4.81
N VAL A 49 6.26 -2.68 4.59
CA VAL A 49 5.11 -2.63 5.47
C VAL A 49 4.39 -3.96 5.49
N ALA A 50 4.21 -4.54 4.31
CA ALA A 50 3.56 -5.84 4.18
C ALA A 50 4.35 -6.90 4.95
N ARG A 51 5.66 -6.95 4.71
CA ARG A 51 6.52 -7.93 5.36
C ARG A 51 6.46 -7.81 6.90
N MET A 52 6.65 -6.59 7.41
CA MET A 52 6.69 -6.37 8.85
C MET A 52 5.32 -6.58 9.51
N ASN A 53 4.27 -6.42 8.72
CA ASN A 53 2.91 -6.59 9.23
C ASN A 53 2.40 -8.00 8.95
N ASN A 54 3.32 -8.87 8.48
CA ASN A 54 3.02 -10.28 8.17
C ASN A 54 1.92 -10.42 7.14
N VAL A 55 1.89 -9.50 6.21
CA VAL A 55 0.92 -9.52 5.14
C VAL A 55 1.59 -10.05 3.86
N PRO A 56 1.09 -11.17 3.31
CA PRO A 56 1.65 -11.75 2.09
C PRO A 56 1.52 -10.81 0.90
N VAL A 57 2.64 -10.26 0.49
CA VAL A 57 2.67 -9.36 -0.65
C VAL A 57 2.56 -10.15 -1.94
N ASP A 58 1.52 -9.86 -2.71
CA ASP A 58 1.27 -10.54 -3.98
C ASP A 58 2.41 -10.29 -4.98
N PRO A 59 2.96 -11.36 -5.57
CA PRO A 59 4.08 -11.28 -6.53
C PRO A 59 3.76 -10.40 -7.75
N ARG A 60 2.49 -10.36 -8.13
CA ARG A 60 2.08 -9.56 -9.28
C ARG A 60 2.16 -8.08 -8.93
N VAL A 61 1.61 -7.71 -7.77
CA VAL A 61 1.69 -6.35 -7.29
C VAL A 61 3.15 -5.97 -7.02
N GLN A 62 3.94 -6.96 -6.58
CA GLN A 62 5.37 -6.75 -6.33
C GLN A 62 6.09 -6.37 -7.62
N GLU A 63 5.73 -7.02 -8.72
CA GLU A 63 6.29 -6.68 -10.03
C GLU A 63 5.95 -5.24 -10.35
N TYR A 64 4.70 -4.91 -10.13
CA TYR A 64 4.20 -3.57 -10.31
C TYR A 64 4.96 -2.57 -9.42
N VAL A 65 5.15 -2.95 -8.17
CA VAL A 65 5.88 -2.14 -7.20
C VAL A 65 7.34 -1.90 -7.64
N LYS A 66 8.02 -2.97 -8.04
CA LYS A 66 9.42 -2.85 -8.44
C LYS A 66 9.56 -2.00 -9.70
N ARG A 67 8.53 -2.00 -10.55
CA ARG A 67 8.56 -1.21 -11.76
C ARG A 67 8.29 0.26 -11.47
N LEU A 68 7.53 0.53 -10.41
CA LEU A 68 7.25 1.89 -9.99
C LEU A 68 8.52 2.60 -9.58
N THR A 69 9.36 1.89 -8.83
CA THR A 69 10.61 2.45 -8.37
C THR A 69 11.63 2.49 -9.52
N ASP A 70 11.37 1.76 -10.59
CA ASP A 70 12.24 1.80 -11.75
C ASP A 70 11.98 3.06 -12.55
N GLN A 71 10.72 3.31 -12.86
CA GLN A 71 10.32 4.44 -13.68
C GLN A 71 10.44 5.76 -12.94
N ASP A 72 10.05 5.80 -11.68
CA ASP A 72 10.05 7.05 -10.92
C ASP A 72 11.23 7.16 -9.98
N GLY A 73 12.22 6.28 -10.17
CA GLY A 73 13.42 6.32 -9.35
C GLY A 73 13.19 5.80 -7.95
N SER A 74 12.43 6.54 -7.18
CA SER A 74 12.10 6.14 -5.84
C SER A 74 10.75 5.43 -5.83
N GLY A 75 9.83 5.93 -6.66
CA GLY A 75 8.49 5.36 -6.69
C GLY A 75 7.69 5.75 -5.47
N THR A 76 6.53 6.32 -5.66
CA THR A 76 5.71 6.75 -4.55
C THR A 76 4.27 6.29 -4.69
N ILE A 77 3.69 5.89 -3.59
CA ILE A 77 2.29 5.47 -3.55
C ILE A 77 1.53 6.29 -2.53
N SER A 78 0.35 6.71 -2.92
CA SER A 78 -0.49 7.51 -2.07
C SER A 78 -1.21 6.62 -1.03
N PHE A 79 -1.74 7.24 0.02
CA PHE A 79 -2.43 6.51 1.08
C PHE A 79 -3.65 5.77 0.54
N GLU A 80 -4.37 6.42 -0.36
CA GLU A 80 -5.55 5.84 -0.99
C GLU A 80 -5.16 4.53 -1.69
N GLU A 81 -4.03 4.56 -2.37
CA GLU A 81 -3.53 3.39 -3.06
C GLU A 81 -3.05 2.33 -2.08
N PHE A 82 -2.31 2.76 -1.04
CA PHE A 82 -1.76 1.83 -0.04
C PHE A 82 -2.85 0.92 0.54
N LEU A 83 -3.97 1.51 0.94
CA LEU A 83 -5.07 0.74 1.51
C LEU A 83 -5.55 -0.33 0.53
N VAL A 84 -5.75 0.06 -0.72
CA VAL A 84 -6.23 -0.84 -1.74
C VAL A 84 -5.18 -1.93 -2.04
N LEU A 85 -3.91 -1.55 -2.02
CA LEU A 85 -2.82 -2.49 -2.27
C LEU A 85 -2.79 -3.58 -1.20
N MET A 86 -3.08 -3.20 0.04
CA MET A 86 -3.13 -4.17 1.14
C MET A 86 -4.32 -5.10 0.95
N VAL A 87 -5.36 -4.58 0.34
CA VAL A 87 -6.54 -5.36 0.03
C VAL A 87 -6.24 -6.38 -1.05
N LYS A 88 -5.63 -5.92 -2.13
CA LYS A 88 -5.28 -6.77 -3.27
C LYS A 88 -4.35 -7.91 -2.87
N SER A 89 -3.45 -7.65 -1.94
CA SER A 89 -2.51 -8.66 -1.49
C SER A 89 -3.18 -9.74 -0.64
N MET A 90 -3.97 -9.32 0.37
CA MET A 90 -4.66 -10.28 1.25
C MET A 90 -5.76 -11.02 0.49
N LYS A 91 -6.31 -10.36 -0.50
CA LYS A 91 -7.38 -10.94 -1.30
C LYS A 91 -6.85 -12.08 -2.17
N GLN A 92 -5.60 -11.96 -2.59
CA GLN A 92 -4.99 -12.94 -3.45
C GLN A 92 -4.52 -14.16 -2.66
N ASP A 93 -3.81 -13.92 -1.56
CA ASP A 93 -3.32 -15.00 -0.74
C ASP A 93 -4.43 -15.59 0.12
N ALA A 94 -4.79 -16.81 -0.17
CA ALA A 94 -5.83 -17.50 0.57
C ALA A 94 -5.25 -18.12 1.83
N ALA A 5 -6.28 12.54 -10.00
CA ALA A 5 -7.68 12.57 -9.55
C ALA A 5 -8.45 11.36 -10.06
N SER A 6 -9.60 11.09 -9.46
CA SER A 6 -10.45 9.94 -9.83
C SER A 6 -9.73 8.62 -9.55
N MET A 7 -8.84 8.64 -8.59
CA MET A 7 -8.08 7.47 -8.22
C MET A 7 -8.65 6.84 -6.95
N SER A 8 -9.52 7.58 -6.27
CA SER A 8 -10.14 7.11 -5.03
C SER A 8 -11.13 5.97 -5.29
N ASP A 9 -11.29 5.59 -6.54
CA ASP A 9 -12.15 4.46 -6.89
C ASP A 9 -11.67 3.21 -6.20
N GLU A 10 -10.35 3.05 -6.18
CA GLU A 10 -9.74 1.91 -5.52
C GLU A 10 -9.78 2.07 -4.01
N GLN A 11 -9.85 3.31 -3.55
CA GLN A 11 -9.98 3.59 -2.14
C GLN A 11 -11.36 3.11 -1.65
N ALA A 12 -12.34 3.17 -2.55
CA ALA A 12 -13.71 2.76 -2.23
C ALA A 12 -13.77 1.28 -1.86
N GLU A 13 -13.19 0.43 -2.70
CA GLU A 13 -13.15 -0.99 -2.42
C GLU A 13 -12.31 -1.26 -1.19
N ALA A 14 -11.24 -0.51 -1.04
CA ALA A 14 -10.37 -0.62 0.13
C ALA A 14 -11.16 -0.39 1.42
N ARG A 15 -11.99 0.64 1.42
CA ARG A 15 -12.81 0.96 2.60
C ARG A 15 -13.87 -0.11 2.84
N ALA A 16 -14.29 -0.78 1.78
CA ALA A 16 -15.31 -1.81 1.89
C ALA A 16 -14.72 -3.18 2.18
N PHE A 17 -13.41 -3.27 2.11
CA PHE A 17 -12.71 -4.52 2.37
C PHE A 17 -11.99 -4.48 3.70
N LEU A 18 -11.30 -3.39 3.95
CA LEU A 18 -10.58 -3.23 5.20
C LEU A 18 -11.49 -2.72 6.29
N SER A 19 -11.44 -3.37 7.43
CA SER A 19 -12.21 -2.96 8.57
C SER A 19 -11.58 -1.74 9.22
N GLU A 20 -12.36 -1.00 10.00
CA GLU A 20 -11.89 0.21 10.66
C GLU A 20 -10.63 -0.06 11.47
N GLU A 21 -10.60 -1.20 12.13
CA GLU A 21 -9.46 -1.62 12.92
C GLU A 21 -8.21 -1.74 12.05
N MET A 22 -8.37 -2.41 10.90
CA MET A 22 -7.25 -2.66 9.99
C MET A 22 -6.73 -1.36 9.41
N ILE A 23 -7.66 -0.52 8.99
CA ILE A 23 -7.32 0.78 8.40
C ILE A 23 -6.45 1.61 9.34
N ALA A 24 -6.81 1.59 10.63
CA ALA A 24 -6.06 2.33 11.63
C ALA A 24 -4.63 1.82 11.75
N GLU A 25 -4.48 0.50 11.80
CA GLU A 25 -3.17 -0.13 11.91
C GLU A 25 -2.33 0.14 10.66
N PHE A 26 -2.96 0.05 9.49
CA PHE A 26 -2.27 0.32 8.24
C PHE A 26 -1.86 1.78 8.16
N LYS A 27 -2.71 2.66 8.69
CA LYS A 27 -2.40 4.08 8.73
C LYS A 27 -1.17 4.30 9.57
N ALA A 28 -1.13 3.66 10.74
CA ALA A 28 -0.01 3.76 11.65
C ALA A 28 1.27 3.24 10.99
N ALA A 29 1.14 2.14 10.25
CA ALA A 29 2.28 1.54 9.55
C ALA A 29 2.80 2.49 8.46
N PHE A 30 1.89 3.13 7.75
CA PHE A 30 2.24 4.09 6.72
C PHE A 30 2.87 5.34 7.35
N ASP A 31 2.30 5.74 8.47
CA ASP A 31 2.74 6.91 9.24
C ASP A 31 4.22 6.79 9.62
N MET A 32 4.65 5.55 9.86
CA MET A 32 6.03 5.27 10.25
C MET A 32 7.02 5.70 9.17
N PHE A 33 6.61 5.60 7.92
CA PHE A 33 7.48 5.94 6.80
C PHE A 33 7.21 7.34 6.28
N ASP A 34 6.00 7.84 6.47
CA ASP A 34 5.68 9.19 6.06
C ASP A 34 6.14 10.18 7.12
N ALA A 35 7.43 10.46 7.13
CA ALA A 35 8.02 11.35 8.09
C ALA A 35 7.88 12.81 7.68
N ASP A 36 7.89 13.06 6.38
CA ASP A 36 7.80 14.43 5.87
C ASP A 36 6.36 14.93 5.91
N GLY A 37 5.42 14.02 6.11
CA GLY A 37 4.03 14.39 6.18
C GLY A 37 3.47 14.79 4.83
N GLY A 38 3.71 13.95 3.84
CA GLY A 38 3.22 14.25 2.51
C GLY A 38 2.16 13.28 2.08
N GLY A 39 2.13 12.12 2.71
CA GLY A 39 1.15 11.12 2.38
C GLY A 39 1.61 10.21 1.27
N GLU A 40 2.92 10.19 1.03
CA GLU A 40 3.51 9.37 -0.02
C GLU A 40 4.79 8.70 0.47
N ILE A 41 4.90 7.41 0.26
CA ILE A 41 6.10 6.68 0.64
C ILE A 41 6.70 5.99 -0.58
N SER A 42 7.89 5.45 -0.42
CA SER A 42 8.55 4.76 -1.50
C SER A 42 7.89 3.40 -1.73
N ALA A 43 7.77 3.01 -2.99
CA ALA A 43 7.14 1.74 -3.36
C ALA A 43 7.91 0.57 -2.76
N LYS A 44 9.23 0.70 -2.72
CA LYS A 44 10.09 -0.35 -2.17
C LYS A 44 9.88 -0.52 -0.67
N ALA A 45 9.25 0.46 -0.06
CA ALA A 45 9.00 0.41 1.37
C ALA A 45 7.76 -0.42 1.67
N PHE A 46 6.86 -0.53 0.69
CA PHE A 46 5.63 -1.29 0.85
C PHE A 46 5.92 -2.73 1.22
N GLY A 47 6.86 -3.34 0.51
CA GLY A 47 7.24 -4.71 0.78
C GLY A 47 7.70 -4.88 2.21
N THR A 48 8.56 -3.97 2.65
CA THR A 48 9.08 -4.00 4.00
C THR A 48 7.96 -3.81 5.03
N VAL A 49 7.09 -2.83 4.78
CA VAL A 49 5.98 -2.55 5.69
C VAL A 49 5.09 -3.78 5.83
N ALA A 50 4.74 -4.38 4.72
CA ALA A 50 3.88 -5.55 4.72
C ALA A 50 4.54 -6.72 5.43
N ARG A 51 5.81 -6.97 5.11
CA ARG A 51 6.55 -8.08 5.70
C ARG A 51 6.72 -7.91 7.21
N MET A 52 7.03 -6.70 7.66
CA MET A 52 7.21 -6.45 9.08
C MET A 52 5.87 -6.50 9.83
N ASN A 53 4.78 -6.38 9.09
CA ASN A 53 3.44 -6.45 9.67
C ASN A 53 2.85 -7.85 9.49
N ASN A 54 3.65 -8.73 8.87
CA ASN A 54 3.28 -10.13 8.63
C ASN A 54 2.17 -10.27 7.59
N VAL A 55 2.01 -9.27 6.76
CA VAL A 55 1.00 -9.29 5.71
C VAL A 55 1.57 -9.94 4.45
N PRO A 56 0.97 -11.05 3.99
CA PRO A 56 1.42 -11.75 2.79
C PRO A 56 1.34 -10.89 1.53
N VAL A 57 2.49 -10.58 0.96
CA VAL A 57 2.56 -9.76 -0.24
C VAL A 57 2.42 -10.65 -1.47
N ASP A 58 1.38 -10.42 -2.24
CA ASP A 58 1.15 -11.18 -3.47
C ASP A 58 2.30 -10.98 -4.46
N PRO A 59 2.78 -12.07 -5.10
CA PRO A 59 3.90 -12.02 -6.04
C PRO A 59 3.65 -11.07 -7.20
N ARG A 60 2.42 -11.06 -7.71
CA ARG A 60 2.06 -10.21 -8.82
C ARG A 60 2.07 -8.75 -8.41
N VAL A 61 1.44 -8.44 -7.28
CA VAL A 61 1.41 -7.07 -6.78
C VAL A 61 2.80 -6.59 -6.41
N GLN A 62 3.60 -7.48 -5.80
CA GLN A 62 4.97 -7.15 -5.42
C GLN A 62 5.77 -6.78 -6.67
N GLU A 63 5.63 -7.60 -7.71
CA GLU A 63 6.26 -7.35 -8.99
C GLU A 63 5.81 -5.99 -9.53
N TYR A 64 4.50 -5.77 -9.46
CA TYR A 64 3.89 -4.53 -9.89
C TYR A 64 4.46 -3.34 -9.10
N VAL A 65 4.67 -3.54 -7.80
CA VAL A 65 5.21 -2.50 -6.94
C VAL A 65 6.62 -2.07 -7.38
N LYS A 66 7.48 -3.05 -7.64
CA LYS A 66 8.85 -2.73 -8.05
C LYS A 66 8.89 -2.08 -9.43
N ARG A 67 7.93 -2.42 -10.26
CA ARG A 67 7.84 -1.86 -11.60
C ARG A 67 7.54 -0.37 -11.53
N LEU A 68 6.81 0.04 -10.49
CA LEU A 68 6.47 1.45 -10.29
C LEU A 68 7.73 2.29 -10.15
N THR A 69 8.76 1.70 -9.55
CA THR A 69 10.02 2.42 -9.35
C THR A 69 10.75 2.57 -10.66
N ASP A 70 10.52 1.64 -11.56
CA ASP A 70 11.21 1.65 -12.82
C ASP A 70 10.61 2.67 -13.78
N GLN A 71 9.29 2.66 -13.89
CA GLN A 71 8.60 3.57 -14.78
C GLN A 71 8.69 5.03 -14.29
N ASP A 72 8.52 5.22 -12.99
CA ASP A 72 8.57 6.54 -12.41
C ASP A 72 10.00 7.03 -12.20
N GLY A 73 10.82 6.17 -11.65
CA GLY A 73 12.18 6.54 -11.35
C GLY A 73 12.49 6.35 -9.89
N SER A 74 11.47 6.48 -9.07
CA SER A 74 11.62 6.29 -7.64
C SER A 74 10.51 5.38 -7.11
N GLY A 75 9.30 5.55 -7.62
CA GLY A 75 8.18 4.76 -7.19
C GLY A 75 7.57 5.29 -5.92
N THR A 76 6.57 6.12 -6.05
CA THR A 76 5.92 6.70 -4.91
C THR A 76 4.47 6.25 -4.82
N ILE A 77 4.05 5.89 -3.62
CA ILE A 77 2.68 5.49 -3.38
C ILE A 77 2.06 6.32 -2.28
N SER A 78 0.88 6.81 -2.55
CA SER A 78 0.17 7.62 -1.58
C SER A 78 -0.54 6.73 -0.54
N PHE A 79 -1.00 7.35 0.55
CA PHE A 79 -1.71 6.62 1.61
C PHE A 79 -2.89 5.86 1.03
N GLU A 80 -3.56 6.47 0.09
CA GLU A 80 -4.69 5.87 -0.60
C GLU A 80 -4.27 4.55 -1.22
N GLU A 81 -3.19 4.60 -1.99
CA GLU A 81 -2.67 3.45 -2.69
C GLU A 81 -2.15 2.40 -1.72
N PHE A 82 -1.51 2.85 -0.65
CA PHE A 82 -0.99 1.94 0.37
C PHE A 82 -2.10 1.00 0.86
N LEU A 83 -3.26 1.58 1.17
CA LEU A 83 -4.40 0.79 1.60
C LEU A 83 -4.83 -0.14 0.48
N VAL A 84 -4.97 0.41 -0.72
CA VAL A 84 -5.39 -0.35 -1.90
C VAL A 84 -4.46 -1.54 -2.15
N LEU A 85 -3.15 -1.32 -2.01
CA LEU A 85 -2.17 -2.37 -2.24
C LEU A 85 -2.32 -3.48 -1.21
N MET A 86 -2.56 -3.10 0.05
CA MET A 86 -2.80 -4.08 1.12
C MET A 86 -4.05 -4.87 0.81
N VAL A 87 -5.04 -4.18 0.26
CA VAL A 87 -6.29 -4.79 -0.16
C VAL A 87 -6.02 -5.84 -1.24
N LYS A 88 -5.32 -5.43 -2.28
CA LYS A 88 -4.98 -6.30 -3.40
C LYS A 88 -4.15 -7.49 -2.95
N SER A 89 -3.23 -7.25 -2.02
CA SER A 89 -2.36 -8.32 -1.52
C SER A 89 -3.17 -9.47 -0.93
N MET A 90 -4.11 -9.16 -0.05
CA MET A 90 -4.91 -10.20 0.58
C MET A 90 -6.02 -10.70 -0.34
N LYS A 91 -6.60 -9.80 -1.11
CA LYS A 91 -7.69 -10.15 -2.01
C LYS A 91 -7.23 -11.13 -3.08
N GLN A 92 -6.05 -10.87 -3.63
CA GLN A 92 -5.49 -11.71 -4.67
C GLN A 92 -4.93 -13.01 -4.10
N ASP A 93 -4.28 -12.93 -2.94
CA ASP A 93 -3.68 -14.12 -2.34
C ASP A 93 -4.72 -15.18 -1.99
N ALA A 94 -4.67 -16.29 -2.69
CA ALA A 94 -5.58 -17.38 -2.47
C ALA A 94 -4.83 -18.71 -2.55
N ALA A 5 -18.06 10.35 -11.53
CA ALA A 5 -16.66 10.03 -11.21
C ALA A 5 -16.50 9.73 -9.71
N SER A 6 -15.93 8.58 -9.41
CA SER A 6 -15.73 8.17 -8.04
C SER A 6 -14.38 8.67 -7.51
N MET A 7 -14.44 9.61 -6.58
CA MET A 7 -13.23 10.15 -5.95
C MET A 7 -12.45 9.03 -5.28
N SER A 8 -11.22 8.81 -5.74
CA SER A 8 -10.38 7.74 -5.23
C SER A 8 -11.13 6.40 -5.31
N ASP A 9 -11.32 5.93 -6.54
CA ASP A 9 -12.10 4.72 -6.82
C ASP A 9 -11.58 3.51 -6.07
N GLU A 10 -10.27 3.28 -6.15
CA GLU A 10 -9.68 2.14 -5.49
C GLU A 10 -9.65 2.33 -3.98
N GLN A 11 -9.55 3.58 -3.53
CA GLN A 11 -9.59 3.88 -2.11
C GLN A 11 -10.93 3.47 -1.54
N ALA A 12 -11.99 3.72 -2.31
CA ALA A 12 -13.34 3.34 -1.92
C ALA A 12 -13.41 1.83 -1.73
N GLU A 13 -12.85 1.10 -2.70
CA GLU A 13 -12.81 -0.35 -2.63
C GLU A 13 -12.00 -0.80 -1.42
N ALA A 14 -10.87 -0.14 -1.21
CA ALA A 14 -9.98 -0.44 -0.11
C ALA A 14 -10.66 -0.26 1.23
N ARG A 15 -11.37 0.85 1.38
CA ARG A 15 -12.07 1.16 2.61
C ARG A 15 -13.26 0.24 2.85
N ALA A 16 -13.71 -0.39 1.79
CA ALA A 16 -14.83 -1.32 1.87
C ALA A 16 -14.33 -2.71 2.28
N PHE A 17 -13.13 -3.03 1.85
CA PHE A 17 -12.52 -4.32 2.17
C PHE A 17 -11.84 -4.27 3.52
N LEU A 18 -11.09 -3.21 3.75
CA LEU A 18 -10.40 -3.03 5.01
C LEU A 18 -11.31 -2.35 6.01
N SER A 19 -11.38 -2.90 7.20
CA SER A 19 -12.18 -2.32 8.24
C SER A 19 -11.50 -1.07 8.77
N GLU A 20 -12.25 -0.22 9.44
CA GLU A 20 -11.71 1.02 10.00
C GLU A 20 -10.45 0.75 10.84
N GLU A 21 -10.52 -0.32 11.63
CA GLU A 21 -9.41 -0.72 12.46
C GLU A 21 -8.20 -1.10 11.63
N MET A 22 -8.44 -1.81 10.53
CA MET A 22 -7.35 -2.24 9.65
C MET A 22 -6.71 -1.03 9.02
N ILE A 23 -7.54 -0.12 8.54
CA ILE A 23 -7.09 1.13 7.93
C ILE A 23 -6.22 1.91 8.91
N ALA A 24 -6.64 1.95 10.18
CA ALA A 24 -5.91 2.64 11.23
C ALA A 24 -4.52 2.02 11.44
N GLU A 25 -4.49 0.68 11.59
CA GLU A 25 -3.24 -0.04 11.78
C GLU A 25 -2.29 0.18 10.62
N PHE A 26 -2.83 0.15 9.40
CA PHE A 26 -2.03 0.37 8.20
C PHE A 26 -1.60 1.82 8.09
N LYS A 27 -2.46 2.73 8.56
CA LYS A 27 -2.15 4.15 8.55
C LYS A 27 -0.95 4.41 9.46
N ALA A 28 -0.98 3.81 10.64
CA ALA A 28 0.11 3.94 11.59
C ALA A 28 1.40 3.37 11.03
N ALA A 29 1.27 2.29 10.26
CA ALA A 29 2.42 1.67 9.61
C ALA A 29 2.99 2.61 8.55
N PHE A 30 2.11 3.31 7.85
CA PHE A 30 2.50 4.29 6.87
C PHE A 30 3.32 5.41 7.54
N ASP A 31 2.86 5.86 8.73
CA ASP A 31 3.56 6.91 9.51
C ASP A 31 4.98 6.50 9.85
N MET A 32 5.22 5.20 9.94
CA MET A 32 6.53 4.68 10.25
C MET A 32 7.55 5.06 9.18
N PHE A 33 7.09 5.13 7.95
CA PHE A 33 7.96 5.47 6.83
C PHE A 33 7.80 6.93 6.45
N ASP A 34 6.58 7.43 6.52
CA ASP A 34 6.31 8.84 6.22
C ASP A 34 5.84 9.55 7.48
N ALA A 35 6.80 9.89 8.33
CA ALA A 35 6.50 10.59 9.58
C ALA A 35 6.37 12.07 9.34
N ASP A 36 6.88 12.53 8.21
CA ASP A 36 6.87 13.94 7.85
C ASP A 36 5.47 14.38 7.47
N GLY A 37 4.69 13.45 6.98
CA GLY A 37 3.35 13.77 6.55
C GLY A 37 3.32 14.17 5.10
N GLY A 38 4.23 13.60 4.32
CA GLY A 38 4.29 13.89 2.92
C GLY A 38 3.22 13.15 2.17
N GLY A 39 2.86 11.98 2.68
CA GLY A 39 1.81 11.20 2.10
C GLY A 39 2.30 10.27 1.01
N GLU A 40 3.62 10.14 0.89
CA GLU A 40 4.21 9.29 -0.13
C GLU A 40 5.42 8.54 0.42
N ILE A 41 5.43 7.24 0.19
CA ILE A 41 6.56 6.40 0.58
C ILE A 41 7.09 5.66 -0.63
N SER A 42 8.29 5.14 -0.51
CA SER A 42 8.91 4.40 -1.61
C SER A 42 8.13 3.12 -1.90
N ALA A 43 7.96 2.80 -3.18
CA ALA A 43 7.24 1.62 -3.61
C ALA A 43 7.87 0.35 -3.07
N LYS A 44 9.20 0.30 -3.10
CA LYS A 44 9.93 -0.86 -2.59
C LYS A 44 9.78 -0.99 -1.08
N ALA A 45 9.48 0.11 -0.43
CA ALA A 45 9.33 0.12 1.02
C ALA A 45 8.03 -0.57 1.42
N PHE A 46 7.07 -0.60 0.50
CA PHE A 46 5.77 -1.25 0.75
C PHE A 46 5.95 -2.70 1.15
N GLY A 47 6.86 -3.38 0.46
CA GLY A 47 7.14 -4.77 0.78
C GLY A 47 7.61 -4.91 2.21
N THR A 48 8.48 -4.01 2.63
CA THR A 48 9.00 -4.00 3.97
C THR A 48 7.88 -3.76 4.99
N VAL A 49 6.99 -2.79 4.68
CA VAL A 49 5.87 -2.47 5.56
C VAL A 49 4.96 -3.69 5.74
N ALA A 50 4.67 -4.35 4.65
CA ALA A 50 3.81 -5.52 4.67
C ALA A 50 4.47 -6.66 5.45
N ARG A 51 5.76 -6.85 5.23
CA ARG A 51 6.49 -7.93 5.88
C ARG A 51 6.61 -7.70 7.40
N MET A 52 6.78 -6.45 7.82
CA MET A 52 6.89 -6.14 9.24
C MET A 52 5.52 -6.22 9.90
N ASN A 53 4.49 -6.18 9.08
CA ASN A 53 3.13 -6.22 9.56
C ASN A 53 2.55 -7.62 9.41
N ASN A 54 3.38 -8.54 8.92
CA ASN A 54 3.00 -9.95 8.70
C ASN A 54 1.89 -10.07 7.64
N VAL A 55 1.77 -9.06 6.81
CA VAL A 55 0.78 -9.08 5.75
C VAL A 55 1.29 -9.93 4.59
N PRO A 56 0.51 -10.93 4.18
CA PRO A 56 0.90 -11.83 3.10
C PRO A 56 1.10 -11.09 1.79
N VAL A 57 2.35 -10.95 1.39
CA VAL A 57 2.69 -10.27 0.16
C VAL A 57 2.60 -11.22 -1.02
N ASP A 58 1.86 -10.82 -2.04
CA ASP A 58 1.72 -11.61 -3.24
C ASP A 58 2.87 -11.31 -4.21
N PRO A 59 3.40 -12.33 -4.90
CA PRO A 59 4.54 -12.15 -5.80
C PRO A 59 4.19 -11.35 -7.05
N ARG A 60 2.96 -11.49 -7.53
CA ARG A 60 2.53 -10.79 -8.72
C ARG A 60 2.24 -9.33 -8.38
N VAL A 61 1.80 -9.09 -7.16
CA VAL A 61 1.59 -7.73 -6.70
C VAL A 61 2.92 -7.01 -6.62
N GLN A 62 3.93 -7.69 -6.06
CA GLN A 62 5.28 -7.13 -5.98
C GLN A 62 5.86 -6.90 -7.37
N GLU A 63 5.53 -7.79 -8.29
CA GLU A 63 5.97 -7.67 -9.67
C GLU A 63 5.42 -6.39 -10.27
N TYR A 64 4.20 -6.07 -9.90
CA TYR A 64 3.54 -4.85 -10.34
C TYR A 64 4.10 -3.63 -9.61
N VAL A 65 4.37 -3.79 -8.31
CA VAL A 65 4.92 -2.70 -7.49
C VAL A 65 6.32 -2.30 -7.96
N LYS A 66 7.14 -3.28 -8.31
CA LYS A 66 8.50 -3.02 -8.75
C LYS A 66 8.50 -2.15 -10.01
N ARG A 67 7.51 -2.38 -10.89
CA ARG A 67 7.41 -1.66 -12.15
C ARG A 67 7.24 -0.17 -11.93
N LEU A 68 6.52 0.18 -10.86
CA LEU A 68 6.28 1.59 -10.53
C LEU A 68 7.58 2.34 -10.34
N THR A 69 8.43 1.83 -9.47
CA THR A 69 9.69 2.48 -9.17
C THR A 69 10.76 2.19 -10.24
N ASP A 70 10.69 1.02 -10.86
CA ASP A 70 11.71 0.60 -11.84
C ASP A 70 11.64 1.43 -13.12
N GLN A 71 10.44 1.81 -13.53
CA GLN A 71 10.28 2.58 -14.77
C GLN A 71 10.70 4.04 -14.58
N ASP A 72 10.77 4.48 -13.34
CA ASP A 72 11.09 5.88 -13.04
C ASP A 72 12.45 6.02 -12.38
N GLY A 73 12.59 5.38 -11.24
CA GLY A 73 13.80 5.49 -10.46
C GLY A 73 13.47 5.58 -8.99
N SER A 74 12.56 6.48 -8.66
CA SER A 74 12.11 6.65 -7.30
C SER A 74 10.59 6.64 -7.26
N GLY A 75 10.02 5.45 -7.34
CA GLY A 75 8.58 5.31 -7.33
C GLY A 75 8.03 5.50 -5.95
N THR A 76 7.09 6.43 -5.82
CA THR A 76 6.49 6.72 -4.55
C THR A 76 4.99 6.49 -4.60
N ILE A 77 4.48 5.86 -3.57
CA ILE A 77 3.07 5.58 -3.46
C ILE A 77 2.44 6.45 -2.40
N SER A 78 1.29 6.98 -2.72
CA SER A 78 0.56 7.83 -1.81
C SER A 78 -0.15 6.98 -0.75
N PHE A 79 -0.60 7.62 0.33
CA PHE A 79 -1.33 6.92 1.39
C PHE A 79 -2.55 6.21 0.82
N GLU A 80 -3.23 6.88 -0.11
CA GLU A 80 -4.38 6.33 -0.80
C GLU A 80 -4.01 5.01 -1.45
N GLU A 81 -2.89 5.01 -2.16
CA GLU A 81 -2.42 3.85 -2.88
C GLU A 81 -1.93 2.76 -1.92
N PHE A 82 -1.27 3.18 -0.83
CA PHE A 82 -0.77 2.24 0.18
C PHE A 82 -1.87 1.32 0.67
N LEU A 83 -3.02 1.91 1.01
CA LEU A 83 -4.16 1.14 1.49
C LEU A 83 -4.61 0.15 0.43
N VAL A 84 -4.73 0.62 -0.81
CA VAL A 84 -5.19 -0.21 -1.91
C VAL A 84 -4.23 -1.37 -2.18
N LEU A 85 -2.94 -1.11 -2.04
CA LEU A 85 -1.93 -2.14 -2.26
C LEU A 85 -2.07 -3.26 -1.23
N MET A 86 -2.33 -2.89 0.02
CA MET A 86 -2.57 -3.87 1.07
C MET A 86 -3.79 -4.72 0.74
N VAL A 87 -4.75 -4.08 0.09
CA VAL A 87 -5.96 -4.74 -0.35
C VAL A 87 -5.64 -5.77 -1.43
N LYS A 88 -4.94 -5.32 -2.47
CA LYS A 88 -4.58 -6.19 -3.58
C LYS A 88 -3.72 -7.36 -3.12
N SER A 89 -2.82 -7.10 -2.18
CA SER A 89 -1.91 -8.11 -1.68
C SER A 89 -2.67 -9.28 -1.05
N MET A 90 -3.62 -8.97 -0.18
CA MET A 90 -4.37 -10.02 0.51
C MET A 90 -5.45 -10.62 -0.38
N LYS A 91 -5.95 -9.85 -1.32
CA LYS A 91 -6.99 -10.32 -2.22
C LYS A 91 -6.40 -11.26 -3.28
N GLN A 92 -5.21 -10.92 -3.74
CA GLN A 92 -4.52 -11.73 -4.73
C GLN A 92 -3.88 -12.95 -4.07
N ASP A 93 -3.26 -12.74 -2.93
CA ASP A 93 -2.66 -13.85 -2.19
C ASP A 93 -3.73 -14.64 -1.45
N ALA A 94 -3.96 -15.86 -1.87
CA ALA A 94 -4.94 -16.70 -1.21
C ALA A 94 -4.33 -18.04 -0.82
N ALA A 5 -7.61 15.38 -8.33
CA ALA A 5 -6.16 15.14 -8.50
C ALA A 5 -5.82 13.67 -8.28
N SER A 6 -6.37 13.11 -7.22
CA SER A 6 -6.16 11.72 -6.90
C SER A 6 -7.45 10.93 -7.13
N MET A 7 -7.39 9.62 -6.98
CA MET A 7 -8.56 8.78 -7.16
C MET A 7 -8.99 8.17 -5.84
N SER A 8 -10.27 7.91 -5.71
CA SER A 8 -10.81 7.28 -4.53
C SER A 8 -11.62 6.05 -4.93
N ASP A 9 -11.50 5.68 -6.20
CA ASP A 9 -12.24 4.54 -6.75
C ASP A 9 -11.81 3.23 -6.11
N GLU A 10 -10.51 3.02 -6.01
CA GLU A 10 -9.98 1.81 -5.43
C GLU A 10 -10.17 1.81 -3.91
N GLN A 11 -10.17 3.01 -3.32
CA GLN A 11 -10.39 3.15 -1.90
C GLN A 11 -11.73 2.58 -1.49
N ALA A 12 -12.71 2.67 -2.38
CA ALA A 12 -14.03 2.12 -2.14
C ALA A 12 -13.92 0.60 -1.98
N GLU A 13 -13.19 -0.03 -2.89
CA GLU A 13 -12.97 -1.48 -2.84
C GLU A 13 -12.18 -1.84 -1.58
N ALA A 14 -11.21 -1.01 -1.24
CA ALA A 14 -10.39 -1.21 -0.07
C ALA A 14 -11.22 -1.13 1.20
N ARG A 15 -12.12 -0.17 1.27
CA ARG A 15 -12.98 0.02 2.43
C ARG A 15 -14.05 -1.07 2.51
N ALA A 16 -14.28 -1.74 1.39
CA ALA A 16 -15.25 -2.83 1.35
C ALA A 16 -14.62 -4.11 1.91
N PHE A 17 -13.30 -4.17 1.85
CA PHE A 17 -12.56 -5.33 2.33
C PHE A 17 -12.03 -5.07 3.74
N LEU A 18 -11.44 -3.89 3.93
CA LEU A 18 -10.86 -3.52 5.21
C LEU A 18 -11.82 -2.69 6.03
N SER A 19 -11.76 -2.84 7.32
CA SER A 19 -12.57 -2.08 8.22
C SER A 19 -11.81 -0.81 8.61
N GLU A 20 -12.52 0.21 9.06
CA GLU A 20 -11.89 1.47 9.43
C GLU A 20 -10.88 1.29 10.55
N GLU A 21 -11.13 0.30 11.40
CA GLU A 21 -10.20 -0.03 12.48
C GLU A 21 -8.87 -0.52 11.90
N MET A 22 -8.95 -1.26 10.79
CA MET A 22 -7.76 -1.78 10.12
C MET A 22 -7.07 -0.63 9.41
N ILE A 23 -7.87 0.22 8.80
CA ILE A 23 -7.35 1.39 8.11
C ILE A 23 -6.57 2.27 9.08
N ALA A 24 -7.02 2.32 10.32
CA ALA A 24 -6.37 3.11 11.37
C ALA A 24 -4.97 2.57 11.68
N GLU A 25 -4.88 1.26 11.89
CA GLU A 25 -3.59 0.63 12.21
C GLU A 25 -2.64 0.67 11.02
N PHE A 26 -3.18 0.45 9.83
CA PHE A 26 -2.37 0.50 8.62
C PHE A 26 -1.91 1.93 8.36
N LYS A 27 -2.71 2.90 8.79
CA LYS A 27 -2.34 4.30 8.67
C LYS A 27 -1.11 4.56 9.51
N ALA A 28 -1.09 4.00 10.72
CA ALA A 28 0.04 4.14 11.61
C ALA A 28 1.30 3.56 10.98
N ALA A 29 1.15 2.40 10.36
CA ALA A 29 2.27 1.74 9.69
C ALA A 29 2.80 2.61 8.54
N PHE A 30 1.88 3.11 7.72
CA PHE A 30 2.21 3.99 6.61
C PHE A 30 2.88 5.28 7.13
N ASP A 31 2.34 5.79 8.24
CA ASP A 31 2.81 7.02 8.87
C ASP A 31 4.28 6.90 9.29
N MET A 32 4.69 5.68 9.63
CA MET A 32 6.06 5.41 10.05
C MET A 32 7.04 5.58 8.90
N PHE A 33 6.56 5.40 7.67
CA PHE A 33 7.41 5.48 6.50
C PHE A 33 7.29 6.84 5.79
N ASP A 34 6.20 7.56 6.06
CA ASP A 34 6.00 8.89 5.49
C ASP A 34 6.90 9.89 6.22
N ALA A 35 8.15 9.93 5.82
CA ALA A 35 9.14 10.75 6.48
C ALA A 35 9.11 12.19 6.00
N ASP A 36 8.67 12.43 4.78
CA ASP A 36 8.64 13.78 4.25
C ASP A 36 7.35 14.48 4.63
N GLY A 37 6.36 13.71 5.06
CA GLY A 37 5.10 14.29 5.47
C GLY A 37 4.27 14.69 4.27
N GLY A 38 4.29 13.85 3.26
CA GLY A 38 3.55 14.12 2.07
C GLY A 38 2.49 13.08 1.81
N GLY A 39 2.38 12.13 2.72
CA GLY A 39 1.40 11.08 2.57
C GLY A 39 1.77 10.13 1.47
N GLU A 40 3.06 10.00 1.23
CA GLU A 40 3.57 9.13 0.21
C GLU A 40 4.80 8.38 0.69
N ILE A 41 4.88 7.11 0.35
CA ILE A 41 6.03 6.31 0.71
C ILE A 41 6.59 5.64 -0.54
N SER A 42 7.76 5.07 -0.44
CA SER A 42 8.36 4.39 -1.56
C SER A 42 7.59 3.10 -1.84
N ALA A 43 7.32 2.86 -3.11
CA ALA A 43 6.58 1.67 -3.53
C ALA A 43 7.23 0.40 -2.97
N LYS A 44 8.53 0.28 -3.17
CA LYS A 44 9.27 -0.87 -2.70
C LYS A 44 9.31 -0.98 -1.17
N ALA A 45 8.94 0.09 -0.49
CA ALA A 45 8.89 0.08 0.97
C ALA A 45 7.63 -0.65 1.43
N PHE A 46 6.66 -0.78 0.52
CA PHE A 46 5.41 -1.48 0.79
C PHE A 46 5.69 -2.91 1.24
N GLY A 47 6.64 -3.54 0.57
CA GLY A 47 7.01 -4.90 0.93
C GLY A 47 7.52 -4.98 2.35
N THR A 48 8.24 -3.94 2.76
CA THR A 48 8.78 -3.86 4.10
C THR A 48 7.65 -3.72 5.12
N VAL A 49 6.67 -2.86 4.81
CA VAL A 49 5.54 -2.63 5.71
C VAL A 49 4.69 -3.89 5.82
N ALA A 50 4.42 -4.51 4.68
CA ALA A 50 3.63 -5.73 4.64
C ALA A 50 4.28 -6.82 5.50
N ARG A 51 5.57 -7.04 5.30
CA ARG A 51 6.29 -8.07 6.02
C ARG A 51 6.33 -7.82 7.54
N MET A 52 6.51 -6.55 7.94
CA MET A 52 6.55 -6.23 9.37
C MET A 52 5.16 -6.37 10.00
N ASN A 53 4.12 -6.21 9.19
CA ASN A 53 2.74 -6.35 9.65
C ASN A 53 2.25 -7.78 9.45
N ASN A 54 3.17 -8.66 9.03
CA ASN A 54 2.88 -10.08 8.79
C ASN A 54 1.85 -10.26 7.69
N VAL A 55 1.79 -9.30 6.80
CA VAL A 55 0.87 -9.34 5.67
C VAL A 55 1.58 -9.98 4.49
N PRO A 56 1.00 -11.05 3.92
CA PRO A 56 1.58 -11.76 2.80
C PRO A 56 1.59 -10.92 1.52
N VAL A 57 2.78 -10.54 1.09
CA VAL A 57 2.92 -9.79 -0.13
C VAL A 57 3.08 -10.74 -1.32
N ASP A 58 2.07 -10.80 -2.15
CA ASP A 58 2.05 -11.70 -3.29
C ASP A 58 3.08 -11.28 -4.34
N PRO A 59 3.80 -12.26 -4.94
CA PRO A 59 4.85 -11.98 -5.94
C PRO A 59 4.35 -11.20 -7.14
N ARG A 60 3.10 -11.45 -7.53
CA ARG A 60 2.52 -10.78 -8.68
C ARG A 60 2.24 -9.32 -8.36
N VAL A 61 1.81 -9.07 -7.14
CA VAL A 61 1.54 -7.72 -6.70
C VAL A 61 2.86 -7.00 -6.43
N GLN A 62 3.81 -7.71 -5.83
CA GLN A 62 5.13 -7.16 -5.54
C GLN A 62 5.79 -6.72 -6.83
N GLU A 63 5.69 -7.55 -7.87
CA GLU A 63 6.21 -7.24 -9.19
C GLU A 63 5.65 -5.92 -9.67
N TYR A 64 4.33 -5.82 -9.62
CA TYR A 64 3.61 -4.63 -10.02
C TYR A 64 4.02 -3.41 -9.16
N VAL A 65 4.29 -3.64 -7.89
CA VAL A 65 4.69 -2.59 -6.97
C VAL A 65 6.07 -2.01 -7.33
N LYS A 66 7.05 -2.87 -7.53
CA LYS A 66 8.38 -2.41 -7.88
C LYS A 66 8.40 -1.78 -9.28
N ARG A 67 7.52 -2.21 -10.14
CA ARG A 67 7.43 -1.62 -11.48
C ARG A 67 7.08 -0.13 -11.39
N LEU A 68 6.37 0.24 -10.32
CA LEU A 68 5.95 1.63 -10.11
C LEU A 68 7.14 2.58 -9.98
N THR A 69 8.22 2.09 -9.38
CA THR A 69 9.39 2.92 -9.19
C THR A 69 10.21 3.01 -10.48
N ASP A 70 10.12 1.97 -11.29
CA ASP A 70 10.88 1.91 -12.53
C ASP A 70 10.30 2.85 -13.59
N GLN A 71 8.98 3.00 -13.58
CA GLN A 71 8.30 3.86 -14.55
C GLN A 71 8.32 5.33 -14.13
N ASP A 72 8.75 5.60 -12.92
CA ASP A 72 8.77 6.97 -12.39
C ASP A 72 10.19 7.42 -12.06
N GLY A 73 10.84 6.68 -11.21
CA GLY A 73 12.15 7.05 -10.74
C GLY A 73 12.25 6.82 -9.26
N SER A 74 11.26 7.31 -8.54
CA SER A 74 11.19 7.12 -7.11
C SER A 74 10.09 6.10 -6.80
N GLY A 75 8.94 6.28 -7.44
CA GLY A 75 7.83 5.39 -7.22
C GLY A 75 7.23 5.57 -5.85
N THR A 76 6.36 6.54 -5.72
CA THR A 76 5.74 6.82 -4.46
C THR A 76 4.27 6.45 -4.47
N ILE A 77 3.81 5.88 -3.38
CA ILE A 77 2.42 5.51 -3.24
C ILE A 77 1.78 6.28 -2.11
N SER A 78 0.58 6.74 -2.35
CA SER A 78 -0.18 7.47 -1.36
C SER A 78 -0.86 6.50 -0.40
N PHE A 79 -1.40 7.02 0.70
CA PHE A 79 -2.07 6.18 1.69
C PHE A 79 -3.26 5.45 1.07
N GLU A 80 -3.96 6.13 0.16
CA GLU A 80 -5.08 5.54 -0.54
C GLU A 80 -4.63 4.28 -1.27
N GLU A 81 -3.56 4.42 -2.04
CA GLU A 81 -3.00 3.32 -2.81
C GLU A 81 -2.48 2.22 -1.88
N PHE A 82 -1.82 2.63 -0.78
CA PHE A 82 -1.27 1.71 0.20
C PHE A 82 -2.32 0.70 0.68
N LEU A 83 -3.47 1.22 1.11
CA LEU A 83 -4.56 0.37 1.60
C LEU A 83 -4.98 -0.62 0.54
N VAL A 84 -5.19 -0.12 -0.67
CA VAL A 84 -5.64 -0.95 -1.78
C VAL A 84 -4.63 -2.04 -2.10
N LEU A 85 -3.35 -1.68 -2.07
CA LEU A 85 -2.27 -2.64 -2.36
C LEU A 85 -2.30 -3.80 -1.37
N MET A 86 -2.54 -3.48 -0.10
CA MET A 86 -2.61 -4.52 0.93
C MET A 86 -3.79 -5.44 0.66
N VAL A 87 -4.90 -4.85 0.23
CA VAL A 87 -6.10 -5.61 -0.11
C VAL A 87 -5.81 -6.54 -1.28
N LYS A 88 -5.27 -5.97 -2.35
CA LYS A 88 -4.93 -6.75 -3.54
C LYS A 88 -4.00 -7.90 -3.21
N SER A 89 -2.99 -7.63 -2.40
CA SER A 89 -2.02 -8.63 -2.03
C SER A 89 -2.67 -9.78 -1.25
N MET A 90 -3.46 -9.45 -0.24
CA MET A 90 -4.10 -10.48 0.59
C MET A 90 -5.17 -11.25 -0.17
N LYS A 91 -5.82 -10.60 -1.11
CA LYS A 91 -6.86 -11.23 -1.90
C LYS A 91 -6.24 -12.05 -3.04
N GLN A 92 -5.14 -11.58 -3.58
CA GLN A 92 -4.43 -12.28 -4.65
C GLN A 92 -3.69 -13.49 -4.10
N ASP A 93 -3.07 -13.33 -2.95
CA ASP A 93 -2.37 -14.44 -2.31
C ASP A 93 -3.36 -15.48 -1.84
N ALA A 94 -3.33 -16.64 -2.46
CA ALA A 94 -4.22 -17.72 -2.10
C ALA A 94 -3.43 -18.99 -1.84
N ALA A 5 -7.74 14.53 -3.22
CA ALA A 5 -7.20 13.37 -3.98
C ALA A 5 -8.20 12.88 -5.02
N SER A 6 -7.70 12.34 -6.10
CA SER A 6 -8.54 11.81 -7.16
C SER A 6 -8.15 10.37 -7.45
N MET A 7 -8.92 9.70 -8.33
CA MET A 7 -8.63 8.31 -8.74
C MET A 7 -8.79 7.34 -7.56
N SER A 8 -9.54 7.77 -6.55
CA SER A 8 -9.75 6.97 -5.35
C SER A 8 -10.93 6.01 -5.51
N ASP A 9 -11.13 5.53 -6.73
CA ASP A 9 -12.22 4.59 -7.03
C ASP A 9 -12.01 3.27 -6.33
N GLU A 10 -10.76 2.79 -6.32
CA GLU A 10 -10.44 1.54 -5.66
C GLU A 10 -10.43 1.71 -4.16
N GLN A 11 -10.25 2.95 -3.69
CA GLN A 11 -10.30 3.25 -2.26
C GLN A 11 -11.63 2.79 -1.69
N ALA A 12 -12.68 2.96 -2.49
CA ALA A 12 -14.02 2.54 -2.12
C ALA A 12 -14.06 1.05 -1.85
N GLU A 13 -13.50 0.28 -2.78
CA GLU A 13 -13.41 -1.17 -2.66
C GLU A 13 -12.57 -1.55 -1.45
N ALA A 14 -11.48 -0.81 -1.25
CA ALA A 14 -10.57 -1.05 -0.15
C ALA A 14 -11.25 -0.85 1.19
N ARG A 15 -11.98 0.25 1.32
CA ARG A 15 -12.67 0.57 2.57
C ARG A 15 -13.85 -0.37 2.83
N ALA A 16 -14.30 -1.06 1.81
CA ALA A 16 -15.38 -2.02 1.96
C ALA A 16 -14.84 -3.33 2.52
N PHE A 17 -13.65 -3.69 2.09
CA PHE A 17 -13.00 -4.93 2.52
C PHE A 17 -12.22 -4.73 3.82
N LEU A 18 -11.58 -3.59 3.94
CA LEU A 18 -10.80 -3.28 5.13
C LEU A 18 -11.67 -2.59 6.17
N SER A 19 -11.60 -3.06 7.39
CA SER A 19 -12.33 -2.47 8.47
C SER A 19 -11.52 -1.33 9.06
N GLU A 20 -12.14 -0.55 9.95
CA GLU A 20 -11.47 0.60 10.54
C GLU A 20 -10.19 0.20 11.26
N GLU A 21 -10.18 -0.99 11.83
CA GLU A 21 -9.00 -1.49 12.52
C GLU A 21 -7.86 -1.70 11.55
N MET A 22 -8.16 -2.30 10.40
CA MET A 22 -7.14 -2.55 9.37
C MET A 22 -6.61 -1.22 8.85
N ILE A 23 -7.53 -0.34 8.52
CA ILE A 23 -7.20 0.98 8.00
C ILE A 23 -6.32 1.74 9.00
N ALA A 24 -6.64 1.62 10.28
CA ALA A 24 -5.89 2.29 11.34
C ALA A 24 -4.45 1.79 11.39
N GLU A 25 -4.28 0.47 11.41
CA GLU A 25 -2.97 -0.15 11.43
C GLU A 25 -2.16 0.23 10.20
N PHE A 26 -2.80 0.16 9.04
CA PHE A 26 -2.15 0.50 7.79
C PHE A 26 -1.76 1.97 7.75
N LYS A 27 -2.61 2.82 8.32
CA LYS A 27 -2.32 4.24 8.37
C LYS A 27 -1.13 4.51 9.29
N ALA A 28 -1.15 3.90 10.47
CA ALA A 28 -0.07 4.04 11.42
C ALA A 28 1.25 3.57 10.81
N ALA A 29 1.20 2.42 10.14
CA ALA A 29 2.35 1.86 9.48
C ALA A 29 2.81 2.77 8.34
N PHE A 30 1.86 3.28 7.58
CA PHE A 30 2.15 4.20 6.50
C PHE A 30 2.85 5.45 7.03
N ASP A 31 2.35 5.98 8.14
CA ASP A 31 2.92 7.16 8.79
C ASP A 31 4.39 6.94 9.16
N MET A 32 4.73 5.71 9.53
CA MET A 32 6.09 5.36 9.90
C MET A 32 7.05 5.59 8.73
N PHE A 33 6.59 5.27 7.53
CA PHE A 33 7.41 5.43 6.34
C PHE A 33 7.24 6.81 5.72
N ASP A 34 6.11 7.45 6.00
CA ASP A 34 5.87 8.81 5.53
C ASP A 34 6.53 9.80 6.48
N ALA A 35 7.85 9.84 6.45
CA ALA A 35 8.62 10.73 7.31
C ALA A 35 8.56 12.15 6.78
N ASP A 36 8.27 12.28 5.50
CA ASP A 36 8.18 13.58 4.86
C ASP A 36 6.90 14.28 5.27
N GLY A 37 5.89 13.50 5.60
CA GLY A 37 4.61 14.06 5.99
C GLY A 37 3.85 14.54 4.79
N GLY A 38 4.02 13.84 3.69
CA GLY A 38 3.37 14.23 2.46
C GLY A 38 2.27 13.29 2.07
N GLY A 39 2.12 12.21 2.82
CA GLY A 39 1.08 11.25 2.53
C GLY A 39 1.45 10.33 1.40
N GLU A 40 2.74 10.20 1.15
CA GLU A 40 3.27 9.36 0.08
C GLU A 40 4.51 8.64 0.56
N ILE A 41 4.58 7.34 0.32
CA ILE A 41 5.75 6.57 0.69
C ILE A 41 6.43 6.02 -0.55
N SER A 42 7.62 5.48 -0.38
CA SER A 42 8.35 4.90 -1.48
C SER A 42 7.74 3.55 -1.85
N ALA A 43 7.59 3.30 -3.15
CA ALA A 43 6.98 2.07 -3.65
C ALA A 43 7.70 0.83 -3.13
N LYS A 44 9.02 0.85 -3.21
CA LYS A 44 9.83 -0.30 -2.77
C LYS A 44 9.66 -0.60 -1.28
N ALA A 45 9.16 0.38 -0.54
CA ALA A 45 8.99 0.24 0.89
C ALA A 45 7.68 -0.46 1.24
N PHE A 46 6.80 -0.63 0.26
CA PHE A 46 5.52 -1.29 0.48
C PHE A 46 5.71 -2.70 1.03
N GLY A 47 6.62 -3.44 0.39
CA GLY A 47 6.91 -4.80 0.82
C GLY A 47 7.39 -4.83 2.26
N THR A 48 8.24 -3.88 2.62
CA THR A 48 8.80 -3.80 3.96
C THR A 48 7.68 -3.61 4.99
N VAL A 49 6.73 -2.73 4.68
CA VAL A 49 5.60 -2.47 5.58
C VAL A 49 4.79 -3.74 5.78
N ALA A 50 4.45 -4.38 4.67
CA ALA A 50 3.66 -5.60 4.70
C ALA A 50 4.36 -6.71 5.49
N ARG A 51 5.67 -6.79 5.32
CA ARG A 51 6.46 -7.83 6.00
C ARG A 51 6.44 -7.64 7.52
N MET A 52 6.59 -6.39 7.98
CA MET A 52 6.61 -6.12 9.42
C MET A 52 5.20 -6.22 10.02
N ASN A 53 4.19 -6.10 9.17
CA ASN A 53 2.80 -6.17 9.63
C ASN A 53 2.24 -7.58 9.46
N ASN A 54 3.11 -8.52 9.06
CA ASN A 54 2.74 -9.92 8.86
C ASN A 54 1.68 -10.09 7.78
N VAL A 55 1.65 -9.15 6.85
CA VAL A 55 0.72 -9.20 5.75
C VAL A 55 1.34 -9.97 4.60
N PRO A 56 0.67 -11.04 4.13
CA PRO A 56 1.14 -11.86 3.01
C PRO A 56 1.40 -10.99 1.78
N VAL A 57 2.67 -10.84 1.42
CA VAL A 57 3.04 -10.02 0.28
C VAL A 57 2.91 -10.82 -1.01
N ASP A 58 1.90 -10.48 -1.79
CA ASP A 58 1.66 -11.15 -3.05
C ASP A 58 2.71 -10.75 -4.09
N PRO A 59 3.28 -11.75 -4.81
CA PRO A 59 4.32 -11.51 -5.82
C PRO A 59 3.81 -10.69 -7.00
N ARG A 60 2.53 -10.85 -7.32
CA ARG A 60 1.93 -10.11 -8.42
C ARG A 60 1.79 -8.64 -8.05
N VAL A 61 1.41 -8.37 -6.82
CA VAL A 61 1.30 -7.00 -6.35
C VAL A 61 2.68 -6.38 -6.29
N GLN A 62 3.63 -7.09 -5.67
CA GLN A 62 5.01 -6.60 -5.56
C GLN A 62 5.61 -6.26 -6.93
N GLU A 63 5.38 -7.13 -7.91
CA GLU A 63 5.87 -6.91 -9.26
C GLU A 63 5.32 -5.59 -9.78
N TYR A 64 4.02 -5.44 -9.66
CA TYR A 64 3.32 -4.24 -10.06
C TYR A 64 3.81 -3.01 -9.28
N VAL A 65 4.02 -3.18 -7.98
CA VAL A 65 4.49 -2.10 -7.12
C VAL A 65 5.88 -1.62 -7.56
N LYS A 66 6.79 -2.56 -7.74
CA LYS A 66 8.15 -2.20 -8.11
C LYS A 66 8.21 -1.65 -9.52
N ARG A 67 7.31 -2.10 -10.39
CA ARG A 67 7.29 -1.65 -11.78
C ARG A 67 7.19 -0.13 -11.89
N LEU A 68 6.36 0.45 -11.02
CA LEU A 68 6.12 1.89 -11.03
C LEU A 68 7.44 2.66 -10.84
N THR A 69 8.11 2.38 -9.74
CA THR A 69 9.33 3.07 -9.39
C THR A 69 10.57 2.52 -10.12
N ASP A 70 10.48 1.30 -10.65
CA ASP A 70 11.64 0.66 -11.29
C ASP A 70 11.90 1.27 -12.66
N GLN A 71 10.84 1.44 -13.44
CA GLN A 71 10.98 2.01 -14.79
C GLN A 71 11.29 3.50 -14.71
N ASP A 72 10.79 4.15 -13.68
CA ASP A 72 11.02 5.58 -13.49
C ASP A 72 12.28 5.82 -12.67
N GLY A 73 12.14 5.71 -11.36
CA GLY A 73 13.25 5.94 -10.47
C GLY A 73 12.77 6.32 -9.09
N SER A 74 11.76 7.16 -9.04
CA SER A 74 11.20 7.60 -7.77
C SER A 74 9.68 7.50 -7.79
N GLY A 75 9.18 6.30 -7.57
CA GLY A 75 7.75 6.08 -7.58
C GLY A 75 7.18 6.08 -6.18
N THR A 76 6.22 6.94 -5.94
CA THR A 76 5.62 7.05 -4.63
C THR A 76 4.21 6.48 -4.62
N ILE A 77 3.80 6.00 -3.46
CA ILE A 77 2.48 5.44 -3.29
C ILE A 77 1.75 6.22 -2.19
N SER A 78 0.58 6.73 -2.50
CA SER A 78 -0.21 7.48 -1.54
C SER A 78 -0.91 6.53 -0.56
N PHE A 79 -1.48 7.09 0.51
CA PHE A 79 -2.18 6.29 1.52
C PHE A 79 -3.36 5.57 0.90
N GLU A 80 -4.04 6.25 -0.01
CA GLU A 80 -5.17 5.67 -0.72
C GLU A 80 -4.73 4.41 -1.44
N GLU A 81 -3.66 4.56 -2.21
CA GLU A 81 -3.09 3.46 -2.96
C GLU A 81 -2.60 2.35 -2.04
N PHE A 82 -1.95 2.73 -0.95
CA PHE A 82 -1.41 1.79 0.02
C PHE A 82 -2.49 0.83 0.52
N LEU A 83 -3.64 1.39 0.88
CA LEU A 83 -4.75 0.58 1.36
C LEU A 83 -5.20 -0.40 0.29
N VAL A 84 -5.36 0.09 -0.93
CA VAL A 84 -5.82 -0.73 -2.04
C VAL A 84 -4.83 -1.86 -2.34
N LEU A 85 -3.54 -1.56 -2.24
CA LEU A 85 -2.50 -2.55 -2.49
C LEU A 85 -2.59 -3.69 -1.49
N MET A 86 -2.81 -3.35 -0.23
CA MET A 86 -2.97 -4.36 0.81
C MET A 86 -4.18 -5.24 0.54
N VAL A 87 -5.21 -4.64 -0.04
CA VAL A 87 -6.42 -5.36 -0.42
C VAL A 87 -6.09 -6.42 -1.47
N LYS A 88 -5.37 -6.01 -2.51
CA LYS A 88 -5.00 -6.91 -3.59
C LYS A 88 -4.11 -8.03 -3.07
N SER A 89 -3.15 -7.66 -2.22
CA SER A 89 -2.17 -8.61 -1.71
C SER A 89 -2.84 -9.71 -0.87
N MET A 90 -3.70 -9.32 0.07
CA MET A 90 -4.35 -10.31 0.93
C MET A 90 -5.40 -11.11 0.17
N LYS A 91 -5.99 -10.50 -0.84
CA LYS A 91 -7.04 -11.14 -1.61
C LYS A 91 -6.46 -12.17 -2.59
N GLN A 92 -5.38 -11.81 -3.25
CA GLN A 92 -4.76 -12.68 -4.22
C GLN A 92 -3.91 -13.77 -3.57
N ASP A 93 -3.10 -13.39 -2.60
CA ASP A 93 -2.22 -14.35 -1.95
C ASP A 93 -3.02 -15.32 -1.09
N ALA A 94 -3.05 -16.57 -1.51
CA ALA A 94 -3.78 -17.60 -0.78
C ALA A 94 -2.86 -18.33 0.19
N ALA A 5 -6.91 14.33 -6.34
CA ALA A 5 -6.07 13.25 -6.93
C ALA A 5 -6.81 11.91 -6.86
N SER A 6 -6.87 11.22 -8.00
CA SER A 6 -7.53 9.92 -8.10
C SER A 6 -9.05 10.04 -7.91
N MET A 7 -9.76 9.00 -8.29
CA MET A 7 -11.21 8.97 -8.16
C MET A 7 -11.61 8.22 -6.91
N SER A 8 -10.61 7.63 -6.24
CA SER A 8 -10.84 6.84 -5.03
C SER A 8 -11.71 5.61 -5.32
N ASP A 9 -11.79 5.25 -6.60
CA ASP A 9 -12.57 4.10 -7.04
C ASP A 9 -11.95 2.81 -6.51
N GLU A 10 -10.63 2.79 -6.44
CA GLU A 10 -9.93 1.66 -5.86
C GLU A 10 -10.19 1.61 -4.35
N GLN A 11 -10.18 2.80 -3.74
CA GLN A 11 -10.40 2.94 -2.30
C GLN A 11 -11.80 2.50 -1.90
N ALA A 12 -12.76 2.72 -2.79
CA ALA A 12 -14.14 2.30 -2.53
C ALA A 12 -14.21 0.81 -2.27
N GLU A 13 -13.42 0.05 -3.02
CA GLU A 13 -13.35 -1.39 -2.85
C GLU A 13 -12.53 -1.74 -1.63
N ALA A 14 -11.45 -0.99 -1.43
CA ALA A 14 -10.55 -1.22 -0.32
C ALA A 14 -11.23 -1.06 1.03
N ARG A 15 -11.98 0.03 1.18
CA ARG A 15 -12.68 0.30 2.44
C ARG A 15 -13.78 -0.71 2.72
N ALA A 16 -14.22 -1.39 1.69
CA ALA A 16 -15.27 -2.41 1.85
C ALA A 16 -14.66 -3.73 2.30
N PHE A 17 -13.36 -3.88 2.06
CA PHE A 17 -12.63 -5.07 2.44
C PHE A 17 -11.94 -4.88 3.77
N LEU A 18 -11.22 -3.77 3.90
CA LEU A 18 -10.53 -3.47 5.13
C LEU A 18 -11.46 -2.77 6.08
N SER A 19 -11.49 -3.24 7.32
CA SER A 19 -12.32 -2.64 8.33
C SER A 19 -11.64 -1.37 8.84
N GLU A 20 -12.40 -0.50 9.48
CA GLU A 20 -11.86 0.76 9.98
C GLU A 20 -10.75 0.51 10.99
N GLU A 21 -10.90 -0.55 11.77
CA GLU A 21 -9.90 -0.93 12.75
C GLU A 21 -8.58 -1.33 12.06
N MET A 22 -8.70 -1.89 10.85
CA MET A 22 -7.53 -2.29 10.07
C MET A 22 -6.91 -1.06 9.44
N ILE A 23 -7.76 -0.22 8.84
CA ILE A 23 -7.33 1.01 8.19
C ILE A 23 -6.53 1.89 9.15
N ALA A 24 -6.99 1.98 10.40
CA ALA A 24 -6.33 2.78 11.42
C ALA A 24 -4.87 2.35 11.59
N GLU A 25 -4.65 1.04 11.67
CA GLU A 25 -3.31 0.50 11.83
C GLU A 25 -2.46 0.75 10.59
N PHE A 26 -3.07 0.58 9.43
CA PHE A 26 -2.38 0.81 8.17
C PHE A 26 -1.96 2.27 8.02
N LYS A 27 -2.77 3.16 8.57
CA LYS A 27 -2.45 4.58 8.57
C LYS A 27 -1.16 4.84 9.33
N ALA A 28 -1.06 4.29 10.53
CA ALA A 28 0.13 4.44 11.35
C ALA A 28 1.33 3.82 10.65
N ALA A 29 1.12 2.66 10.04
CA ALA A 29 2.18 1.96 9.32
C ALA A 29 2.68 2.79 8.13
N PHE A 30 1.77 3.49 7.49
CA PHE A 30 2.09 4.36 6.37
C PHE A 30 2.93 5.54 6.85
N ASP A 31 2.51 6.13 7.97
CA ASP A 31 3.19 7.29 8.55
C ASP A 31 4.62 6.95 8.96
N MET A 32 4.86 5.69 9.28
CA MET A 32 6.18 5.22 9.69
C MET A 32 7.23 5.49 8.61
N PHE A 33 6.86 5.25 7.36
CA PHE A 33 7.80 5.43 6.25
C PHE A 33 7.65 6.79 5.58
N ASP A 34 6.78 7.61 6.14
CA ASP A 34 6.60 8.97 5.66
C ASP A 34 7.09 9.93 6.71
N ALA A 35 8.38 9.84 7.00
CA ALA A 35 9.02 10.64 8.04
C ALA A 35 9.12 12.11 7.65
N ASP A 36 9.05 12.37 6.36
CA ASP A 36 9.15 13.73 5.85
C ASP A 36 7.77 14.35 5.70
N GLY A 37 6.73 13.54 5.93
CA GLY A 37 5.37 14.03 5.82
C GLY A 37 5.04 14.50 4.42
N GLY A 38 5.26 13.62 3.45
CA GLY A 38 5.01 13.98 2.08
C GLY A 38 3.65 13.51 1.60
N GLY A 39 3.10 12.51 2.27
CA GLY A 39 1.80 11.98 1.87
C GLY A 39 1.94 10.79 0.97
N GLU A 40 3.16 10.54 0.53
CA GLU A 40 3.48 9.44 -0.35
C GLU A 40 4.72 8.74 0.16
N ILE A 41 4.72 7.42 0.11
CA ILE A 41 5.88 6.65 0.51
C ILE A 41 6.46 5.93 -0.69
N SER A 42 7.70 5.48 -0.57
CA SER A 42 8.35 4.77 -1.64
C SER A 42 7.73 3.38 -1.79
N ALA A 43 7.43 3.00 -3.03
CA ALA A 43 6.82 1.71 -3.33
C ALA A 43 7.62 0.55 -2.75
N LYS A 44 8.95 0.65 -2.83
CA LYS A 44 9.84 -0.39 -2.32
C LYS A 44 9.68 -0.60 -0.80
N ALA A 45 9.09 0.37 -0.13
CA ALA A 45 8.89 0.29 1.30
C ALA A 45 7.63 -0.51 1.63
N PHE A 46 6.71 -0.59 0.66
CA PHE A 46 5.43 -1.29 0.85
C PHE A 46 5.66 -2.75 1.25
N GLY A 47 6.57 -3.42 0.53
CA GLY A 47 6.87 -4.80 0.83
C GLY A 47 7.36 -4.99 2.26
N THR A 48 8.20 -4.07 2.70
CA THR A 48 8.72 -4.12 4.05
C THR A 48 7.61 -3.92 5.07
N VAL A 49 6.70 -2.99 4.77
CA VAL A 49 5.57 -2.72 5.64
C VAL A 49 4.68 -3.95 5.74
N ALA A 50 4.45 -4.60 4.60
CA ALA A 50 3.64 -5.80 4.55
C ALA A 50 4.28 -6.91 5.38
N ARG A 51 5.58 -7.13 5.17
CA ARG A 51 6.32 -8.16 5.90
C ARG A 51 6.25 -7.95 7.41
N MET A 52 6.52 -6.73 7.87
CA MET A 52 6.54 -6.44 9.31
C MET A 52 5.14 -6.48 9.92
N ASN A 53 4.12 -6.43 9.07
CA ASN A 53 2.74 -6.48 9.55
C ASN A 53 2.13 -7.85 9.32
N ASN A 54 2.97 -8.80 8.88
CA ASN A 54 2.55 -10.20 8.62
C ASN A 54 1.48 -10.24 7.52
N VAL A 55 1.55 -9.28 6.62
CA VAL A 55 0.62 -9.22 5.51
C VAL A 55 1.23 -9.91 4.30
N PRO A 56 0.56 -10.95 3.78
CA PRO A 56 1.07 -11.71 2.64
C PRO A 56 1.15 -10.87 1.37
N VAL A 57 2.37 -10.56 0.96
CA VAL A 57 2.58 -9.79 -0.24
C VAL A 57 2.53 -10.68 -1.49
N ASP A 58 1.50 -10.48 -2.28
CA ASP A 58 1.27 -11.26 -3.51
C ASP A 58 2.40 -11.03 -4.52
N PRO A 59 2.84 -12.11 -5.22
CA PRO A 59 3.92 -12.04 -6.20
C PRO A 59 3.67 -11.00 -7.30
N ARG A 60 2.42 -10.85 -7.71
CA ARG A 60 2.06 -9.88 -8.75
C ARG A 60 2.24 -8.47 -8.22
N VAL A 61 1.87 -8.25 -6.97
CA VAL A 61 2.02 -6.93 -6.36
C VAL A 61 3.50 -6.64 -6.12
N GLN A 62 4.26 -7.67 -5.77
CA GLN A 62 5.71 -7.56 -5.57
C GLN A 62 6.39 -7.09 -6.86
N GLU A 63 5.97 -7.67 -7.98
CA GLU A 63 6.51 -7.31 -9.28
C GLU A 63 5.96 -5.93 -9.69
N TYR A 64 4.76 -5.65 -9.27
CA TYR A 64 4.12 -4.37 -9.51
C TYR A 64 4.88 -3.25 -8.79
N VAL A 65 5.33 -3.54 -7.58
CA VAL A 65 6.11 -2.59 -6.77
C VAL A 65 7.41 -2.18 -7.47
N LYS A 66 8.14 -3.15 -8.01
CA LYS A 66 9.41 -2.85 -8.70
C LYS A 66 9.15 -1.99 -9.93
N ARG A 67 8.01 -2.21 -10.55
CA ARG A 67 7.61 -1.46 -11.72
C ARG A 67 7.33 -0.01 -11.37
N LEU A 68 6.69 0.22 -10.22
CA LEU A 68 6.36 1.57 -9.78
C LEU A 68 7.61 2.43 -9.64
N THR A 69 8.59 1.90 -8.94
CA THR A 69 9.83 2.64 -8.70
C THR A 69 10.67 2.74 -9.98
N ASP A 70 10.42 1.85 -10.92
CA ASP A 70 11.18 1.81 -12.15
C ASP A 70 10.59 2.79 -13.18
N GLN A 71 9.27 2.82 -13.26
CA GLN A 71 8.58 3.66 -14.24
C GLN A 71 8.47 5.12 -13.79
N ASP A 72 8.26 5.32 -12.49
CA ASP A 72 8.06 6.68 -11.95
C ASP A 72 9.34 7.26 -11.40
N GLY A 73 10.44 6.59 -11.62
CA GLY A 73 11.72 7.08 -11.13
C GLY A 73 11.95 6.72 -9.68
N SER A 74 11.05 7.17 -8.81
CA SER A 74 11.16 6.86 -7.40
C SER A 74 10.07 5.86 -7.01
N GLY A 75 8.87 6.05 -7.54
CA GLY A 75 7.77 5.17 -7.23
C GLY A 75 7.14 5.51 -5.92
N THR A 76 6.27 6.48 -5.93
CA THR A 76 5.62 6.95 -4.74
C THR A 76 4.15 6.56 -4.71
N ILE A 77 3.71 6.07 -3.56
CA ILE A 77 2.32 5.69 -3.37
C ILE A 77 1.70 6.44 -2.21
N SER A 78 0.50 6.95 -2.45
CA SER A 78 -0.23 7.69 -1.44
C SER A 78 -0.89 6.74 -0.45
N PHE A 79 -1.48 7.29 0.60
CA PHE A 79 -2.15 6.48 1.63
C PHE A 79 -3.29 5.69 1.01
N GLU A 80 -4.01 6.33 0.09
CA GLU A 80 -5.10 5.69 -0.62
C GLU A 80 -4.59 4.45 -1.33
N GLU A 81 -3.47 4.61 -2.03
CA GLU A 81 -2.86 3.52 -2.77
C GLU A 81 -2.42 2.42 -1.82
N PHE A 82 -1.76 2.81 -0.74
CA PHE A 82 -1.26 1.88 0.26
C PHE A 82 -2.37 0.94 0.77
N LEU A 83 -3.53 1.50 1.08
CA LEU A 83 -4.65 0.71 1.55
C LEU A 83 -5.08 -0.29 0.48
N VAL A 84 -5.31 0.21 -0.72
CA VAL A 84 -5.75 -0.63 -1.83
C VAL A 84 -4.74 -1.75 -2.13
N LEU A 85 -3.45 -1.43 -2.00
CA LEU A 85 -2.40 -2.42 -2.25
C LEU A 85 -2.48 -3.56 -1.24
N MET A 86 -2.73 -3.21 0.02
CA MET A 86 -2.89 -4.21 1.08
C MET A 86 -4.09 -5.08 0.81
N VAL A 87 -5.07 -4.51 0.14
CA VAL A 87 -6.25 -5.25 -0.26
C VAL A 87 -5.89 -6.28 -1.30
N LYS A 88 -5.24 -5.82 -2.37
CA LYS A 88 -4.85 -6.68 -3.49
C LYS A 88 -3.98 -7.85 -3.05
N SER A 89 -3.07 -7.60 -2.12
CA SER A 89 -2.15 -8.62 -1.68
C SER A 89 -2.87 -9.74 -0.93
N MET A 90 -3.71 -9.39 0.03
CA MET A 90 -4.44 -10.39 0.81
C MET A 90 -5.56 -10.99 -0.01
N LYS A 91 -6.06 -10.23 -0.96
CA LYS A 91 -7.15 -10.67 -1.82
C LYS A 91 -6.72 -11.85 -2.69
N GLN A 92 -5.53 -11.76 -3.25
CA GLN A 92 -5.05 -12.80 -4.13
C GLN A 92 -4.19 -13.83 -3.41
N ASP A 93 -3.21 -13.38 -2.64
CA ASP A 93 -2.29 -14.31 -2.00
C ASP A 93 -2.93 -14.99 -0.79
N ALA A 94 -3.16 -16.29 -0.90
CA ALA A 94 -3.75 -17.05 0.17
C ALA A 94 -2.82 -18.17 0.62
N ALA A 5 -9.36 11.81 -2.51
CA ALA A 5 -10.77 11.70 -2.95
C ALA A 5 -10.87 11.60 -4.47
N SER A 6 -9.72 11.60 -5.13
CA SER A 6 -9.66 11.53 -6.58
C SER A 6 -9.33 10.10 -7.03
N MET A 7 -10.17 9.54 -7.90
CA MET A 7 -9.98 8.16 -8.40
C MET A 7 -10.02 7.16 -7.25
N SER A 8 -10.74 7.50 -6.20
CA SER A 8 -10.84 6.67 -5.00
C SER A 8 -11.77 5.46 -5.22
N ASP A 9 -11.97 5.10 -6.47
CA ASP A 9 -12.81 3.97 -6.83
C ASP A 9 -12.23 2.70 -6.25
N GLU A 10 -10.90 2.55 -6.37
CA GLU A 10 -10.22 1.39 -5.81
C GLU A 10 -10.25 1.45 -4.29
N GLN A 11 -10.15 2.67 -3.75
CA GLN A 11 -10.21 2.87 -2.32
C GLN A 11 -11.58 2.43 -1.78
N ALA A 12 -12.62 2.64 -2.56
CA ALA A 12 -13.96 2.21 -2.19
C ALA A 12 -14.01 0.70 -2.06
N GLU A 13 -13.31 0.01 -2.97
CA GLU A 13 -13.23 -1.44 -2.94
C GLU A 13 -12.43 -1.88 -1.72
N ALA A 14 -11.43 -1.08 -1.38
CA ALA A 14 -10.55 -1.36 -0.27
C ALA A 14 -11.23 -1.14 1.09
N ARG A 15 -11.87 0.01 1.25
CA ARG A 15 -12.53 0.36 2.51
C ARG A 15 -13.73 -0.51 2.82
N ALA A 16 -14.25 -1.16 1.80
CA ALA A 16 -15.37 -2.08 1.97
C ALA A 16 -14.86 -3.41 2.53
N PHE A 17 -13.56 -3.62 2.40
CA PHE A 17 -12.91 -4.83 2.87
C PHE A 17 -12.18 -4.58 4.18
N LEU A 18 -11.41 -3.51 4.22
CA LEU A 18 -10.67 -3.16 5.41
C LEU A 18 -11.56 -2.44 6.40
N SER A 19 -11.51 -2.89 7.63
CA SER A 19 -12.26 -2.27 8.68
C SER A 19 -11.53 -1.01 9.13
N GLU A 20 -12.24 -0.12 9.84
CA GLU A 20 -11.64 1.12 10.30
C GLU A 20 -10.38 0.85 11.12
N GLU A 21 -10.45 -0.18 11.95
CA GLU A 21 -9.32 -0.57 12.77
C GLU A 21 -8.12 -0.99 11.90
N MET A 22 -8.39 -1.71 10.81
CA MET A 22 -7.33 -2.15 9.91
C MET A 22 -6.70 -0.95 9.25
N ILE A 23 -7.54 -0.07 8.73
CA ILE A 23 -7.10 1.15 8.08
C ILE A 23 -6.24 1.99 9.01
N ALA A 24 -6.66 2.08 10.27
CA ALA A 24 -5.93 2.83 11.29
C ALA A 24 -4.50 2.28 11.45
N GLU A 25 -4.39 0.97 11.59
CA GLU A 25 -3.08 0.33 11.75
C GLU A 25 -2.22 0.53 10.51
N PHE A 26 -2.85 0.44 9.34
CA PHE A 26 -2.16 0.64 8.09
C PHE A 26 -1.67 2.08 7.96
N LYS A 27 -2.49 3.02 8.42
CA LYS A 27 -2.11 4.42 8.40
C LYS A 27 -0.91 4.65 9.29
N ALA A 28 -0.93 4.00 10.46
CA ALA A 28 0.18 4.10 11.40
C ALA A 28 1.46 3.57 10.78
N ALA A 29 1.35 2.43 10.08
CA ALA A 29 2.49 1.82 9.41
C ALA A 29 2.99 2.70 8.26
N PHE A 30 2.06 3.22 7.48
CA PHE A 30 2.36 4.12 6.37
C PHE A 30 3.07 5.36 6.91
N ASP A 31 2.56 5.88 8.02
CA ASP A 31 3.09 7.08 8.66
C ASP A 31 4.55 6.90 9.06
N MET A 32 4.92 5.66 9.40
CA MET A 32 6.28 5.33 9.81
C MET A 32 7.27 5.63 8.70
N PHE A 33 6.87 5.44 7.46
CA PHE A 33 7.76 5.63 6.34
C PHE A 33 7.66 7.03 5.76
N ASP A 34 6.45 7.60 5.74
CA ASP A 34 6.27 8.96 5.25
C ASP A 34 6.78 9.95 6.28
N ALA A 35 8.06 10.25 6.20
CA ALA A 35 8.72 11.15 7.14
C ALA A 35 8.50 12.61 6.76
N ASP A 36 7.99 12.84 5.57
CA ASP A 36 7.75 14.20 5.12
C ASP A 36 6.32 14.60 5.39
N GLY A 37 5.44 13.62 5.42
CA GLY A 37 4.04 13.89 5.65
C GLY A 37 3.38 14.34 4.38
N GLY A 38 3.80 13.76 3.28
CA GLY A 38 3.26 14.14 1.99
C GLY A 38 2.06 13.32 1.62
N GLY A 39 1.99 12.11 2.14
CA GLY A 39 0.88 11.24 1.84
C GLY A 39 1.30 10.13 0.91
N GLU A 40 2.60 10.02 0.67
CA GLU A 40 3.15 8.99 -0.20
C GLU A 40 4.41 8.39 0.41
N ILE A 41 4.63 7.11 0.17
CA ILE A 41 5.84 6.44 0.64
C ILE A 41 6.57 5.82 -0.54
N SER A 42 7.79 5.39 -0.30
CA SER A 42 8.60 4.77 -1.32
C SER A 42 7.97 3.43 -1.76
N ALA A 43 8.04 3.14 -3.05
CA ALA A 43 7.47 1.91 -3.60
C ALA A 43 8.10 0.68 -2.95
N LYS A 44 9.42 0.64 -2.90
CA LYS A 44 10.15 -0.49 -2.33
C LYS A 44 9.81 -0.68 -0.84
N ALA A 45 9.28 0.35 -0.22
CA ALA A 45 8.94 0.29 1.18
C ALA A 45 7.66 -0.51 1.40
N PHE A 46 6.84 -0.63 0.36
CA PHE A 46 5.58 -1.37 0.46
C PHE A 46 5.80 -2.81 0.91
N GLY A 47 6.72 -3.49 0.24
CA GLY A 47 7.03 -4.86 0.57
C GLY A 47 7.51 -4.99 2.01
N THR A 48 8.34 -4.04 2.41
CA THR A 48 8.89 -4.02 3.75
C THR A 48 7.77 -3.87 4.79
N VAL A 49 6.86 -2.93 4.54
CA VAL A 49 5.73 -2.70 5.44
C VAL A 49 4.85 -3.94 5.53
N ALA A 50 4.60 -4.56 4.38
CA ALA A 50 3.77 -5.75 4.32
C ALA A 50 4.38 -6.90 5.12
N ARG A 51 5.65 -7.17 4.88
CA ARG A 51 6.34 -8.27 5.54
C ARG A 51 6.44 -8.06 7.06
N MET A 52 6.79 -6.85 7.48
CA MET A 52 6.94 -6.56 8.90
C MET A 52 5.59 -6.63 9.63
N ASN A 53 4.51 -6.45 8.90
CA ASN A 53 3.17 -6.50 9.49
C ASN A 53 2.51 -7.86 9.27
N ASN A 54 3.28 -8.78 8.68
CA ASN A 54 2.80 -10.15 8.40
C ASN A 54 1.61 -10.12 7.45
N VAL A 55 1.67 -9.22 6.49
CA VAL A 55 0.65 -9.11 5.47
C VAL A 55 1.09 -9.90 4.25
N PRO A 56 0.29 -10.89 3.83
CA PRO A 56 0.59 -11.73 2.66
C PRO A 56 0.91 -10.91 1.42
N VAL A 57 2.17 -10.88 1.05
CA VAL A 57 2.61 -10.12 -0.11
C VAL A 57 2.27 -10.87 -1.39
N ASP A 58 1.40 -10.30 -2.18
CA ASP A 58 1.03 -10.91 -3.45
C ASP A 58 2.13 -10.66 -4.48
N PRO A 59 2.55 -11.71 -5.21
CA PRO A 59 3.65 -11.62 -6.17
C PRO A 59 3.34 -10.68 -7.33
N ARG A 60 2.07 -10.53 -7.66
CA ARG A 60 1.67 -9.68 -8.76
C ARG A 60 1.76 -8.22 -8.35
N VAL A 61 1.21 -7.90 -7.18
CA VAL A 61 1.25 -6.54 -6.67
C VAL A 61 2.70 -6.11 -6.47
N GLN A 62 3.48 -6.97 -5.80
CA GLN A 62 4.88 -6.67 -5.51
C GLN A 62 5.68 -6.46 -6.80
N GLU A 63 5.38 -7.30 -7.80
CA GLU A 63 6.03 -7.20 -9.12
C GLU A 63 5.76 -5.83 -9.71
N TYR A 64 4.49 -5.43 -9.67
CA TYR A 64 4.05 -4.15 -10.16
C TYR A 64 4.67 -3.00 -9.36
N VAL A 65 4.75 -3.16 -8.05
CA VAL A 65 5.30 -2.14 -7.16
C VAL A 65 6.75 -1.79 -7.51
N LYS A 66 7.59 -2.81 -7.68
CA LYS A 66 9.00 -2.56 -7.96
C LYS A 66 9.20 -1.85 -9.29
N ARG A 67 8.33 -2.13 -10.24
CA ARG A 67 8.40 -1.52 -11.56
C ARG A 67 8.23 -0.02 -11.51
N LEU A 68 7.35 0.44 -10.63
CA LEU A 68 7.02 1.86 -10.52
C LEU A 68 8.25 2.71 -10.24
N THR A 69 8.99 2.35 -9.22
CA THR A 69 10.15 3.12 -8.84
C THR A 69 11.36 2.81 -9.72
N ASP A 70 11.35 1.64 -10.35
CA ASP A 70 12.49 1.21 -11.16
C ASP A 70 12.50 1.88 -12.53
N GLN A 71 11.34 2.02 -13.15
CA GLN A 71 11.24 2.63 -14.48
C GLN A 71 11.24 4.15 -14.40
N ASP A 72 11.08 4.66 -13.19
CA ASP A 72 11.03 6.10 -12.98
C ASP A 72 12.31 6.60 -12.32
N GLY A 73 12.58 6.10 -11.13
CA GLY A 73 13.72 6.56 -10.37
C GLY A 73 13.32 6.90 -8.96
N SER A 74 12.10 7.37 -8.80
CA SER A 74 11.53 7.67 -7.51
C SER A 74 10.03 7.37 -7.52
N GLY A 75 9.69 6.11 -7.33
CA GLY A 75 8.31 5.70 -7.34
C GLY A 75 7.69 5.77 -5.98
N THR A 76 6.57 6.45 -5.87
CA THR A 76 5.91 6.61 -4.61
C THR A 76 4.46 6.18 -4.71
N ILE A 77 3.91 5.75 -3.60
CA ILE A 77 2.51 5.36 -3.53
C ILE A 77 1.81 6.12 -2.43
N SER A 78 0.68 6.69 -2.76
CA SER A 78 -0.10 7.46 -1.80
C SER A 78 -0.75 6.53 -0.78
N PHE A 79 -1.28 7.11 0.30
CA PHE A 79 -1.95 6.35 1.33
C PHE A 79 -3.12 5.57 0.74
N GLU A 80 -3.79 6.18 -0.22
CA GLU A 80 -4.89 5.53 -0.91
C GLU A 80 -4.39 4.27 -1.60
N GLU A 81 -3.31 4.42 -2.35
CA GLU A 81 -2.70 3.31 -3.06
C GLU A 81 -2.22 2.24 -2.09
N PHE A 82 -1.59 2.68 -0.99
CA PHE A 82 -1.10 1.76 0.04
C PHE A 82 -2.20 0.83 0.53
N LEU A 83 -3.35 1.40 0.88
CA LEU A 83 -4.49 0.60 1.33
C LEU A 83 -4.95 -0.36 0.25
N VAL A 84 -5.22 0.20 -0.93
CA VAL A 84 -5.67 -0.58 -2.08
C VAL A 84 -4.72 -1.75 -2.39
N LEU A 85 -3.42 -1.49 -2.39
CA LEU A 85 -2.41 -2.51 -2.68
C LEU A 85 -2.45 -3.63 -1.63
N MET A 86 -2.60 -3.25 -0.36
CA MET A 86 -2.69 -4.23 0.72
C MET A 86 -3.92 -5.10 0.55
N VAL A 87 -5.00 -4.49 0.11
CA VAL A 87 -6.23 -5.20 -0.15
C VAL A 87 -6.05 -6.23 -1.24
N LYS A 88 -5.51 -5.78 -2.36
CA LYS A 88 -5.26 -6.66 -3.50
C LYS A 88 -4.36 -7.83 -3.12
N SER A 89 -3.47 -7.59 -2.18
CA SER A 89 -2.55 -8.61 -1.74
C SER A 89 -3.26 -9.67 -0.89
N MET A 90 -4.03 -9.23 0.11
CA MET A 90 -4.72 -10.17 1.00
C MET A 90 -5.92 -10.81 0.32
N LYS A 91 -6.54 -10.08 -0.59
CA LYS A 91 -7.71 -10.57 -1.30
C LYS A 91 -7.34 -11.70 -2.25
N GLN A 92 -6.26 -11.51 -2.97
CA GLN A 92 -5.81 -12.48 -3.95
C GLN A 92 -5.01 -13.62 -3.34
N ASP A 93 -4.03 -13.29 -2.50
CA ASP A 93 -3.18 -14.30 -1.92
C ASP A 93 -3.95 -15.17 -0.94
N ALA A 94 -4.12 -16.42 -1.32
CA ALA A 94 -4.82 -17.38 -0.48
C ALA A 94 -3.94 -18.58 -0.21
N ALA A 5 -10.11 9.52 -13.05
CA ALA A 5 -10.86 8.42 -12.38
C ALA A 5 -10.23 8.07 -11.03
N SER A 6 -8.92 7.82 -11.03
CA SER A 6 -8.21 7.47 -9.80
C SER A 6 -8.21 8.63 -8.81
N MET A 7 -9.11 8.56 -7.85
CA MET A 7 -9.24 9.61 -6.83
C MET A 7 -9.56 8.97 -5.48
N SER A 8 -10.65 8.23 -5.44
CA SER A 8 -11.07 7.52 -4.24
C SER A 8 -11.90 6.30 -4.62
N ASP A 9 -11.81 5.94 -5.89
CA ASP A 9 -12.55 4.83 -6.44
C ASP A 9 -12.06 3.50 -5.88
N GLU A 10 -10.75 3.36 -5.79
CA GLU A 10 -10.17 2.15 -5.21
C GLU A 10 -10.32 2.18 -3.71
N GLN A 11 -10.40 3.40 -3.15
CA GLN A 11 -10.59 3.57 -1.73
C GLN A 11 -11.88 2.91 -1.29
N ALA A 12 -12.93 3.10 -2.08
CA ALA A 12 -14.24 2.51 -1.80
C ALA A 12 -14.13 0.99 -1.73
N GLU A 13 -13.42 0.42 -2.71
CA GLU A 13 -13.19 -1.01 -2.76
C GLU A 13 -12.42 -1.47 -1.53
N ALA A 14 -11.38 -0.72 -1.20
CA ALA A 14 -10.54 -1.04 -0.06
C ALA A 14 -11.32 -1.01 1.24
N ARG A 15 -12.11 0.04 1.43
CA ARG A 15 -12.91 0.20 2.65
C ARG A 15 -14.03 -0.84 2.73
N ALA A 16 -14.35 -1.42 1.59
CA ALA A 16 -15.37 -2.46 1.54
C ALA A 16 -14.83 -3.77 2.13
N PHE A 17 -13.52 -3.93 2.03
CA PHE A 17 -12.85 -5.12 2.53
C PHE A 17 -12.19 -4.86 3.89
N LEU A 18 -11.62 -3.68 4.05
CA LEU A 18 -10.96 -3.31 5.29
C LEU A 18 -11.92 -2.56 6.21
N SER A 19 -11.94 -2.94 7.46
CA SER A 19 -12.76 -2.27 8.45
C SER A 19 -12.03 -1.02 8.92
N GLU A 20 -12.77 -0.11 9.55
CA GLU A 20 -12.20 1.17 10.01
C GLU A 20 -10.99 0.95 10.92
N GLU A 21 -11.05 -0.08 11.75
CA GLU A 21 -9.95 -0.41 12.64
C GLU A 21 -8.72 -0.87 11.87
N MET A 22 -8.94 -1.70 10.84
CA MET A 22 -7.84 -2.22 10.02
C MET A 22 -7.13 -1.09 9.32
N ILE A 23 -7.91 -0.19 8.76
CA ILE A 23 -7.39 0.98 8.05
C ILE A 23 -6.47 1.81 8.95
N ALA A 24 -6.86 1.96 10.22
CA ALA A 24 -6.08 2.72 11.18
C ALA A 24 -4.71 2.07 11.41
N GLU A 25 -4.69 0.75 11.56
CA GLU A 25 -3.46 0.01 11.76
C GLU A 25 -2.55 0.14 10.55
N PHE A 26 -3.14 0.00 9.36
CA PHE A 26 -2.38 0.14 8.14
C PHE A 26 -1.86 1.57 7.99
N LYS A 27 -2.69 2.53 8.37
CA LYS A 27 -2.28 3.93 8.36
C LYS A 27 -1.11 4.17 9.28
N ALA A 28 -1.19 3.62 10.48
CA ALA A 28 -0.12 3.77 11.45
C ALA A 28 1.19 3.29 10.87
N ALA A 29 1.14 2.13 10.23
CA ALA A 29 2.32 1.56 9.57
C ALA A 29 2.78 2.46 8.43
N PHE A 30 1.81 2.96 7.65
CA PHE A 30 2.10 3.88 6.57
C PHE A 30 2.81 5.12 7.09
N ASP A 31 2.22 5.76 8.11
CA ASP A 31 2.81 6.94 8.73
C ASP A 31 4.21 6.67 9.29
N MET A 32 4.48 5.43 9.70
CA MET A 32 5.80 5.06 10.20
C MET A 32 6.86 5.25 9.13
N PHE A 33 6.49 4.98 7.89
CA PHE A 33 7.40 5.13 6.77
C PHE A 33 7.33 6.53 6.17
N ASP A 34 6.33 7.28 6.59
CA ASP A 34 6.20 8.68 6.18
C ASP A 34 7.05 9.53 7.11
N ALA A 35 8.34 9.29 7.07
CA ALA A 35 9.29 9.98 7.94
C ALA A 35 9.66 11.33 7.38
N ASP A 36 9.45 11.51 6.09
CA ASP A 36 9.77 12.77 5.44
C ASP A 36 8.62 13.75 5.62
N GLY A 37 7.41 13.23 5.77
CA GLY A 37 6.26 14.06 5.96
C GLY A 37 5.70 14.57 4.66
N GLY A 38 5.07 13.68 3.91
CA GLY A 38 4.52 14.09 2.65
C GLY A 38 3.16 13.48 2.38
N GLY A 39 2.96 12.25 2.82
CA GLY A 39 1.71 11.57 2.54
C GLY A 39 1.91 10.47 1.54
N GLU A 40 3.08 10.45 0.95
CA GLU A 40 3.47 9.41 0.01
C GLU A 40 4.75 8.77 0.49
N ILE A 41 4.84 7.46 0.36
CA ILE A 41 6.03 6.75 0.76
C ILE A 41 6.71 6.14 -0.44
N SER A 42 7.93 5.68 -0.26
CA SER A 42 8.68 5.06 -1.32
C SER A 42 7.99 3.76 -1.76
N ALA A 43 8.00 3.49 -3.06
CA ALA A 43 7.39 2.29 -3.59
C ALA A 43 8.00 1.04 -2.98
N LYS A 44 9.32 1.04 -2.88
CA LYS A 44 10.05 -0.09 -2.31
C LYS A 44 9.77 -0.26 -0.83
N ALA A 45 9.21 0.76 -0.20
CA ALA A 45 8.93 0.70 1.23
C ALA A 45 7.73 -0.20 1.50
N PHE A 46 6.82 -0.31 0.51
CA PHE A 46 5.60 -1.09 0.67
C PHE A 46 5.92 -2.54 1.01
N GLY A 47 6.94 -3.10 0.37
CA GLY A 47 7.33 -4.47 0.62
C GLY A 47 7.69 -4.70 2.07
N THR A 48 8.37 -3.73 2.66
CA THR A 48 8.78 -3.81 4.04
C THR A 48 7.59 -3.63 4.99
N VAL A 49 6.70 -2.68 4.66
CA VAL A 49 5.53 -2.40 5.51
C VAL A 49 4.59 -3.59 5.54
N ALA A 50 4.48 -4.28 4.43
CA ALA A 50 3.61 -5.44 4.35
C ALA A 50 4.11 -6.56 5.23
N ARG A 51 5.39 -6.85 5.13
CA ARG A 51 5.99 -7.95 5.89
C ARG A 51 5.96 -7.73 7.40
N MET A 52 6.12 -6.47 7.83
CA MET A 52 6.08 -6.15 9.27
C MET A 52 4.66 -6.33 9.81
N ASN A 53 3.69 -6.28 8.91
CA ASN A 53 2.30 -6.46 9.27
C ASN A 53 1.86 -7.89 9.01
N ASN A 54 2.85 -8.75 8.70
CA ASN A 54 2.63 -10.18 8.40
C ASN A 54 1.78 -10.35 7.14
N VAL A 55 1.85 -9.37 6.26
CA VAL A 55 1.11 -9.41 5.01
C VAL A 55 2.03 -9.87 3.88
N PRO A 56 1.80 -11.08 3.35
CA PRO A 56 2.57 -11.58 2.22
C PRO A 56 2.21 -10.83 0.95
N VAL A 57 3.17 -10.10 0.40
CA VAL A 57 2.94 -9.34 -0.78
C VAL A 57 2.57 -10.23 -1.95
N ASP A 58 1.55 -9.83 -2.66
CA ASP A 58 1.11 -10.54 -3.84
C ASP A 58 2.21 -10.52 -4.89
N PRO A 59 2.48 -11.66 -5.54
CA PRO A 59 3.52 -11.78 -6.58
C PRO A 59 3.46 -10.64 -7.59
N ARG A 60 2.26 -10.33 -8.03
CA ARG A 60 2.07 -9.28 -9.03
C ARG A 60 2.22 -7.90 -8.41
N VAL A 61 1.77 -7.72 -7.17
CA VAL A 61 1.92 -6.44 -6.50
C VAL A 61 3.38 -6.15 -6.21
N GLN A 62 4.11 -7.14 -5.72
CA GLN A 62 5.54 -6.99 -5.47
C GLN A 62 6.28 -6.64 -6.77
N GLU A 63 5.84 -7.27 -7.85
CA GLU A 63 6.36 -6.99 -9.17
C GLU A 63 5.99 -5.57 -9.59
N TYR A 64 4.72 -5.24 -9.38
CA TYR A 64 4.18 -3.93 -9.68
C TYR A 64 4.93 -2.84 -8.90
N VAL A 65 5.34 -3.17 -7.68
CA VAL A 65 6.12 -2.25 -6.84
C VAL A 65 7.45 -1.87 -7.50
N LYS A 66 8.19 -2.87 -7.98
CA LYS A 66 9.46 -2.61 -8.62
C LYS A 66 9.27 -1.86 -9.94
N ARG A 67 8.12 -2.09 -10.58
CA ARG A 67 7.78 -1.41 -11.83
C ARG A 67 7.54 0.07 -11.57
N LEU A 68 6.91 0.38 -10.44
CA LEU A 68 6.62 1.77 -10.06
C LEU A 68 7.88 2.60 -9.98
N THR A 69 8.85 2.12 -9.22
CA THR A 69 10.09 2.84 -9.04
C THR A 69 10.94 2.78 -10.31
N ASP A 70 10.62 1.85 -11.20
CA ASP A 70 11.36 1.70 -12.45
C ASP A 70 10.89 2.72 -13.48
N GLN A 71 9.58 2.89 -13.59
CA GLN A 71 8.99 3.83 -14.55
C GLN A 71 9.10 5.28 -14.05
N ASP A 72 8.89 5.46 -12.76
CA ASP A 72 8.90 6.79 -12.16
C ASP A 72 10.32 7.25 -11.84
N GLY A 73 11.15 6.31 -11.48
CA GLY A 73 12.50 6.64 -11.07
C GLY A 73 12.62 6.61 -9.57
N SER A 74 11.67 7.24 -8.91
CA SER A 74 11.61 7.24 -7.48
C SER A 74 10.55 6.25 -7.01
N GLY A 75 9.33 6.46 -7.47
CA GLY A 75 8.23 5.59 -7.10
C GLY A 75 7.64 5.97 -5.76
N THR A 76 6.52 6.67 -5.78
CA THR A 76 5.86 7.07 -4.56
C THR A 76 4.44 6.52 -4.49
N ILE A 77 4.07 5.99 -3.33
CA ILE A 77 2.75 5.43 -3.12
C ILE A 77 2.01 6.26 -2.07
N SER A 78 0.83 6.72 -2.42
CA SER A 78 0.05 7.55 -1.52
C SER A 78 -0.77 6.69 -0.54
N PHE A 79 -1.47 7.36 0.37
CA PHE A 79 -2.26 6.69 1.42
C PHE A 79 -3.30 5.73 0.83
N GLU A 80 -4.11 6.23 -0.11
CA GLU A 80 -5.14 5.40 -0.75
C GLU A 80 -4.49 4.17 -1.38
N GLU A 81 -3.45 4.43 -2.15
CA GLU A 81 -2.72 3.39 -2.85
C GLU A 81 -2.19 2.34 -1.88
N PHE A 82 -1.61 2.80 -0.79
CA PHE A 82 -1.08 1.89 0.23
C PHE A 82 -2.18 0.95 0.73
N LEU A 83 -3.34 1.50 1.03
CA LEU A 83 -4.45 0.72 1.54
C LEU A 83 -4.94 -0.29 0.50
N VAL A 84 -5.25 0.19 -0.71
CA VAL A 84 -5.77 -0.64 -1.75
C VAL A 84 -4.80 -1.78 -2.12
N LEU A 85 -3.49 -1.52 -2.03
CA LEU A 85 -2.51 -2.54 -2.35
C LEU A 85 -2.52 -3.64 -1.30
N MET A 86 -2.66 -3.25 -0.03
CA MET A 86 -2.75 -4.21 1.06
C MET A 86 -3.99 -5.08 0.88
N VAL A 87 -5.05 -4.46 0.41
CA VAL A 87 -6.31 -5.13 0.13
C VAL A 87 -6.09 -6.22 -0.90
N LYS A 88 -5.51 -5.85 -2.03
CA LYS A 88 -5.26 -6.79 -3.12
C LYS A 88 -4.32 -7.89 -2.67
N SER A 89 -3.31 -7.52 -1.91
CA SER A 89 -2.30 -8.45 -1.44
C SER A 89 -2.91 -9.52 -0.53
N MET A 90 -3.72 -9.09 0.45
CA MET A 90 -4.34 -10.03 1.38
C MET A 90 -5.48 -10.79 0.71
N LYS A 91 -6.14 -10.16 -0.25
CA LYS A 91 -7.25 -10.79 -0.94
C LYS A 91 -6.77 -11.96 -1.79
N GLN A 92 -5.64 -11.78 -2.46
CA GLN A 92 -5.08 -12.83 -3.28
C GLN A 92 -4.51 -13.93 -2.39
N ASP A 93 -3.89 -13.52 -1.28
CA ASP A 93 -3.31 -14.47 -0.34
C ASP A 93 -4.41 -15.28 0.34
N ALA A 94 -4.45 -16.55 0.03
CA ALA A 94 -5.43 -17.44 0.62
C ALA A 94 -4.80 -18.28 1.73
N ALA A 5 -17.05 12.82 -1.29
CA ALA A 5 -15.58 12.70 -1.19
C ALA A 5 -15.04 11.88 -2.36
N SER A 6 -14.18 12.49 -3.16
CA SER A 6 -13.59 11.82 -4.30
C SER A 6 -12.56 10.79 -3.84
N MET A 7 -12.59 9.63 -4.48
CA MET A 7 -11.66 8.57 -4.17
C MET A 7 -11.49 7.65 -5.36
N SER A 8 -10.52 6.76 -5.30
CA SER A 8 -10.27 5.81 -6.37
C SER A 8 -11.19 4.61 -6.26
N ASP A 9 -11.42 3.94 -7.38
CA ASP A 9 -12.25 2.74 -7.38
C ASP A 9 -11.52 1.64 -6.64
N GLU A 10 -10.20 1.69 -6.68
CA GLU A 10 -9.38 0.74 -5.97
C GLU A 10 -9.55 0.99 -4.47
N GLN A 11 -9.62 2.26 -4.09
CA GLN A 11 -9.86 2.66 -2.70
C GLN A 11 -11.26 2.24 -2.26
N ALA A 12 -12.20 2.23 -3.20
CA ALA A 12 -13.56 1.80 -2.91
C ALA A 12 -13.55 0.37 -2.40
N GLU A 13 -12.65 -0.44 -2.95
CA GLU A 13 -12.48 -1.81 -2.51
C GLU A 13 -11.96 -1.84 -1.09
N ALA A 14 -10.89 -1.09 -0.87
CA ALA A 14 -10.20 -1.06 0.41
C ALA A 14 -11.12 -0.64 1.53
N ARG A 15 -11.82 0.46 1.36
CA ARG A 15 -12.71 0.98 2.39
C ARG A 15 -13.91 0.08 2.67
N ALA A 16 -14.20 -0.81 1.73
CA ALA A 16 -15.31 -1.74 1.91
C ALA A 16 -14.83 -3.06 2.50
N PHE A 17 -13.58 -3.38 2.24
CA PHE A 17 -12.97 -4.62 2.70
C PHE A 17 -12.30 -4.45 4.05
N LEU A 18 -11.63 -3.34 4.22
CA LEU A 18 -10.95 -3.06 5.45
C LEU A 18 -11.82 -2.21 6.35
N SER A 19 -11.88 -2.57 7.61
CA SER A 19 -12.62 -1.81 8.57
C SER A 19 -11.80 -0.59 8.97
N GLU A 20 -12.42 0.41 9.58
CA GLU A 20 -11.70 1.62 9.97
C GLU A 20 -10.53 1.29 10.90
N GLU A 21 -10.67 0.22 11.66
CA GLU A 21 -9.60 -0.24 12.53
C GLU A 21 -8.37 -0.62 11.72
N MET A 22 -8.59 -1.41 10.65
CA MET A 22 -7.51 -1.84 9.78
C MET A 22 -6.93 -0.66 9.04
N ILE A 23 -7.83 0.19 8.54
CA ILE A 23 -7.43 1.40 7.84
C ILE A 23 -6.53 2.26 8.71
N ALA A 24 -6.89 2.39 9.99
CA ALA A 24 -6.12 3.17 10.95
C ALA A 24 -4.73 2.58 11.15
N GLU A 25 -4.66 1.26 11.38
CA GLU A 25 -3.40 0.57 11.58
C GLU A 25 -2.47 0.74 10.38
N PHE A 26 -3.03 0.64 9.19
CA PHE A 26 -2.24 0.80 7.98
C PHE A 26 -1.88 2.27 7.79
N LYS A 27 -2.77 3.16 8.17
CA LYS A 27 -2.52 4.59 8.10
C LYS A 27 -1.31 4.93 8.95
N ALA A 28 -1.28 4.38 10.17
CA ALA A 28 -0.16 4.56 11.08
C ALA A 28 1.12 3.99 10.47
N ALA A 29 0.99 2.85 9.80
CA ALA A 29 2.12 2.21 9.15
C ALA A 29 2.68 3.10 8.05
N PHE A 30 1.80 3.75 7.33
CA PHE A 30 2.18 4.69 6.28
C PHE A 30 3.04 5.81 6.88
N ASP A 31 2.60 6.34 8.01
CA ASP A 31 3.31 7.42 8.71
C ASP A 31 4.68 6.96 9.21
N MET A 32 4.84 5.66 9.42
CA MET A 32 6.12 5.11 9.87
C MET A 32 7.19 5.29 8.80
N PHE A 33 6.77 5.31 7.56
CA PHE A 33 7.68 5.50 6.45
C PHE A 33 7.63 6.93 5.96
N ASP A 34 6.45 7.53 6.01
CA ASP A 34 6.29 8.94 5.68
C ASP A 34 6.15 9.76 6.97
N ALA A 35 7.26 9.89 7.67
CA ALA A 35 7.29 10.64 8.91
C ALA A 35 7.46 12.12 8.65
N ASP A 36 7.99 12.43 7.48
CA ASP A 36 8.24 13.82 7.10
C ASP A 36 6.97 14.50 6.63
N GLY A 37 6.06 13.72 6.08
CA GLY A 37 4.82 14.28 5.60
C GLY A 37 4.91 14.63 4.14
N GLY A 38 5.50 13.73 3.35
CA GLY A 38 5.63 13.96 1.94
C GLY A 38 4.37 13.56 1.19
N GLY A 39 3.62 12.64 1.77
CA GLY A 39 2.37 12.22 1.17
C GLY A 39 2.49 10.90 0.44
N GLU A 40 3.72 10.43 0.28
CA GLU A 40 3.97 9.17 -0.39
C GLU A 40 5.12 8.44 0.27
N ILE A 41 5.12 7.13 0.14
CA ILE A 41 6.20 6.31 0.65
C ILE A 41 6.86 5.59 -0.51
N SER A 42 8.07 5.11 -0.30
CA SER A 42 8.78 4.40 -1.34
C SER A 42 8.08 3.08 -1.67
N ALA A 43 7.93 2.81 -2.96
CA ALA A 43 7.28 1.59 -3.43
C ALA A 43 7.98 0.36 -2.90
N LYS A 44 9.30 0.35 -2.98
CA LYS A 44 10.09 -0.78 -2.50
C LYS A 44 9.91 -1.00 -1.01
N ALA A 45 9.60 0.07 -0.29
CA ALA A 45 9.41 0.00 1.14
C ALA A 45 8.10 -0.68 1.50
N PHE A 46 7.20 -0.81 0.50
CA PHE A 46 5.91 -1.45 0.70
C PHE A 46 6.09 -2.88 1.19
N GLY A 47 7.12 -3.55 0.68
CA GLY A 47 7.41 -4.90 1.10
C GLY A 47 7.66 -4.96 2.59
N THR A 48 8.44 -4.02 3.10
CA THR A 48 8.74 -3.93 4.51
C THR A 48 7.45 -3.69 5.31
N VAL A 49 6.61 -2.77 4.82
CA VAL A 49 5.36 -2.44 5.50
C VAL A 49 4.47 -3.68 5.60
N ALA A 50 4.37 -4.40 4.51
CA ALA A 50 3.57 -5.61 4.47
C ALA A 50 4.11 -6.65 5.44
N ARG A 51 5.41 -6.87 5.38
CA ARG A 51 6.08 -7.85 6.24
C ARG A 51 5.87 -7.54 7.73
N MET A 52 6.01 -6.26 8.11
CA MET A 52 5.83 -5.86 9.51
C MET A 52 4.36 -5.94 9.94
N ASN A 53 3.46 -5.99 8.96
CA ASN A 53 2.04 -6.12 9.25
C ASN A 53 1.60 -7.58 9.16
N ASN A 54 2.59 -8.47 9.03
CA ASN A 54 2.39 -9.93 8.99
C ASN A 54 1.58 -10.35 7.76
N VAL A 55 1.66 -9.56 6.71
CA VAL A 55 0.96 -9.88 5.48
C VAL A 55 1.96 -10.07 4.33
N PRO A 56 1.96 -11.25 3.71
CA PRO A 56 2.87 -11.55 2.61
C PRO A 56 2.56 -10.75 1.37
N VAL A 57 3.59 -10.25 0.72
CA VAL A 57 3.40 -9.47 -0.48
C VAL A 57 3.11 -10.39 -1.66
N ASP A 58 2.04 -10.09 -2.37
CA ASP A 58 1.64 -10.88 -3.53
C ASP A 58 2.72 -10.84 -4.62
N PRO A 59 2.99 -11.99 -5.29
CA PRO A 59 4.02 -12.07 -6.32
C PRO A 59 3.78 -11.12 -7.50
N ARG A 60 2.52 -10.98 -7.89
CA ARG A 60 2.18 -10.11 -9.01
C ARG A 60 2.22 -8.65 -8.59
N VAL A 61 1.76 -8.37 -7.38
CA VAL A 61 1.83 -7.00 -6.86
C VAL A 61 3.29 -6.60 -6.69
N GLN A 62 4.13 -7.56 -6.29
CA GLN A 62 5.56 -7.33 -6.15
C GLN A 62 6.17 -6.90 -7.48
N GLU A 63 5.78 -7.58 -8.56
CA GLU A 63 6.27 -7.23 -9.88
C GLU A 63 5.83 -5.81 -10.22
N TYR A 64 4.60 -5.50 -9.90
CA TYR A 64 4.07 -4.17 -10.10
C TYR A 64 4.87 -3.14 -9.29
N VAL A 65 5.12 -3.46 -8.02
CA VAL A 65 5.87 -2.58 -7.13
C VAL A 65 7.31 -2.34 -7.63
N LYS A 66 7.99 -3.42 -7.98
CA LYS A 66 9.38 -3.32 -8.43
C LYS A 66 9.48 -2.53 -9.73
N ARG A 67 8.45 -2.62 -10.56
CA ARG A 67 8.47 -1.94 -11.85
C ARG A 67 8.26 -0.44 -11.70
N LEU A 68 7.53 -0.02 -10.67
CA LEU A 68 7.23 1.41 -10.48
C LEU A 68 8.51 2.23 -10.38
N THR A 69 9.45 1.76 -9.57
CA THR A 69 10.72 2.46 -9.41
C THR A 69 11.64 2.18 -10.61
N ASP A 70 11.31 1.15 -11.37
CA ASP A 70 12.08 0.75 -12.54
C ASP A 70 11.72 1.60 -13.75
N GLN A 71 10.43 1.80 -13.97
CA GLN A 71 9.95 2.58 -15.09
C GLN A 71 10.11 4.07 -14.85
N ASP A 72 9.85 4.50 -13.62
CA ASP A 72 10.00 5.89 -13.29
C ASP A 72 11.34 6.16 -12.64
N GLY A 73 11.34 6.46 -11.36
CA GLY A 73 12.59 6.75 -10.69
C GLY A 73 12.57 6.37 -9.25
N SER A 74 12.02 7.24 -8.42
CA SER A 74 11.95 7.01 -6.99
C SER A 74 10.97 5.89 -6.68
N GLY A 75 9.84 5.88 -7.39
CA GLY A 75 8.83 4.90 -7.13
C GLY A 75 8.16 5.15 -5.81
N THR A 76 7.14 5.97 -5.82
CA THR A 76 6.45 6.34 -4.60
C THR A 76 4.95 6.10 -4.72
N ILE A 77 4.35 5.67 -3.63
CA ILE A 77 2.92 5.41 -3.59
C ILE A 77 2.25 6.27 -2.54
N SER A 78 1.12 6.84 -2.90
CA SER A 78 0.37 7.69 -1.99
C SER A 78 -0.41 6.83 -0.97
N PHE A 79 -1.06 7.49 -0.02
CA PHE A 79 -1.82 6.80 1.02
C PHE A 79 -2.94 5.93 0.41
N GLU A 80 -3.63 6.48 -0.59
CA GLU A 80 -4.70 5.76 -1.26
C GLU A 80 -4.13 4.49 -1.92
N GLU A 81 -2.99 4.65 -2.58
CA GLU A 81 -2.32 3.55 -3.25
C GLU A 81 -1.89 2.50 -2.24
N PHE A 82 -1.29 2.96 -1.15
CA PHE A 82 -0.82 2.08 -0.09
C PHE A 82 -1.91 1.13 0.40
N LEU A 83 -3.08 1.69 0.74
CA LEU A 83 -4.18 0.89 1.24
C LEU A 83 -4.63 -0.16 0.22
N VAL A 84 -4.90 0.28 -1.00
CA VAL A 84 -5.38 -0.59 -2.03
C VAL A 84 -4.38 -1.72 -2.35
N LEU A 85 -3.09 -1.44 -2.26
CA LEU A 85 -2.07 -2.45 -2.55
C LEU A 85 -2.11 -3.58 -1.55
N MET A 86 -2.31 -3.24 -0.28
CA MET A 86 -2.38 -4.26 0.77
C MET A 86 -3.64 -5.09 0.58
N VAL A 87 -4.70 -4.44 0.11
CA VAL A 87 -5.95 -5.11 -0.16
C VAL A 87 -5.79 -6.11 -1.30
N LYS A 88 -5.16 -5.66 -2.39
CA LYS A 88 -4.91 -6.52 -3.54
C LYS A 88 -4.12 -7.75 -3.13
N SER A 89 -3.13 -7.54 -2.27
CA SER A 89 -2.26 -8.62 -1.81
C SER A 89 -3.06 -9.74 -1.14
N MET A 90 -3.99 -9.38 -0.25
CA MET A 90 -4.78 -10.38 0.45
C MET A 90 -5.92 -10.90 -0.42
N LYS A 91 -6.49 -10.03 -1.24
CA LYS A 91 -7.63 -10.41 -2.08
C LYS A 91 -7.19 -11.36 -3.20
N GLN A 92 -5.99 -11.14 -3.72
CA GLN A 92 -5.45 -11.97 -4.79
C GLN A 92 -5.07 -13.36 -4.25
N ASP A 93 -4.64 -13.40 -3.00
CA ASP A 93 -4.28 -14.66 -2.37
C ASP A 93 -5.48 -15.60 -2.28
N ALA A 94 -5.43 -16.68 -3.04
CA ALA A 94 -6.51 -17.67 -3.05
C ALA A 94 -5.94 -19.07 -3.16
N ALA A 5 -6.04 12.91 -4.35
CA ALA A 5 -7.37 12.66 -3.72
C ALA A 5 -8.45 12.48 -4.77
N SER A 6 -8.05 12.60 -6.03
CA SER A 6 -8.96 12.46 -7.14
C SER A 6 -9.21 10.98 -7.46
N MET A 7 -10.33 10.70 -8.11
CA MET A 7 -10.72 9.35 -8.51
C MET A 7 -11.08 8.48 -7.31
N SER A 8 -10.05 7.90 -6.67
CA SER A 8 -10.23 7.04 -5.51
C SER A 8 -11.10 5.81 -5.86
N ASP A 9 -11.03 5.38 -7.12
CA ASP A 9 -11.82 4.25 -7.61
C ASP A 9 -11.42 2.98 -6.88
N GLU A 10 -10.12 2.73 -6.81
CA GLU A 10 -9.61 1.56 -6.15
C GLU A 10 -9.75 1.69 -4.64
N GLN A 11 -9.73 2.94 -4.15
CA GLN A 11 -9.88 3.20 -2.73
C GLN A 11 -11.25 2.79 -2.24
N ALA A 12 -12.27 3.08 -3.04
CA ALA A 12 -13.64 2.70 -2.70
C ALA A 12 -13.75 1.19 -2.52
N GLU A 13 -13.08 0.47 -3.40
CA GLU A 13 -13.06 -0.98 -3.35
C GLU A 13 -12.28 -1.44 -2.12
N ALA A 14 -11.15 -0.80 -1.89
CA ALA A 14 -10.27 -1.12 -0.77
C ALA A 14 -10.97 -0.92 0.57
N ARG A 15 -11.62 0.22 0.73
CA ARG A 15 -12.29 0.56 2.00
C ARG A 15 -13.51 -0.31 2.25
N ALA A 16 -14.01 -0.96 1.21
CA ALA A 16 -15.14 -1.87 1.35
C ALA A 16 -14.66 -3.22 1.87
N PHE A 17 -13.44 -3.57 1.52
CA PHE A 17 -12.83 -4.83 1.93
C PHE A 17 -12.12 -4.68 3.26
N LEU A 18 -11.31 -3.64 3.40
CA LEU A 18 -10.54 -3.42 4.60
C LEU A 18 -11.43 -2.97 5.73
N SER A 19 -11.27 -3.61 6.87
CA SER A 19 -12.02 -3.26 8.03
C SER A 19 -11.45 -2.00 8.64
N GLU A 20 -12.28 -1.26 9.37
CA GLU A 20 -11.85 -0.04 10.00
C GLU A 20 -10.64 -0.26 10.90
N GLU A 21 -10.57 -1.43 11.53
CA GLU A 21 -9.43 -1.78 12.37
C GLU A 21 -8.17 -1.90 11.52
N MET A 22 -8.32 -2.49 10.32
CA MET A 22 -7.19 -2.68 9.42
C MET A 22 -6.71 -1.34 8.89
N ILE A 23 -7.66 -0.53 8.45
CA ILE A 23 -7.37 0.80 7.91
C ILE A 23 -6.58 1.63 8.92
N ALA A 24 -6.96 1.52 10.20
CA ALA A 24 -6.28 2.24 11.26
C ALA A 24 -4.81 1.83 11.36
N GLU A 25 -4.57 0.50 11.39
CA GLU A 25 -3.21 -0.02 11.47
C GLU A 25 -2.41 0.37 10.25
N PHE A 26 -3.04 0.29 9.08
CA PHE A 26 -2.37 0.64 7.83
C PHE A 26 -2.00 2.10 7.78
N LYS A 27 -2.88 2.96 8.29
CA LYS A 27 -2.60 4.39 8.33
C LYS A 27 -1.40 4.65 9.22
N ALA A 28 -1.40 4.02 10.39
CA ALA A 28 -0.30 4.15 11.34
C ALA A 28 1.00 3.70 10.70
N ALA A 29 0.97 2.51 10.08
CA ALA A 29 2.13 1.95 9.42
C ALA A 29 2.65 2.87 8.32
N PHE A 30 1.73 3.46 7.56
CA PHE A 30 2.07 4.39 6.50
C PHE A 30 2.80 5.60 7.07
N ASP A 31 2.24 6.17 8.13
CA ASP A 31 2.83 7.35 8.78
C ASP A 31 4.22 7.07 9.32
N MET A 32 4.44 5.85 9.81
CA MET A 32 5.74 5.45 10.32
C MET A 32 6.82 5.59 9.26
N PHE A 33 6.45 5.38 8.00
CA PHE A 33 7.39 5.49 6.90
C PHE A 33 7.37 6.89 6.30
N ASP A 34 6.32 7.64 6.56
CA ASP A 34 6.23 9.01 6.08
C ASP A 34 6.99 9.93 7.01
N ALA A 35 8.31 9.78 7.00
CA ALA A 35 9.17 10.61 7.83
C ALA A 35 9.44 11.92 7.14
N ASP A 36 9.20 11.93 5.84
CA ASP A 36 9.37 13.13 5.02
C ASP A 36 8.25 14.12 5.29
N GLY A 37 7.09 13.59 5.69
CA GLY A 37 5.95 14.43 5.95
C GLY A 37 5.30 14.89 4.68
N GLY A 38 5.37 14.05 3.66
CA GLY A 38 4.83 14.39 2.37
C GLY A 38 3.53 13.69 2.10
N GLY A 39 3.30 12.59 2.80
CA GLY A 39 2.09 11.82 2.59
C GLY A 39 2.24 10.82 1.48
N GLU A 40 3.49 10.54 1.13
CA GLU A 40 3.81 9.60 0.09
C GLU A 40 5.07 8.83 0.45
N ILE A 41 5.00 7.52 0.34
CA ILE A 41 6.15 6.69 0.63
C ILE A 41 6.62 6.00 -0.63
N SER A 42 7.85 5.54 -0.62
CA SER A 42 8.40 4.86 -1.78
C SER A 42 7.82 3.46 -1.90
N ALA A 43 7.41 3.11 -3.12
CA ALA A 43 6.78 1.82 -3.42
C ALA A 43 7.59 0.63 -2.92
N LYS A 44 8.91 0.73 -3.01
CA LYS A 44 9.79 -0.36 -2.58
C LYS A 44 9.67 -0.63 -1.07
N ALA A 45 9.31 0.40 -0.32
CA ALA A 45 9.20 0.27 1.13
C ALA A 45 7.94 -0.51 1.52
N PHE A 46 7.03 -0.67 0.56
CA PHE A 46 5.76 -1.38 0.82
C PHE A 46 6.03 -2.80 1.31
N GLY A 47 7.06 -3.43 0.76
CA GLY A 47 7.40 -4.78 1.17
C GLY A 47 7.73 -4.83 2.65
N THR A 48 8.59 -3.93 3.09
CA THR A 48 9.00 -3.87 4.48
C THR A 48 7.81 -3.56 5.39
N VAL A 49 6.94 -2.64 4.95
CA VAL A 49 5.76 -2.27 5.72
C VAL A 49 4.84 -3.47 5.91
N ALA A 50 4.58 -4.17 4.83
CA ALA A 50 3.70 -5.33 4.87
C ALA A 50 4.29 -6.43 5.73
N ARG A 51 5.60 -6.63 5.64
CA ARG A 51 6.28 -7.67 6.40
C ARG A 51 6.18 -7.42 7.90
N MET A 52 6.39 -6.18 8.33
CA MET A 52 6.32 -5.85 9.76
C MET A 52 4.88 -5.96 10.28
N ASN A 53 3.92 -5.88 9.36
CA ASN A 53 2.52 -6.01 9.72
C ASN A 53 2.07 -7.46 9.58
N ASN A 54 3.01 -8.32 9.17
CA ASN A 54 2.76 -9.76 8.97
C ASN A 54 1.79 -9.99 7.82
N VAL A 55 1.68 -9.00 6.94
CA VAL A 55 0.80 -9.10 5.80
C VAL A 55 1.48 -9.87 4.69
N PRO A 56 0.83 -10.93 4.17
CA PRO A 56 1.39 -11.74 3.10
C PRO A 56 1.55 -10.95 1.80
N VAL A 57 2.79 -10.66 1.45
CA VAL A 57 3.09 -9.93 0.23
C VAL A 57 2.96 -10.86 -0.95
N ASP A 58 2.02 -10.58 -1.83
CA ASP A 58 1.80 -11.41 -3.00
C ASP A 58 2.91 -11.19 -4.03
N PRO A 59 3.36 -12.26 -4.70
CA PRO A 59 4.44 -12.18 -5.68
C PRO A 59 4.05 -11.37 -6.91
N ARG A 60 2.80 -11.50 -7.35
CA ARG A 60 2.33 -10.80 -8.51
C ARG A 60 2.07 -9.34 -8.20
N VAL A 61 1.52 -9.08 -7.01
CA VAL A 61 1.29 -7.72 -6.57
C VAL A 61 2.62 -7.02 -6.36
N GLN A 62 3.59 -7.74 -5.79
CA GLN A 62 4.94 -7.19 -5.58
C GLN A 62 5.58 -6.87 -6.92
N GLU A 63 5.36 -7.76 -7.90
CA GLU A 63 5.84 -7.55 -9.26
C GLU A 63 5.22 -6.27 -9.84
N TYR A 64 3.99 -6.02 -9.46
CA TYR A 64 3.27 -4.83 -9.88
C TYR A 64 3.80 -3.58 -9.13
N VAL A 65 4.15 -3.77 -7.86
CA VAL A 65 4.69 -2.69 -7.04
C VAL A 65 6.04 -2.19 -7.58
N LYS A 66 6.91 -3.13 -7.96
CA LYS A 66 8.23 -2.77 -8.49
C LYS A 66 8.09 -1.99 -9.80
N ARG A 67 7.02 -2.27 -10.54
CA ARG A 67 6.77 -1.58 -11.80
C ARG A 67 6.47 -0.11 -11.57
N LEU A 68 5.79 0.18 -10.46
CA LEU A 68 5.42 1.55 -10.12
C LEU A 68 6.65 2.44 -10.03
N THR A 69 7.65 1.97 -9.29
CA THR A 69 8.87 2.73 -9.11
C THR A 69 9.78 2.63 -10.35
N ASP A 70 9.69 1.52 -11.06
CA ASP A 70 10.52 1.30 -12.24
C ASP A 70 10.14 2.26 -13.37
N GLN A 71 8.84 2.42 -13.60
CA GLN A 71 8.36 3.28 -14.68
C GLN A 71 8.34 4.75 -14.27
N ASP A 72 8.42 5.01 -12.98
CA ASP A 72 8.37 6.38 -12.47
C ASP A 72 9.76 6.94 -12.21
N GLY A 73 10.59 6.16 -11.56
CA GLY A 73 11.91 6.61 -11.20
C GLY A 73 12.06 6.65 -9.69
N SER A 74 10.99 7.00 -9.03
CA SER A 74 10.95 7.02 -7.58
C SER A 74 9.89 6.07 -7.08
N GLY A 75 8.69 6.19 -7.64
CA GLY A 75 7.60 5.33 -7.25
C GLY A 75 7.04 5.72 -5.91
N THR A 76 6.15 6.67 -5.90
CA THR A 76 5.55 7.13 -4.67
C THR A 76 4.11 6.68 -4.56
N ILE A 77 3.74 6.20 -3.40
CA ILE A 77 2.39 5.75 -3.17
C ILE A 77 1.77 6.49 -2.00
N SER A 78 0.59 7.01 -2.22
CA SER A 78 -0.14 7.73 -1.20
C SER A 78 -0.87 6.75 -0.30
N PHE A 79 -1.49 7.26 0.76
CA PHE A 79 -2.25 6.44 1.70
C PHE A 79 -3.36 5.69 0.97
N GLU A 80 -3.92 6.34 -0.04
CA GLU A 80 -4.97 5.73 -0.85
C GLU A 80 -4.45 4.47 -1.53
N GLU A 81 -3.33 4.61 -2.21
CA GLU A 81 -2.73 3.51 -2.95
C GLU A 81 -2.19 2.45 -2.00
N PHE A 82 -1.65 2.89 -0.88
CA PHE A 82 -1.12 1.98 0.14
C PHE A 82 -2.20 0.98 0.57
N LEU A 83 -3.40 1.48 0.85
CA LEU A 83 -4.50 0.62 1.25
C LEU A 83 -4.83 -0.36 0.13
N VAL A 84 -4.94 0.17 -1.08
CA VAL A 84 -5.26 -0.62 -2.26
C VAL A 84 -4.27 -1.78 -2.45
N LEU A 85 -2.99 -1.49 -2.26
CA LEU A 85 -1.94 -2.50 -2.40
C LEU A 85 -2.11 -3.61 -1.37
N MET A 86 -2.42 -3.22 -0.13
CA MET A 86 -2.63 -4.19 0.95
C MET A 86 -3.82 -5.08 0.63
N VAL A 87 -4.83 -4.49 0.01
CA VAL A 87 -6.02 -5.22 -0.40
C VAL A 87 -5.66 -6.31 -1.39
N LYS A 88 -4.97 -5.91 -2.46
CA LYS A 88 -4.59 -6.84 -3.50
C LYS A 88 -3.68 -7.95 -2.98
N SER A 89 -2.81 -7.59 -2.04
CA SER A 89 -1.88 -8.55 -1.45
C SER A 89 -2.62 -9.68 -0.72
N MET A 90 -3.57 -9.30 0.15
CA MET A 90 -4.31 -10.30 0.91
C MET A 90 -5.35 -10.99 0.05
N LYS A 91 -5.85 -10.28 -0.94
CA LYS A 91 -6.88 -10.82 -1.82
C LYS A 91 -6.31 -11.89 -2.74
N GLN A 92 -5.09 -11.66 -3.24
CA GLN A 92 -4.45 -12.62 -4.12
C GLN A 92 -4.03 -13.84 -3.34
N ASP A 93 -3.41 -13.60 -2.19
CA ASP A 93 -2.95 -14.68 -1.36
C ASP A 93 -4.12 -15.52 -0.88
N ALA A 94 -4.23 -16.70 -1.42
CA ALA A 94 -5.28 -17.63 -1.04
C ALA A 94 -4.78 -19.07 -1.17
N ALA A 5 -5.13 6.14 -6.43
CA ALA A 5 -5.02 7.60 -6.20
C ALA A 5 -5.50 8.37 -7.40
N SER A 6 -6.19 7.68 -8.31
CA SER A 6 -6.75 8.31 -9.46
C SER A 6 -8.05 8.96 -9.08
N MET A 7 -8.85 8.21 -8.35
CA MET A 7 -10.12 8.68 -7.85
C MET A 7 -10.25 8.24 -6.40
N SER A 8 -11.43 8.38 -5.85
CA SER A 8 -11.70 7.89 -4.52
C SER A 8 -12.47 6.59 -4.62
N ASP A 9 -12.54 6.08 -5.85
CA ASP A 9 -13.24 4.86 -6.16
C ASP A 9 -12.43 3.66 -5.70
N GLU A 10 -11.13 3.72 -5.93
CA GLU A 10 -10.23 2.67 -5.51
C GLU A 10 -10.31 2.49 -4.00
N GLN A 11 -10.34 3.62 -3.29
CA GLN A 11 -10.47 3.61 -1.84
C GLN A 11 -11.80 3.03 -1.42
N ALA A 12 -12.84 3.32 -2.20
CA ALA A 12 -14.18 2.80 -1.92
C ALA A 12 -14.17 1.28 -1.93
N GLU A 13 -13.44 0.70 -2.88
CA GLU A 13 -13.32 -0.75 -2.96
C GLU A 13 -12.46 -1.29 -1.83
N ALA A 14 -11.40 -0.55 -1.51
CA ALA A 14 -10.49 -0.92 -0.43
C ALA A 14 -11.22 -0.99 0.91
N ARG A 15 -12.09 -0.02 1.16
CA ARG A 15 -12.85 0.05 2.41
C ARG A 15 -13.91 -1.05 2.49
N ALA A 16 -14.23 -1.63 1.34
CA ALA A 16 -15.20 -2.73 1.28
C ALA A 16 -14.56 -4.03 1.77
N PHE A 17 -13.25 -4.01 1.89
CA PHE A 17 -12.50 -5.15 2.38
C PHE A 17 -11.88 -4.84 3.73
N LEU A 18 -11.22 -3.69 3.81
CA LEU A 18 -10.59 -3.28 5.04
C LEU A 18 -11.60 -2.61 5.94
N SER A 19 -11.62 -3.05 7.18
CA SER A 19 -12.48 -2.45 8.16
C SER A 19 -11.81 -1.21 8.72
N GLU A 20 -12.56 -0.35 9.35
CA GLU A 20 -12.01 0.88 9.90
C GLU A 20 -10.89 0.60 10.89
N GLU A 21 -11.02 -0.49 11.62
CA GLU A 21 -9.98 -0.93 12.56
C GLU A 21 -8.69 -1.24 11.82
N MET A 22 -8.82 -1.89 10.66
CA MET A 22 -7.66 -2.29 9.88
C MET A 22 -7.02 -1.08 9.24
N ILE A 23 -7.85 -0.16 8.77
CA ILE A 23 -7.38 1.07 8.15
C ILE A 23 -6.49 1.86 9.11
N ALA A 24 -6.89 1.88 10.38
CA ALA A 24 -6.11 2.58 11.41
C ALA A 24 -4.72 1.97 11.56
N GLU A 25 -4.67 0.64 11.60
CA GLU A 25 -3.40 -0.08 11.72
C GLU A 25 -2.50 0.22 10.54
N PHE A 26 -3.06 0.16 9.34
CA PHE A 26 -2.32 0.43 8.13
C PHE A 26 -1.90 1.90 8.07
N LYS A 27 -2.73 2.77 8.63
CA LYS A 27 -2.42 4.19 8.71
C LYS A 27 -1.19 4.39 9.55
N ALA A 28 -1.17 3.78 10.73
CA ALA A 28 -0.04 3.87 11.63
C ALA A 28 1.23 3.42 10.93
N ALA A 29 1.13 2.30 10.22
CA ALA A 29 2.25 1.76 9.48
C ALA A 29 2.73 2.76 8.43
N PHE A 30 1.79 3.40 7.76
CA PHE A 30 2.11 4.41 6.74
C PHE A 30 2.80 5.61 7.40
N ASP A 31 2.24 6.08 8.52
CA ASP A 31 2.82 7.22 9.25
C ASP A 31 4.28 6.98 9.63
N MET A 32 4.64 5.72 9.92
CA MET A 32 6.00 5.35 10.31
C MET A 32 7.02 5.64 9.20
N PHE A 33 6.56 5.59 7.96
CA PHE A 33 7.45 5.79 6.82
C PHE A 33 7.36 7.20 6.24
N ASP A 34 6.18 7.79 6.27
CA ASP A 34 6.04 9.15 5.74
C ASP A 34 6.30 10.17 6.82
N ALA A 35 7.57 10.32 7.20
CA ALA A 35 7.97 11.30 8.17
C ALA A 35 8.16 12.66 7.50
N ASP A 36 8.14 12.65 6.17
CA ASP A 36 8.34 13.85 5.38
C ASP A 36 7.05 14.62 5.23
N GLY A 37 5.94 13.96 5.51
CA GLY A 37 4.65 14.58 5.37
C GLY A 37 4.31 14.80 3.93
N GLY A 38 4.60 13.81 3.10
CA GLY A 38 4.33 13.92 1.69
C GLY A 38 3.03 13.24 1.32
N GLY A 39 2.58 12.34 2.18
CA GLY A 39 1.35 11.62 1.91
C GLY A 39 1.57 10.47 0.96
N GLU A 40 2.83 10.25 0.61
CA GLU A 40 3.23 9.20 -0.29
C GLU A 40 4.53 8.59 0.18
N ILE A 41 4.62 7.27 0.18
CA ILE A 41 5.83 6.59 0.56
C ILE A 41 6.43 5.88 -0.63
N SER A 42 7.64 5.39 -0.50
CA SER A 42 8.29 4.68 -1.59
C SER A 42 7.67 3.31 -1.79
N ALA A 43 7.68 2.86 -3.04
CA ALA A 43 7.12 1.58 -3.41
C ALA A 43 7.88 0.45 -2.75
N LYS A 44 9.20 0.57 -2.72
CA LYS A 44 10.04 -0.45 -2.09
C LYS A 44 9.78 -0.51 -0.59
N ALA A 45 9.33 0.61 -0.04
CA ALA A 45 9.00 0.68 1.37
C ALA A 45 7.77 -0.14 1.68
N PHE A 46 6.82 -0.16 0.74
CA PHE A 46 5.58 -0.92 0.90
C PHE A 46 5.89 -2.39 1.13
N GLY A 47 6.83 -2.92 0.36
CA GLY A 47 7.23 -4.30 0.52
C GLY A 47 7.69 -4.58 1.93
N THR A 48 8.48 -3.66 2.46
CA THR A 48 8.98 -3.79 3.81
C THR A 48 7.85 -3.69 4.83
N VAL A 49 6.98 -2.71 4.65
CA VAL A 49 5.84 -2.49 5.55
C VAL A 49 4.94 -3.71 5.59
N ALA A 50 4.65 -4.26 4.43
CA ALA A 50 3.79 -5.42 4.32
C ALA A 50 4.38 -6.61 5.05
N ARG A 51 5.62 -6.94 4.75
CA ARG A 51 6.28 -8.11 5.32
C ARG A 51 6.39 -8.01 6.84
N MET A 52 6.67 -6.82 7.36
CA MET A 52 6.80 -6.65 8.81
C MET A 52 5.44 -6.76 9.49
N ASN A 53 4.37 -6.56 8.73
CA ASN A 53 3.02 -6.65 9.25
C ASN A 53 2.39 -7.99 8.91
N ASN A 54 3.25 -8.94 8.49
CA ASN A 54 2.82 -10.31 8.14
C ASN A 54 1.91 -10.32 6.92
N VAL A 55 2.04 -9.31 6.08
CA VAL A 55 1.25 -9.21 4.89
C VAL A 55 2.07 -9.60 3.66
N PRO A 56 1.70 -10.69 2.99
CA PRO A 56 2.39 -11.13 1.80
C PRO A 56 1.94 -10.32 0.58
N VAL A 57 2.91 -9.71 -0.10
CA VAL A 57 2.61 -8.89 -1.27
C VAL A 57 2.09 -9.75 -2.42
N ASP A 58 0.96 -9.36 -2.99
CA ASP A 58 0.36 -10.06 -4.12
C ASP A 58 1.34 -10.13 -5.29
N PRO A 59 1.41 -11.30 -5.98
CA PRO A 59 2.33 -11.51 -7.11
C PRO A 59 2.27 -10.39 -8.16
N ARG A 60 1.07 -9.98 -8.52
CA ARG A 60 0.89 -8.94 -9.53
C ARG A 60 1.28 -7.58 -8.95
N VAL A 61 0.86 -7.34 -7.71
CA VAL A 61 1.21 -6.10 -7.03
C VAL A 61 2.72 -5.99 -6.89
N GLN A 62 3.35 -7.12 -6.56
CA GLN A 62 4.80 -7.20 -6.43
C GLN A 62 5.49 -6.69 -7.70
N GLU A 63 4.99 -7.13 -8.85
CA GLU A 63 5.52 -6.71 -10.13
C GLU A 63 5.33 -5.20 -10.29
N TYR A 64 4.11 -4.76 -10.08
CA TYR A 64 3.73 -3.37 -10.18
C TYR A 64 4.56 -2.47 -9.25
N VAL A 65 4.79 -2.94 -8.02
CA VAL A 65 5.53 -2.17 -7.02
C VAL A 65 6.98 -1.90 -7.44
N LYS A 66 7.69 -2.94 -7.86
CA LYS A 66 9.09 -2.78 -8.25
C LYS A 66 9.22 -1.98 -9.54
N ARG A 67 8.22 -2.06 -10.41
CA ARG A 67 8.25 -1.35 -11.67
C ARG A 67 8.18 0.17 -11.47
N LEU A 68 7.44 0.60 -10.46
CA LEU A 68 7.25 2.03 -10.20
C LEU A 68 8.58 2.76 -10.01
N THR A 69 9.42 2.21 -9.16
CA THR A 69 10.70 2.81 -8.87
C THR A 69 11.71 2.52 -9.98
N ASP A 70 11.40 1.55 -10.84
CA ASP A 70 12.31 1.16 -11.91
C ASP A 70 12.10 2.01 -13.17
N GLN A 71 10.86 2.09 -13.63
CA GLN A 71 10.54 2.81 -14.85
C GLN A 71 10.43 4.32 -14.62
N ASP A 72 9.78 4.70 -13.53
CA ASP A 72 9.57 6.10 -13.20
C ASP A 72 10.69 6.62 -12.33
N GLY A 73 10.91 5.93 -11.24
CA GLY A 73 11.91 6.35 -10.30
C GLY A 73 11.28 6.71 -8.98
N SER A 74 11.88 6.25 -7.89
CA SER A 74 11.39 6.49 -6.53
C SER A 74 10.14 5.66 -6.24
N GLY A 75 9.12 5.82 -7.09
CA GLY A 75 7.88 5.10 -6.92
C GLY A 75 7.16 5.51 -5.67
N THR A 76 6.30 6.48 -5.77
CA THR A 76 5.58 6.96 -4.60
C THR A 76 4.14 6.50 -4.61
N ILE A 77 3.68 6.03 -3.47
CA ILE A 77 2.30 5.61 -3.32
C ILE A 77 1.65 6.34 -2.16
N SER A 78 0.48 6.88 -2.40
CA SER A 78 -0.25 7.62 -1.41
C SER A 78 -0.88 6.66 -0.39
N PHE A 79 -1.38 7.22 0.72
CA PHE A 79 -2.03 6.43 1.75
C PHE A 79 -3.23 5.69 1.16
N GLU A 80 -3.88 6.34 0.21
CA GLU A 80 -5.01 5.76 -0.49
C GLU A 80 -4.58 4.45 -1.17
N GLU A 81 -3.51 4.54 -1.96
CA GLU A 81 -2.97 3.40 -2.68
C GLU A 81 -2.46 2.34 -1.74
N PHE A 82 -1.80 2.78 -0.66
CA PHE A 82 -1.26 1.88 0.36
C PHE A 82 -2.33 0.92 0.84
N LEU A 83 -3.53 1.44 1.09
CA LEU A 83 -4.64 0.62 1.54
C LEU A 83 -5.07 -0.35 0.45
N VAL A 84 -5.25 0.17 -0.76
CA VAL A 84 -5.67 -0.64 -1.91
C VAL A 84 -4.70 -1.81 -2.16
N LEU A 85 -3.41 -1.52 -2.04
CA LEU A 85 -2.38 -2.54 -2.25
C LEU A 85 -2.46 -3.63 -1.18
N MET A 86 -2.71 -3.21 0.06
CA MET A 86 -2.85 -4.16 1.17
C MET A 86 -4.07 -5.04 0.95
N VAL A 87 -5.10 -4.46 0.36
CA VAL A 87 -6.32 -5.18 0.03
C VAL A 87 -6.02 -6.37 -0.85
N LYS A 88 -5.32 -6.11 -1.94
CA LYS A 88 -4.97 -7.13 -2.90
C LYS A 88 -4.04 -8.17 -2.30
N SER A 89 -3.04 -7.71 -1.57
CA SER A 89 -2.03 -8.58 -0.98
C SER A 89 -2.63 -9.62 -0.01
N MET A 90 -3.46 -9.17 0.93
CA MET A 90 -4.04 -10.09 1.91
C MET A 90 -5.13 -10.96 1.31
N LYS A 91 -5.87 -10.39 0.39
CA LYS A 91 -7.02 -11.06 -0.20
C LYS A 91 -6.59 -12.14 -1.21
N GLN A 92 -5.40 -12.00 -1.75
CA GLN A 92 -4.90 -12.98 -2.71
C GLN A 92 -4.34 -14.19 -2.00
N ASP A 93 -3.52 -13.95 -1.00
CA ASP A 93 -2.86 -15.03 -0.27
C ASP A 93 -3.88 -15.94 0.41
N ALA A 94 -3.75 -17.22 0.15
CA ALA A 94 -4.65 -18.21 0.71
C ALA A 94 -3.85 -19.40 1.24
N ALA A 5 -7.13 13.42 -6.33
CA ALA A 5 -7.03 13.47 -7.80
C ALA A 5 -7.52 12.16 -8.41
N SER A 6 -7.99 11.28 -7.57
CA SER A 6 -8.49 10.00 -8.00
C SER A 6 -9.98 9.91 -7.80
N MET A 7 -10.56 8.82 -8.25
CA MET A 7 -11.98 8.59 -8.06
C MET A 7 -12.22 7.92 -6.73
N SER A 8 -11.13 7.34 -6.19
CA SER A 8 -11.16 6.65 -4.90
C SER A 8 -12.04 5.41 -4.95
N ASP A 9 -12.29 4.90 -6.16
CA ASP A 9 -13.12 3.71 -6.35
C ASP A 9 -12.48 2.50 -5.70
N GLU A 10 -11.17 2.41 -5.83
CA GLU A 10 -10.42 1.32 -5.24
C GLU A 10 -10.41 1.46 -3.72
N GLN A 11 -10.31 2.71 -3.24
CA GLN A 11 -10.36 2.97 -1.80
C GLN A 11 -11.73 2.58 -1.25
N ALA A 12 -12.77 2.79 -2.06
CA ALA A 12 -14.12 2.41 -1.68
C ALA A 12 -14.19 0.91 -1.45
N GLU A 13 -13.44 0.16 -2.27
CA GLU A 13 -13.35 -1.28 -2.11
C GLU A 13 -12.54 -1.61 -0.87
N ALA A 14 -11.43 -0.91 -0.74
CA ALA A 14 -10.52 -1.11 0.38
C ALA A 14 -11.22 -0.87 1.70
N ARG A 15 -11.99 0.19 1.78
CA ARG A 15 -12.73 0.53 3.00
C ARG A 15 -13.90 -0.41 3.23
N ALA A 16 -14.31 -1.11 2.19
CA ALA A 16 -15.39 -2.08 2.31
C ALA A 16 -14.83 -3.43 2.76
N PHE A 17 -13.61 -3.71 2.33
CA PHE A 17 -12.94 -4.95 2.68
C PHE A 17 -12.22 -4.81 4.02
N LEU A 18 -11.54 -3.70 4.21
CA LEU A 18 -10.83 -3.45 5.44
C LEU A 18 -11.68 -2.64 6.39
N SER A 19 -11.67 -3.01 7.64
CA SER A 19 -12.38 -2.28 8.64
C SER A 19 -11.57 -1.05 9.01
N GLU A 20 -12.23 0.00 9.49
CA GLU A 20 -11.51 1.23 9.85
C GLU A 20 -10.44 0.95 10.90
N GLU A 21 -10.67 -0.08 11.71
CA GLU A 21 -9.70 -0.49 12.70
C GLU A 21 -8.43 -0.96 12.01
N MET A 22 -8.58 -1.78 10.95
CA MET A 22 -7.43 -2.28 10.19
C MET A 22 -6.76 -1.14 9.47
N ILE A 23 -7.59 -0.28 8.88
CA ILE A 23 -7.12 0.90 8.17
C ILE A 23 -6.26 1.78 9.09
N ALA A 24 -6.69 1.93 10.34
CA ALA A 24 -5.96 2.72 11.31
C ALA A 24 -4.58 2.13 11.60
N GLU A 25 -4.51 0.80 11.67
CA GLU A 25 -3.27 0.12 11.91
C GLU A 25 -2.31 0.31 10.75
N PHE A 26 -2.85 0.15 9.53
CA PHE A 26 -2.06 0.33 8.33
C PHE A 26 -1.63 1.78 8.18
N LYS A 27 -2.49 2.70 8.62
CA LYS A 27 -2.18 4.11 8.60
C LYS A 27 -0.96 4.38 9.47
N ALA A 28 -0.96 3.79 10.67
CA ALA A 28 0.15 3.92 11.58
C ALA A 28 1.43 3.39 10.93
N ALA A 29 1.28 2.31 10.18
CA ALA A 29 2.39 1.71 9.45
C ALA A 29 2.87 2.65 8.36
N PHE A 30 1.92 3.26 7.64
CA PHE A 30 2.22 4.23 6.61
C PHE A 30 3.00 5.41 7.23
N ASP A 31 2.51 5.89 8.38
CA ASP A 31 3.16 6.99 9.11
C ASP A 31 4.60 6.65 9.48
N MET A 32 4.90 5.36 9.64
CA MET A 32 6.25 4.91 9.99
C MET A 32 7.25 5.25 8.90
N PHE A 33 6.77 5.39 7.67
CA PHE A 33 7.64 5.71 6.56
C PHE A 33 7.46 7.14 6.07
N ASP A 34 6.22 7.62 6.06
CA ASP A 34 5.98 9.01 5.65
C ASP A 34 6.09 9.94 6.84
N ALA A 35 7.26 9.93 7.44
CA ALA A 35 7.55 10.78 8.58
C ALA A 35 7.94 12.17 8.11
N ASP A 36 8.07 12.32 6.81
CA ASP A 36 8.42 13.60 6.21
C ASP A 36 7.18 14.46 6.02
N GLY A 37 6.03 13.82 5.87
CA GLY A 37 4.79 14.55 5.72
C GLY A 37 4.48 14.86 4.27
N GLY A 38 4.13 13.83 3.53
CA GLY A 38 3.77 14.02 2.14
C GLY A 38 2.53 13.28 1.75
N GLY A 39 2.25 12.19 2.43
CA GLY A 39 1.11 11.38 2.11
C GLY A 39 1.47 10.29 1.13
N GLU A 40 2.77 10.06 0.99
CA GLU A 40 3.28 9.04 0.09
C GLU A 40 4.46 8.33 0.71
N ILE A 41 4.70 7.11 0.28
CA ILE A 41 5.85 6.35 0.73
C ILE A 41 6.58 5.77 -0.47
N SER A 42 7.81 5.35 -0.24
CA SER A 42 8.61 4.75 -1.30
C SER A 42 8.01 3.43 -1.73
N ALA A 43 7.99 3.17 -3.04
CA ALA A 43 7.41 1.94 -3.57
C ALA A 43 8.09 0.70 -2.98
N LYS A 44 9.41 0.70 -2.98
CA LYS A 44 10.19 -0.44 -2.46
C LYS A 44 9.92 -0.68 -0.97
N ALA A 45 9.43 0.33 -0.28
CA ALA A 45 9.19 0.23 1.15
C ALA A 45 7.89 -0.50 1.45
N PHE A 46 7.02 -0.62 0.43
CA PHE A 46 5.73 -1.28 0.60
C PHE A 46 5.91 -2.72 1.08
N GLY A 47 6.87 -3.42 0.49
CA GLY A 47 7.14 -4.79 0.87
C GLY A 47 7.47 -4.91 2.34
N THR A 48 8.33 -4.02 2.82
CA THR A 48 8.74 -4.02 4.21
C THR A 48 7.54 -3.79 5.14
N VAL A 49 6.67 -2.86 4.75
CA VAL A 49 5.48 -2.54 5.54
C VAL A 49 4.56 -3.76 5.65
N ALA A 50 4.24 -4.35 4.51
CA ALA A 50 3.35 -5.50 4.49
C ALA A 50 3.90 -6.65 5.33
N ARG A 51 5.20 -6.92 5.17
CA ARG A 51 5.85 -8.00 5.89
C ARG A 51 5.80 -7.79 7.42
N MET A 52 6.04 -6.57 7.86
CA MET A 52 6.03 -6.27 9.30
C MET A 52 4.62 -6.26 9.87
N ASN A 53 3.63 -6.14 8.99
CA ASN A 53 2.23 -6.12 9.41
C ASN A 53 1.59 -7.49 9.25
N ASN A 54 2.41 -8.51 9.00
CA ASN A 54 1.93 -9.89 8.84
C ASN A 54 1.04 -10.03 7.61
N VAL A 55 1.32 -9.24 6.60
CA VAL A 55 0.56 -9.26 5.37
C VAL A 55 1.34 -9.97 4.27
N PRO A 56 0.76 -11.03 3.69
CA PRO A 56 1.39 -11.77 2.59
C PRO A 56 1.53 -10.90 1.34
N VAL A 57 2.74 -10.81 0.82
CA VAL A 57 3.00 -10.03 -0.37
C VAL A 57 2.87 -10.89 -1.62
N ASP A 58 1.92 -10.56 -2.47
CA ASP A 58 1.71 -11.29 -3.71
C ASP A 58 2.84 -11.02 -4.70
N PRO A 59 3.38 -12.08 -5.34
CA PRO A 59 4.48 -11.97 -6.31
C PRO A 59 4.17 -11.02 -7.46
N ARG A 60 2.92 -11.01 -7.92
CA ARG A 60 2.53 -10.15 -9.02
C ARG A 60 2.48 -8.70 -8.58
N VAL A 61 1.84 -8.46 -7.43
CA VAL A 61 1.74 -7.11 -6.90
C VAL A 61 3.13 -6.56 -6.56
N GLN A 62 3.99 -7.41 -5.98
CA GLN A 62 5.35 -7.01 -5.66
C GLN A 62 6.10 -6.61 -6.92
N GLU A 63 5.93 -7.39 -7.98
CA GLU A 63 6.54 -7.09 -9.27
C GLU A 63 6.02 -5.74 -9.77
N TYR A 64 4.72 -5.56 -9.64
CA TYR A 64 4.07 -4.33 -10.02
C TYR A 64 4.62 -3.14 -9.22
N VAL A 65 4.72 -3.33 -7.90
CA VAL A 65 5.22 -2.28 -7.01
C VAL A 65 6.64 -1.85 -7.39
N LYS A 66 7.53 -2.83 -7.59
CA LYS A 66 8.90 -2.50 -7.95
C LYS A 66 8.96 -1.88 -9.34
N ARG A 67 8.15 -2.39 -10.26
CA ARG A 67 8.13 -1.90 -11.63
C ARG A 67 7.71 -0.45 -11.74
N LEU A 68 6.88 0.00 -10.80
CA LEU A 68 6.42 1.40 -10.79
C LEU A 68 7.61 2.34 -10.70
N THR A 69 8.43 2.14 -9.68
CA THR A 69 9.60 2.96 -9.46
C THR A 69 10.76 2.54 -10.37
N ASP A 70 10.65 1.33 -10.94
CA ASP A 70 11.71 0.77 -11.79
C ASP A 70 11.72 1.44 -13.17
N GLN A 71 10.54 1.61 -13.75
CA GLN A 71 10.42 2.21 -15.08
C GLN A 71 10.44 3.74 -15.00
N ASP A 72 10.58 4.26 -13.80
CA ASP A 72 10.61 5.70 -13.61
C ASP A 72 11.89 6.13 -12.92
N GLY A 73 12.01 5.80 -11.66
CA GLY A 73 13.17 6.19 -10.90
C GLY A 73 12.81 6.49 -9.48
N SER A 74 11.75 7.23 -9.29
CA SER A 74 11.29 7.59 -7.96
C SER A 74 9.77 7.45 -7.87
N GLY A 75 9.33 6.21 -7.67
CA GLY A 75 7.90 5.95 -7.57
C GLY A 75 7.40 6.07 -6.16
N THR A 76 6.32 6.80 -5.99
CA THR A 76 5.74 6.99 -4.68
C THR A 76 4.28 6.60 -4.68
N ILE A 77 3.85 5.93 -3.62
CA ILE A 77 2.47 5.53 -3.48
C ILE A 77 1.81 6.31 -2.38
N SER A 78 0.66 6.85 -2.68
CA SER A 78 -0.10 7.67 -1.76
C SER A 78 -0.76 6.80 -0.69
N PHE A 79 -1.26 7.43 0.37
CA PHE A 79 -1.93 6.71 1.47
C PHE A 79 -3.12 5.91 0.94
N GLU A 80 -3.89 6.51 0.06
CA GLU A 80 -5.03 5.84 -0.56
C GLU A 80 -4.55 4.59 -1.27
N GLU A 81 -3.53 4.75 -2.09
CA GLU A 81 -2.97 3.64 -2.85
C GLU A 81 -2.36 2.59 -1.93
N PHE A 82 -1.73 3.04 -0.86
CA PHE A 82 -1.14 2.13 0.14
C PHE A 82 -2.15 1.12 0.64
N LEU A 83 -3.29 1.61 1.13
CA LEU A 83 -4.35 0.74 1.62
C LEU A 83 -4.84 -0.17 0.52
N VAL A 84 -5.14 0.43 -0.63
CA VAL A 84 -5.61 -0.30 -1.80
C VAL A 84 -4.67 -1.46 -2.18
N LEU A 85 -3.37 -1.19 -2.20
CA LEU A 85 -2.38 -2.20 -2.57
C LEU A 85 -2.38 -3.37 -1.58
N MET A 86 -2.49 -3.06 -0.29
CA MET A 86 -2.50 -4.10 0.73
C MET A 86 -3.74 -4.98 0.58
N VAL A 87 -4.84 -4.34 0.19
CA VAL A 87 -6.09 -5.05 -0.07
C VAL A 87 -5.90 -6.06 -1.18
N LYS A 88 -5.36 -5.59 -2.30
CA LYS A 88 -5.12 -6.44 -3.45
C LYS A 88 -4.19 -7.58 -3.10
N SER A 89 -3.13 -7.28 -2.37
CA SER A 89 -2.12 -8.29 -2.02
C SER A 89 -2.74 -9.49 -1.26
N MET A 90 -3.56 -9.19 -0.25
CA MET A 90 -4.17 -10.27 0.55
C MET A 90 -5.28 -10.98 -0.21
N LYS A 91 -6.03 -10.22 -0.98
CA LYS A 91 -7.17 -10.76 -1.70
C LYS A 91 -6.75 -11.51 -2.97
N GLN A 92 -5.57 -11.20 -3.45
CA GLN A 92 -5.03 -11.84 -4.63
C GLN A 92 -4.21 -13.09 -4.25
N ASP A 93 -3.42 -12.99 -3.19
CA ASP A 93 -2.65 -14.14 -2.76
C ASP A 93 -3.54 -15.09 -1.98
N ALA A 94 -3.76 -16.26 -2.53
CA ALA A 94 -4.62 -17.25 -1.90
C ALA A 94 -3.84 -18.03 -0.86
#